data_7SLT
# 
_entry.id   7SLT 
# 
_audit_conform.dict_name       mmcif_pdbx.dic 
_audit_conform.dict_version    5.397 
_audit_conform.dict_location   http://mmcif.pdb.org/dictionaries/ascii/mmcif_pdbx.dic 
# 
loop_
_database_2.database_id 
_database_2.database_code 
_database_2.pdbx_database_accession 
_database_2.pdbx_DOI 
PDB   7SLT         pdb_00007slt 10.2210/pdb7slt/pdb 
WWPDB D_1000260689 ?            ?                   
# 
loop_
_pdbx_audit_revision_history.ordinal 
_pdbx_audit_revision_history.data_content_type 
_pdbx_audit_revision_history.major_revision 
_pdbx_audit_revision_history.minor_revision 
_pdbx_audit_revision_history.revision_date 
1 'Structure model' 1 0 2022-08-03 
2 'Structure model' 1 1 2023-10-18 
3 'Structure model' 1 2 2024-10-23 
# 
_pdbx_audit_revision_details.ordinal             1 
_pdbx_audit_revision_details.revision_ordinal    1 
_pdbx_audit_revision_details.data_content_type   'Structure model' 
_pdbx_audit_revision_details.provider            repository 
_pdbx_audit_revision_details.type                'Initial release' 
_pdbx_audit_revision_details.description         ? 
_pdbx_audit_revision_details.details             ? 
# 
loop_
_pdbx_audit_revision_group.ordinal 
_pdbx_audit_revision_group.revision_ordinal 
_pdbx_audit_revision_group.data_content_type 
_pdbx_audit_revision_group.group 
1 2 'Structure model' 'Data collection'        
2 2 'Structure model' 'Refinement description' 
3 3 'Structure model' 'Structure summary'      
# 
loop_
_pdbx_audit_revision_category.ordinal 
_pdbx_audit_revision_category.revision_ordinal 
_pdbx_audit_revision_category.data_content_type 
_pdbx_audit_revision_category.category 
1 2 'Structure model' chem_comp_atom                
2 2 'Structure model' chem_comp_bond                
3 2 'Structure model' pdbx_initial_refinement_model 
4 3 'Structure model' pdbx_entry_details            
5 3 'Structure model' pdbx_modification_feature     
# 
_pdbx_audit_revision_item.ordinal             1 
_pdbx_audit_revision_item.revision_ordinal    3 
_pdbx_audit_revision_item.data_content_type   'Structure model' 
_pdbx_audit_revision_item.item                '_pdbx_entry_details.has_protein_modification' 
# 
_pdbx_database_status.status_code                     REL 
_pdbx_database_status.status_code_sf                  REL 
_pdbx_database_status.status_code_mr                  ? 
_pdbx_database_status.entry_id                        7SLT 
_pdbx_database_status.recvd_initial_deposition_date   2021-10-24 
_pdbx_database_status.SG_entry                        N 
_pdbx_database_status.deposit_site                    RCSB 
_pdbx_database_status.process_site                    RCSB 
_pdbx_database_status.status_code_cs                  ? 
_pdbx_database_status.status_code_nmr_data            ? 
_pdbx_database_status.methods_development_category    ? 
_pdbx_database_status.pdb_format_compatible           Y 
# 
_pdbx_contact_author.id                 2 
_pdbx_contact_author.email              rstrong@fredhutch.org 
_pdbx_contact_author.name_first         Roland 
_pdbx_contact_author.name_last          Strong 
_pdbx_contact_author.name_mi            K. 
_pdbx_contact_author.role               'principal investigator/group leader' 
_pdbx_contact_author.identifier_ORCID   0000-0002-1338-2189 
# 
loop_
_audit_author.name 
_audit_author.pdbx_ordinal 
_audit_author.identifier_ORCID 
'Gewe, M.M.'   1 0000-0001-9587-7283 
'Strong, R.K.' 2 0000-0002-1338-2189 
# 
_citation.abstract                  ? 
_citation.abstract_id_CAS           ? 
_citation.book_id_ISBN              ? 
_citation.book_publisher            ? 
_citation.book_publisher_city       ? 
_citation.book_title                ? 
_citation.coordinate_linkage        ? 
_citation.country                   US 
_citation.database_id_Medline       ? 
_citation.details                   ? 
_citation.id                        primary 
_citation.journal_abbrev            'Sci Transl Med' 
_citation.journal_id_ASTM           ? 
_citation.journal_id_CSD            ? 
_citation.journal_id_ISSN           1946-6242 
_citation.journal_full              ? 
_citation.journal_issue             ? 
_citation.journal_volume            14 
_citation.language                  ? 
_citation.page_first                eabn0402 
_citation.page_last                 eabn0402 
_citation.title                     'Ex silico engineering of cystine-dense peptides yielding a potent bispecific T cell engager.' 
_citation.year                      2022 
_citation.database_id_CSD           ? 
_citation.pdbx_database_id_DOI      10.1126/scitranslmed.abn0402 
_citation.pdbx_database_id_PubMed   35584229 
_citation.pdbx_database_id_patent   ? 
_citation.unpublished_flag          ? 
# 
loop_
_citation_author.citation_id 
_citation_author.name 
_citation_author.ordinal 
_citation_author.identifier_ORCID 
primary 'Crook, Z.R.'       1  0000-0002-1142-9748 
primary 'Girard, E.J.'      2  0000-0003-1857-0194 
primary 'Sevilla, G.P.'     3  0000-0002-6590-9413 
primary 'Brusniak, M.Y.'    4  0000-0003-3950-1614 
primary 'Rupert, P.B.'      5  0000-0003-1011-0302 
primary 'Friend, D.J.'      6  ?                   
primary 'Gewe, M.M.'        7  0000-0001-9587-7283 
primary 'Clarke, M.'        8  0000-0002-2402-108X 
primary 'Lin, I.'           9  ?                   
primary 'Ruff, R.'          10 0000-0002-7189-1221 
primary 'Pakiam, F.'        11 0000-0001-6292-1137 
primary 'Phi, T.D.'         12 ?                   
primary 'Bandaranayake, A.' 13 ?                   
primary 'Correnti, C.E.'    14 0000-0003-3710-9619 
primary 'Mhyre, A.J.'       15 0000-0002-9206-3150 
primary 'Nairn, N.W.'       16 0000-0003-1293-345X 
primary 'Strong, R.K.'      17 0000-0002-1338-2189 
primary 'Olson, J.M.'       18 0000-0001-5990-6534 
# 
loop_
_entity.id 
_entity.type 
_entity.src_method 
_entity.pdbx_description 
_entity.formula_weight 
_entity.pdbx_number_of_molecules 
_entity.pdbx_ec 
_entity.pdbx_mutation 
_entity.pdbx_fragment 
_entity.details 
1 polymer     man 'Protease inhibitor LCMI-II' 3670.089 4  ? ? ? 'LCM_LOCMI - Protease inhibitors variant' 
2 non-polymer syn GLYCEROL                     92.094   3  ? ? ? ?                                         
3 water       nat water                        18.015   52 ? ? ? ?                                         
# 
_entity_name_com.entity_id   1 
_entity_name_com.name        'PARS intercerebralis major peptide C,PMP-C' 
# 
_entity_poly.entity_id                      1 
_entity_poly.type                           'polypeptide(L)' 
_entity_poly.nstd_linkage                   no 
_entity_poly.nstd_monomer                   no 
_entity_poly.pdbx_seq_one_letter_code       GSSCEPGRTFDRCNTCRCGADGRSAACTLRACPNQ 
_entity_poly.pdbx_seq_one_letter_code_can   GSSCEPGRTFDRCNTCRCGADGRSAACTLRACPNQ 
_entity_poly.pdbx_strand_id                 A,B,C,D 
_entity_poly.pdbx_target_identifier         ? 
# 
loop_
_pdbx_entity_nonpoly.entity_id 
_pdbx_entity_nonpoly.name 
_pdbx_entity_nonpoly.comp_id 
2 GLYCEROL GOL 
3 water    HOH 
# 
loop_
_entity_poly_seq.entity_id 
_entity_poly_seq.num 
_entity_poly_seq.mon_id 
_entity_poly_seq.hetero 
1 1  GLY n 
1 2  SER n 
1 3  SER n 
1 4  CYS n 
1 5  GLU n 
1 6  PRO n 
1 7  GLY n 
1 8  ARG n 
1 9  THR n 
1 10 PHE n 
1 11 ASP n 
1 12 ARG n 
1 13 CYS n 
1 14 ASN n 
1 15 THR n 
1 16 CYS n 
1 17 ARG n 
1 18 CYS n 
1 19 GLY n 
1 20 ALA n 
1 21 ASP n 
1 22 GLY n 
1 23 ARG n 
1 24 SER n 
1 25 ALA n 
1 26 ALA n 
1 27 CYS n 
1 28 THR n 
1 29 LEU n 
1 30 ARG n 
1 31 ALA n 
1 32 CYS n 
1 33 PRO n 
1 34 ASN n 
1 35 GLN n 
# 
_entity_src_gen.entity_id                          1 
_entity_src_gen.pdbx_src_id                        1 
_entity_src_gen.pdbx_alt_source_flag               sample 
_entity_src_gen.pdbx_seq_type                      'Biological sequence' 
_entity_src_gen.pdbx_beg_seq_num                   1 
_entity_src_gen.pdbx_end_seq_num                   35 
_entity_src_gen.gene_src_common_name               'Migratory locust' 
_entity_src_gen.gene_src_genus                     ? 
_entity_src_gen.pdbx_gene_src_gene                 ? 
_entity_src_gen.gene_src_species                   ? 
_entity_src_gen.gene_src_strain                    ? 
_entity_src_gen.gene_src_tissue                    ? 
_entity_src_gen.gene_src_tissue_fraction           ? 
_entity_src_gen.gene_src_details                   ? 
_entity_src_gen.pdbx_gene_src_fragment             ? 
_entity_src_gen.pdbx_gene_src_scientific_name      'Locusta migratoria' 
_entity_src_gen.pdbx_gene_src_ncbi_taxonomy_id     7004 
_entity_src_gen.pdbx_gene_src_variant              ? 
_entity_src_gen.pdbx_gene_src_cell_line            ? 
_entity_src_gen.pdbx_gene_src_atcc                 ? 
_entity_src_gen.pdbx_gene_src_organ                ? 
_entity_src_gen.pdbx_gene_src_organelle            ? 
_entity_src_gen.pdbx_gene_src_cell                 ? 
_entity_src_gen.pdbx_gene_src_cellular_location    ? 
_entity_src_gen.host_org_common_name               ? 
_entity_src_gen.pdbx_host_org_scientific_name      'Homo sapiens' 
_entity_src_gen.pdbx_host_org_ncbi_taxonomy_id     9606 
_entity_src_gen.host_org_genus                     ? 
_entity_src_gen.pdbx_host_org_gene                 ? 
_entity_src_gen.pdbx_host_org_organ                ? 
_entity_src_gen.host_org_species                   ? 
_entity_src_gen.pdbx_host_org_tissue               ? 
_entity_src_gen.pdbx_host_org_tissue_fraction      ? 
_entity_src_gen.pdbx_host_org_strain               ? 
_entity_src_gen.pdbx_host_org_variant              ? 
_entity_src_gen.pdbx_host_org_cell_line            'HEK 293F' 
_entity_src_gen.pdbx_host_org_atcc                 ? 
_entity_src_gen.pdbx_host_org_culture_collection   ? 
_entity_src_gen.pdbx_host_org_cell                 ? 
_entity_src_gen.pdbx_host_org_organelle            ? 
_entity_src_gen.pdbx_host_org_cellular_location    ? 
_entity_src_gen.pdbx_host_org_vector_type          ? 
_entity_src_gen.pdbx_host_org_vector               ? 
_entity_src_gen.host_org_details                   ? 
_entity_src_gen.expression_system_id               ? 
_entity_src_gen.plasmid_name                       ? 
_entity_src_gen.plasmid_details                    ? 
_entity_src_gen.pdbx_description                   ? 
# 
loop_
_chem_comp.id 
_chem_comp.type 
_chem_comp.mon_nstd_flag 
_chem_comp.name 
_chem_comp.pdbx_synonyms 
_chem_comp.formula 
_chem_comp.formula_weight 
ALA 'L-peptide linking' y ALANINE         ?                               'C3 H7 N O2'     89.093  
ARG 'L-peptide linking' y ARGININE        ?                               'C6 H15 N4 O2 1' 175.209 
ASN 'L-peptide linking' y ASPARAGINE      ?                               'C4 H8 N2 O3'    132.118 
ASP 'L-peptide linking' y 'ASPARTIC ACID' ?                               'C4 H7 N O4'     133.103 
CYS 'L-peptide linking' y CYSTEINE        ?                               'C3 H7 N O2 S'   121.158 
GLN 'L-peptide linking' y GLUTAMINE       ?                               'C5 H10 N2 O3'   146.144 
GLU 'L-peptide linking' y 'GLUTAMIC ACID' ?                               'C5 H9 N O4'     147.129 
GLY 'peptide linking'   y GLYCINE         ?                               'C2 H5 N O2'     75.067  
GOL non-polymer         . GLYCEROL        'GLYCERIN; PROPANE-1,2,3-TRIOL' 'C3 H8 O3'       92.094  
HOH non-polymer         . WATER           ?                               'H2 O'           18.015  
LEU 'L-peptide linking' y LEUCINE         ?                               'C6 H13 N O2'    131.173 
LYS 'L-peptide linking' y LYSINE          ?                               'C6 H15 N2 O2 1' 147.195 
PHE 'L-peptide linking' y PHENYLALANINE   ?                               'C9 H11 N O2'    165.189 
PRO 'L-peptide linking' y PROLINE         ?                               'C5 H9 N O2'     115.130 
SER 'L-peptide linking' y SERINE          ?                               'C3 H7 N O3'     105.093 
THR 'L-peptide linking' y THREONINE       ?                               'C4 H9 N O3'     119.119 
# 
loop_
_pdbx_poly_seq_scheme.asym_id 
_pdbx_poly_seq_scheme.entity_id 
_pdbx_poly_seq_scheme.seq_id 
_pdbx_poly_seq_scheme.mon_id 
_pdbx_poly_seq_scheme.ndb_seq_num 
_pdbx_poly_seq_scheme.pdb_seq_num 
_pdbx_poly_seq_scheme.auth_seq_num 
_pdbx_poly_seq_scheme.pdb_mon_id 
_pdbx_poly_seq_scheme.auth_mon_id 
_pdbx_poly_seq_scheme.pdb_strand_id 
_pdbx_poly_seq_scheme.pdb_ins_code 
_pdbx_poly_seq_scheme.hetero 
A 1 1  GLY 1  -1 -1 GLY GLY A . n 
A 1 2  SER 2  0  0  SER SER A . n 
A 1 3  SER 3  1  1  SER SER A . n 
A 1 4  CYS 4  2  2  CYS CYS A . n 
A 1 5  GLU 5  3  3  GLU GLU A . n 
A 1 6  PRO 6  4  4  PRO PRO A . n 
A 1 7  GLY 7  5  5  GLY GLY A . n 
A 1 8  ARG 8  6  6  ARG ARG A . n 
A 1 9  THR 9  7  7  THR THR A . n 
A 1 10 PHE 10 8  8  PHE PHE A . n 
A 1 11 ASP 11 9  9  ASP ASP A . n 
A 1 12 ARG 12 10 10 ARG ARG A . n 
A 1 13 CYS 13 11 11 CYS CYS A . n 
A 1 14 ASN 14 12 12 ASN ASN A . n 
A 1 15 THR 15 13 13 THR THR A . n 
A 1 16 CYS 16 14 14 CYS CYS A . n 
A 1 17 ARG 17 15 15 ARG ARG A . n 
A 1 18 CYS 18 16 16 CYS CYS A . n 
A 1 19 GLY 19 17 17 GLY GLY A . n 
A 1 20 ALA 20 18 18 ALA ALA A . n 
A 1 21 ASP 21 19 19 ASP ASP A . n 
A 1 22 GLY 22 20 20 GLY GLY A . n 
A 1 23 ARG 23 21 21 ARG ARG A . n 
A 1 24 SER 24 22 22 SER SER A . n 
A 1 25 ALA 25 23 23 ALA ALA A . n 
A 1 26 ALA 26 24 24 ALA ALA A . n 
A 1 27 CYS 27 25 25 CYS CYS A . n 
A 1 28 THR 28 26 26 THR THR A . n 
A 1 29 LEU 29 27 27 LEU LEU A . n 
A 1 30 ARG 30 28 28 ARG ARG A . n 
A 1 31 ALA 31 29 29 ALA ALA A . n 
A 1 32 CYS 32 30 30 CYS CYS A . n 
A 1 33 PRO 33 31 31 PRO PRO A . n 
A 1 34 ASN 34 32 ?  ?   ?   A . n 
A 1 35 GLN 35 33 ?  ?   ?   A . n 
B 1 1  GLY 1  -1 ?  ?   ?   B . n 
B 1 2  SER 2  0  ?  ?   ?   B . n 
B 1 3  SER 3  1  ?  ?   ?   B . n 
B 1 4  CYS 4  2  2  CYS CYS B . n 
B 1 5  GLU 5  3  3  GLU GLU B . n 
B 1 6  PRO 6  4  4  PRO PRO B . n 
B 1 7  GLY 7  5  5  GLY GLY B . n 
B 1 8  ARG 8  6  6  ARG ARG B . n 
B 1 9  THR 9  7  7  THR THR B . n 
B 1 10 PHE 10 8  8  PHE PHE B . n 
B 1 11 ASP 11 9  9  ASP ASP B . n 
B 1 12 ARG 12 10 10 ARG ARG B . n 
B 1 13 CYS 13 11 11 CYS CYS B . n 
B 1 14 ASN 14 12 12 ASN ASN B . n 
B 1 15 THR 15 13 13 THR THR B . n 
B 1 16 CYS 16 14 14 CYS CYS B . n 
B 1 17 ARG 17 15 15 ARG ARG B . n 
B 1 18 CYS 18 16 16 CYS CYS B . n 
B 1 19 GLY 19 17 17 GLY GLY B . n 
B 1 20 ALA 20 18 18 ALA ALA B . n 
B 1 21 ASP 21 19 19 ASP ASP B . n 
B 1 22 GLY 22 20 20 GLY GLY B . n 
B 1 23 ARG 23 21 21 ARG ARG B . n 
B 1 24 SER 24 22 22 SER SER B . n 
B 1 25 ALA 25 23 23 ALA ALA B . n 
B 1 26 ALA 26 24 24 ALA ALA B . n 
B 1 27 CYS 27 25 25 CYS CYS B . n 
B 1 28 THR 28 26 26 THR THR B . n 
B 1 29 LEU 29 27 27 LEU LEU B . n 
B 1 30 ARG 30 28 28 ARG ARG B . n 
B 1 31 ALA 31 29 29 ALA ALA B . n 
B 1 32 CYS 32 30 30 CYS CYS B . n 
B 1 33 PRO 33 31 31 PRO PRO B . n 
B 1 34 ASN 34 32 32 ASN ASN B . n 
B 1 35 GLN 35 33 33 GLN GLN B . n 
C 1 1  GLY 1  -1 -1 GLY GLY C . n 
C 1 2  SER 2  0  0  SER SER C . n 
C 1 3  SER 3  1  1  SER SER C . n 
C 1 4  CYS 4  2  2  CYS CYS C . n 
C 1 5  GLU 5  3  3  GLU GLU C . n 
C 1 6  PRO 6  4  4  PRO PRO C . n 
C 1 7  GLY 7  5  5  GLY GLY C . n 
C 1 8  ARG 8  6  6  ARG ARG C . n 
C 1 9  THR 9  7  7  THR THR C . n 
C 1 10 PHE 10 8  8  PHE PHE C . n 
C 1 11 ASP 11 9  9  ASP ASP C . n 
C 1 12 ARG 12 10 10 ARG ARG C . n 
C 1 13 CYS 13 11 11 CYS CYS C . n 
C 1 14 ASN 14 12 12 ASN ASN C . n 
C 1 15 THR 15 13 13 THR THR C . n 
C 1 16 CYS 16 14 14 CYS CYS C . n 
C 1 17 ARG 17 15 15 ARG ARG C . n 
C 1 18 CYS 18 16 16 CYS CYS C . n 
C 1 19 GLY 19 17 17 GLY GLY C . n 
C 1 20 ALA 20 18 18 ALA ALA C . n 
C 1 21 ASP 21 19 19 ASP ASP C . n 
C 1 22 GLY 22 20 20 GLY GLY C . n 
C 1 23 ARG 23 21 21 ARG ARG C . n 
C 1 24 SER 24 22 22 SER SER C . n 
C 1 25 ALA 25 23 23 ALA ALA C . n 
C 1 26 ALA 26 24 24 ALA ALA C . n 
C 1 27 CYS 27 25 25 CYS CYS C . n 
C 1 28 THR 28 26 26 THR THR C . n 
C 1 29 LEU 29 27 27 LEU LEU C . n 
C 1 30 ARG 30 28 28 ARG ARG C . n 
C 1 31 ALA 31 29 29 ALA ALA C . n 
C 1 32 CYS 32 30 30 CYS CYS C . n 
C 1 33 PRO 33 31 31 PRO PRO C . n 
C 1 34 ASN 34 32 ?  ?   ?   C . n 
C 1 35 GLN 35 33 ?  ?   ?   C . n 
D 1 1  GLY 1  -1 -1 GLY GLY D . n 
D 1 2  SER 2  0  0  SER SER D . n 
D 1 3  SER 3  1  1  SER SER D . n 
D 1 4  CYS 4  2  2  CYS CYS D . n 
D 1 5  GLU 5  3  3  GLU GLU D . n 
D 1 6  PRO 6  4  4  PRO PRO D . n 
D 1 7  GLY 7  5  5  GLY GLY D . n 
D 1 8  ARG 8  6  6  ARG ARG D . n 
D 1 9  THR 9  7  7  THR THR D . n 
D 1 10 PHE 10 8  8  PHE PHE D . n 
D 1 11 ASP 11 9  9  ASP ASP D . n 
D 1 12 ARG 12 10 10 ARG ARG D . n 
D 1 13 CYS 13 11 11 CYS CYS D . n 
D 1 14 ASN 14 12 12 ASN ASN D . n 
D 1 15 THR 15 13 13 THR THR D . n 
D 1 16 CYS 16 14 14 CYS CYS D . n 
D 1 17 ARG 17 15 15 ARG ARG D . n 
D 1 18 CYS 18 16 16 CYS CYS D . n 
D 1 19 GLY 19 17 17 GLY GLY D . n 
D 1 20 ALA 20 18 18 ALA ALA D . n 
D 1 21 ASP 21 19 19 ASP ASP D . n 
D 1 22 GLY 22 20 20 GLY GLY D . n 
D 1 23 ARG 23 21 21 ARG ARG D . n 
D 1 24 SER 24 22 22 SER SER D . n 
D 1 25 ALA 25 23 23 ALA ALA D . n 
D 1 26 ALA 26 24 24 ALA ALA D . n 
D 1 27 CYS 27 25 25 CYS CYS D . n 
D 1 28 THR 28 26 26 THR THR D . n 
D 1 29 LEU 29 27 27 LEU LEU D . n 
D 1 30 ARG 30 28 28 ARG ARG D . n 
D 1 31 ALA 31 29 29 ALA ALA D . n 
D 1 32 CYS 32 30 30 CYS CYS D . n 
D 1 33 PRO 33 31 31 PRO PRO D . n 
D 1 34 ASN 34 32 ?  ?   ?   D . n 
D 1 35 GLN 35 33 ?  ?   ?   D . n 
# 
_pdbx_entity_instance_feature.ordinal        1 
_pdbx_entity_instance_feature.comp_id        GOL 
_pdbx_entity_instance_feature.asym_id        ? 
_pdbx_entity_instance_feature.seq_num        ? 
_pdbx_entity_instance_feature.auth_comp_id   GOL 
_pdbx_entity_instance_feature.auth_asym_id   ? 
_pdbx_entity_instance_feature.auth_seq_num   ? 
_pdbx_entity_instance_feature.feature_type   'SUBJECT OF INVESTIGATION' 
_pdbx_entity_instance_feature.details        ? 
# 
loop_
_pdbx_nonpoly_scheme.asym_id 
_pdbx_nonpoly_scheme.entity_id 
_pdbx_nonpoly_scheme.mon_id 
_pdbx_nonpoly_scheme.ndb_seq_num 
_pdbx_nonpoly_scheme.pdb_seq_num 
_pdbx_nonpoly_scheme.auth_seq_num 
_pdbx_nonpoly_scheme.pdb_mon_id 
_pdbx_nonpoly_scheme.auth_mon_id 
_pdbx_nonpoly_scheme.pdb_strand_id 
_pdbx_nonpoly_scheme.pdb_ins_code 
E 2 GOL 1  101 1  GOL GOL A . 
F 2 GOL 1  101 2  GOL GOL D . 
G 2 GOL 1  102 3  GOL GOL D . 
H 3 HOH 1  201 9  HOH HOH A . 
H 3 HOH 2  202 36 HOH HOH A . 
H 3 HOH 3  203 33 HOH HOH A . 
H 3 HOH 4  204 34 HOH HOH A . 
H 3 HOH 5  205 1  HOH HOH A . 
H 3 HOH 6  206 11 HOH HOH A . 
H 3 HOH 7  207 10 HOH HOH A . 
H 3 HOH 8  208 38 HOH HOH A . 
H 3 HOH 9  209 6  HOH HOH A . 
H 3 HOH 10 210 52 HOH HOH A . 
H 3 HOH 11 211 29 HOH HOH A . 
H 3 HOH 12 212 44 HOH HOH A . 
H 3 HOH 13 213 39 HOH HOH A . 
I 3 HOH 1  101 35 HOH HOH B . 
I 3 HOH 2  102 22 HOH HOH B . 
I 3 HOH 3  103 43 HOH HOH B . 
I 3 HOH 4  104 37 HOH HOH B . 
I 3 HOH 5  105 23 HOH HOH B . 
I 3 HOH 6  106 46 HOH HOH B . 
I 3 HOH 7  107 51 HOH HOH B . 
I 3 HOH 8  108 40 HOH HOH B . 
I 3 HOH 9  109 13 HOH HOH B . 
I 3 HOH 10 110 24 HOH HOH B . 
I 3 HOH 11 111 21 HOH HOH B . 
I 3 HOH 12 112 41 HOH HOH B . 
I 3 HOH 13 113 14 HOH HOH B . 
I 3 HOH 14 114 45 HOH HOH B . 
I 3 HOH 15 115 7  HOH HOH B . 
J 3 HOH 1  101 26 HOH HOH C . 
J 3 HOH 2  102 47 HOH HOH C . 
J 3 HOH 3  103 27 HOH HOH C . 
J 3 HOH 4  104 15 HOH HOH C . 
J 3 HOH 5  105 48 HOH HOH C . 
J 3 HOH 6  106 4  HOH HOH C . 
J 3 HOH 7  107 42 HOH HOH C . 
J 3 HOH 8  108 2  HOH HOH C . 
J 3 HOH 9  109 49 HOH HOH C . 
J 3 HOH 10 110 20 HOH HOH C . 
J 3 HOH 11 111 28 HOH HOH C . 
J 3 HOH 12 112 5  HOH HOH C . 
J 3 HOH 13 113 25 HOH HOH C . 
J 3 HOH 14 114 50 HOH HOH C . 
K 3 HOH 1  201 19 HOH HOH D . 
K 3 HOH 2  202 3  HOH HOH D . 
K 3 HOH 3  203 18 HOH HOH D . 
K 3 HOH 4  204 32 HOH HOH D . 
K 3 HOH 5  205 30 HOH HOH D . 
K 3 HOH 6  206 8  HOH HOH D . 
K 3 HOH 7  207 12 HOH HOH D . 
K 3 HOH 8  208 16 HOH HOH D . 
K 3 HOH 9  209 31 HOH HOH D . 
K 3 HOH 10 210 17 HOH HOH D . 
# 
loop_
_pdbx_unobs_or_zero_occ_atoms.id 
_pdbx_unobs_or_zero_occ_atoms.PDB_model_num 
_pdbx_unobs_or_zero_occ_atoms.polymer_flag 
_pdbx_unobs_or_zero_occ_atoms.occupancy_flag 
_pdbx_unobs_or_zero_occ_atoms.auth_asym_id 
_pdbx_unobs_or_zero_occ_atoms.auth_comp_id 
_pdbx_unobs_or_zero_occ_atoms.auth_seq_id 
_pdbx_unobs_or_zero_occ_atoms.PDB_ins_code 
_pdbx_unobs_or_zero_occ_atoms.auth_atom_id 
_pdbx_unobs_or_zero_occ_atoms.label_alt_id 
_pdbx_unobs_or_zero_occ_atoms.label_asym_id 
_pdbx_unobs_or_zero_occ_atoms.label_comp_id 
_pdbx_unobs_or_zero_occ_atoms.label_seq_id 
_pdbx_unobs_or_zero_occ_atoms.label_atom_id 
1  1 Y 1 A ARG 6  ? NE  ? A ARG 8  NE  
2  1 Y 1 A ARG 6  ? CZ  ? A ARG 8  CZ  
3  1 Y 1 A ARG 6  ? NH1 ? A ARG 8  NH1 
4  1 Y 1 A ARG 6  ? NH2 ? A ARG 8  NH2 
5  1 Y 1 B GLU 3  ? CG  ? B GLU 5  CG  
6  1 Y 1 B GLU 3  ? CD  ? B GLU 5  CD  
7  1 Y 1 B GLU 3  ? OE1 ? B GLU 5  OE1 
8  1 Y 1 B GLU 3  ? OE2 ? B GLU 5  OE2 
9  1 Y 1 B ARG 6  ? CG  ? B ARG 8  CG  
10 1 Y 1 B ARG 6  ? CD  ? B ARG 8  CD  
11 1 Y 1 B ARG 6  ? NE  ? B ARG 8  NE  
12 1 Y 1 B ARG 6  ? CZ  ? B ARG 8  CZ  
13 1 Y 1 B ARG 6  ? NH1 ? B ARG 8  NH1 
14 1 Y 1 B ARG 6  ? NH2 ? B ARG 8  NH2 
15 1 Y 1 D ASP 19 ? CG  ? D ASP 21 CG  
16 1 Y 1 D ASP 19 ? OD1 ? D ASP 21 OD1 
17 1 Y 1 D ASP 19 ? OD2 ? D ASP 21 OD2 
18 1 Y 1 D ARG 21 ? CG  ? D ARG 23 CG  
19 1 Y 1 D ARG 21 ? CD  ? D ARG 23 CD  
20 1 Y 1 D ARG 21 ? NE  ? D ARG 23 NE  
21 1 Y 1 D ARG 21 ? CZ  ? D ARG 23 CZ  
22 1 Y 1 D ARG 21 ? NH1 ? D ARG 23 NH1 
23 1 Y 1 D ARG 21 ? NH2 ? D ARG 23 NH2 
24 1 Y 1 D SER 22 ? OG  ? D SER 24 OG  
# 
loop_
_software.citation_id 
_software.classification 
_software.compiler_name 
_software.compiler_version 
_software.contact_author 
_software.contact_author_email 
_software.date 
_software.description 
_software.dependencies 
_software.hardware 
_software.language 
_software.location 
_software.mods 
_software.name 
_software.os 
_software.os_version 
_software.type 
_software.version 
_software.pdbx_ordinal 
? refinement        ? ? ? ? ? ? ? ? ? ? ? REFMAC      ? ? ? 5.8.0258 1 
? 'data extraction' ? ? ? ? ? ? ? ? ? ? ? PDB_EXTRACT ? ? ? 3.27     2 
? 'data reduction'  ? ? ? ? ? ? ? ? ? ? ? HKL-2000    ? ? ? .        3 
? 'data scaling'    ? ? ? ? ? ? ? ? ? ? ? HKL-2000    ? ? ? .        4 
? phasing           ? ? ? ? ? ? ? ? ? ? ? PHASER      ? ? ? .        5 
# 
_cell.angle_alpha                  90.000 
_cell.angle_alpha_esd              ? 
_cell.angle_beta                   108.980 
_cell.angle_beta_esd               ? 
_cell.angle_gamma                  90.000 
_cell.angle_gamma_esd              ? 
_cell.entry_id                     7SLT 
_cell.details                      ? 
_cell.formula_units_Z              ? 
_cell.length_a                     33.914 
_cell.length_a_esd                 ? 
_cell.length_b                     67.386 
_cell.length_b_esd                 ? 
_cell.length_c                     50.369 
_cell.length_c_esd                 ? 
_cell.volume                       ? 
_cell.volume_esd                   ? 
_cell.Z_PDB                        16 
_cell.reciprocal_angle_alpha       ? 
_cell.reciprocal_angle_beta        ? 
_cell.reciprocal_angle_gamma       ? 
_cell.reciprocal_angle_alpha_esd   ? 
_cell.reciprocal_angle_beta_esd    ? 
_cell.reciprocal_angle_gamma_esd   ? 
_cell.reciprocal_length_a          ? 
_cell.reciprocal_length_b          ? 
_cell.reciprocal_length_c          ? 
_cell.reciprocal_length_a_esd      ? 
_cell.reciprocal_length_b_esd      ? 
_cell.reciprocal_length_c_esd      ? 
_cell.pdbx_unique_axis             ? 
# 
_symmetry.entry_id                         7SLT 
_symmetry.cell_setting                     ? 
_symmetry.Int_Tables_number                5 
_symmetry.space_group_name_Hall            ? 
_symmetry.space_group_name_H-M             'C 1 2 1' 
_symmetry.pdbx_full_space_group_name_H-M   ? 
# 
_exptl.absorpt_coefficient_mu     ? 
_exptl.absorpt_correction_T_max   ? 
_exptl.absorpt_correction_T_min   ? 
_exptl.absorpt_correction_type    ? 
_exptl.absorpt_process_details    ? 
_exptl.entry_id                   7SLT 
_exptl.crystals_number            1 
_exptl.details                    ? 
_exptl.method                     'X-RAY DIFFRACTION' 
_exptl.method_details             ? 
# 
_exptl_crystal.colour                      ? 
_exptl_crystal.density_diffrn              ? 
_exptl_crystal.density_Matthews            1.85 
_exptl_crystal.density_method              ? 
_exptl_crystal.density_percent_sol         33.65 
_exptl_crystal.description                 ? 
_exptl_crystal.F_000                       ? 
_exptl_crystal.id                          1 
_exptl_crystal.preparation                 ? 
_exptl_crystal.size_max                    ? 
_exptl_crystal.size_mid                    ? 
_exptl_crystal.size_min                    ? 
_exptl_crystal.size_rad                    ? 
_exptl_crystal.colour_lustre               ? 
_exptl_crystal.colour_modifier             ? 
_exptl_crystal.colour_primary              ? 
_exptl_crystal.density_meas                ? 
_exptl_crystal.density_meas_esd            ? 
_exptl_crystal.density_meas_gt             ? 
_exptl_crystal.density_meas_lt             ? 
_exptl_crystal.density_meas_temp           ? 
_exptl_crystal.density_meas_temp_esd       ? 
_exptl_crystal.density_meas_temp_gt        ? 
_exptl_crystal.density_meas_temp_lt        ? 
_exptl_crystal.pdbx_crystal_image_url      ? 
_exptl_crystal.pdbx_crystal_image_format   ? 
_exptl_crystal.pdbx_mosaicity              ? 
_exptl_crystal.pdbx_mosaicity_esd          ? 
# 
_exptl_crystal_grow.apparatus       ? 
_exptl_crystal_grow.atmosphere      ? 
_exptl_crystal_grow.crystal_id      1 
_exptl_crystal_grow.details         ? 
_exptl_crystal_grow.method          'VAPOR DIFFUSION, SITTING DROP' 
_exptl_crystal_grow.method_ref      ? 
_exptl_crystal_grow.pH              ? 
_exptl_crystal_grow.pressure        ? 
_exptl_crystal_grow.pressure_esd    ? 
_exptl_crystal_grow.seeding         ? 
_exptl_crystal_grow.seeding_ref     ? 
_exptl_crystal_grow.temp            298 
_exptl_crystal_grow.temp_details    ? 
_exptl_crystal_grow.temp_esd        ? 
_exptl_crystal_grow.time            ? 
_exptl_crystal_grow.pdbx_details    '0.1 M MES pH 6.5, 25% (w/v) PEG 8000' 
_exptl_crystal_grow.pdbx_pH_range   6.5 
# 
_diffrn.ambient_environment              ? 
_diffrn.ambient_temp                     100 
_diffrn.ambient_temp_details             ? 
_diffrn.ambient_temp_esd                 ? 
_diffrn.crystal_id                       1 
_diffrn.crystal_support                  ? 
_diffrn.crystal_treatment                ? 
_diffrn.details                          ? 
_diffrn.id                               1 
_diffrn.ambient_pressure                 ? 
_diffrn.ambient_pressure_esd             ? 
_diffrn.ambient_pressure_gt              ? 
_diffrn.ambient_pressure_lt              ? 
_diffrn.ambient_temp_gt                  ? 
_diffrn.ambient_temp_lt                  ? 
_diffrn.pdbx_serial_crystal_experiment   N 
# 
_diffrn_detector.details                      ? 
_diffrn_detector.detector                     CCD 
_diffrn_detector.diffrn_id                    1 
_diffrn_detector.type                         'RIGAKU SATURN 944+' 
_diffrn_detector.area_resol_mean              ? 
_diffrn_detector.dtime                        ? 
_diffrn_detector.pdbx_frames_total            ? 
_diffrn_detector.pdbx_collection_time_total   ? 
_diffrn_detector.pdbx_collection_date         2016-04-28 
_diffrn_detector.pdbx_frequency               ? 
# 
_diffrn_radiation.collimation                      ? 
_diffrn_radiation.diffrn_id                        1 
_diffrn_radiation.filter_edge                      ? 
_diffrn_radiation.inhomogeneity                    ? 
_diffrn_radiation.monochromator                    ? 
_diffrn_radiation.polarisn_norm                    ? 
_diffrn_radiation.polarisn_ratio                   ? 
_diffrn_radiation.probe                            ? 
_diffrn_radiation.type                             ? 
_diffrn_radiation.xray_symbol                      ? 
_diffrn_radiation.wavelength_id                    1 
_diffrn_radiation.pdbx_monochromatic_or_laue_m_l   M 
_diffrn_radiation.pdbx_wavelength_list             ? 
_diffrn_radiation.pdbx_wavelength                  ? 
_diffrn_radiation.pdbx_diffrn_protocol             'SINGLE WAVELENGTH' 
_diffrn_radiation.pdbx_analyzer                    ? 
_diffrn_radiation.pdbx_scattering_type             x-ray 
# 
_diffrn_radiation_wavelength.id           1 
_diffrn_radiation_wavelength.wavelength   1.54 
_diffrn_radiation_wavelength.wt           1.0 
# 
_diffrn_source.current                     ? 
_diffrn_source.details                     ? 
_diffrn_source.diffrn_id                   1 
_diffrn_source.power                       ? 
_diffrn_source.size                        ? 
_diffrn_source.source                      'ROTATING ANODE' 
_diffrn_source.target                      ? 
_diffrn_source.type                        'RIGAKU MICROMAX-007 HF' 
_diffrn_source.voltage                     ? 
_diffrn_source.take-off_angle              ? 
_diffrn_source.pdbx_wavelength_list        1.54 
_diffrn_source.pdbx_wavelength             ? 
_diffrn_source.pdbx_synchrotron_beamline   ? 
_diffrn_source.pdbx_synchrotron_site       ? 
# 
_reflns.B_iso_Wilson_estimate                          ? 
_reflns.entry_id                                       7SLT 
_reflns.data_reduction_details                         ? 
_reflns.data_reduction_method                          ? 
_reflns.d_resolution_high                              1.950 
_reflns.d_resolution_low                               50.000 
_reflns.details                                        ? 
_reflns.limit_h_max                                    ? 
_reflns.limit_h_min                                    ? 
_reflns.limit_k_max                                    ? 
_reflns.limit_k_min                                    ? 
_reflns.limit_l_max                                    ? 
_reflns.limit_l_min                                    ? 
_reflns.number_all                                     ? 
_reflns.number_obs                                     7018 
_reflns.observed_criterion                             ? 
_reflns.observed_criterion_F_max                       ? 
_reflns.observed_criterion_F_min                       ? 
_reflns.observed_criterion_I_max                       ? 
_reflns.observed_criterion_I_min                       ? 
_reflns.observed_criterion_sigma_F                     ? 
_reflns.observed_criterion_sigma_I                     ? 
_reflns.percent_possible_obs                           89.900 
_reflns.R_free_details                                 ? 
_reflns.Rmerge_F_all                                   ? 
_reflns.Rmerge_F_obs                                   ? 
_reflns.Friedel_coverage                               ? 
_reflns.number_gt                                      ? 
_reflns.threshold_expression                           ? 
_reflns.pdbx_redundancy                                6.600 
_reflns.pdbx_Rmerge_I_obs                              0.105 
_reflns.pdbx_Rmerge_I_all                              ? 
_reflns.pdbx_Rsym_value                                ? 
_reflns.pdbx_netI_over_av_sigmaI                       ? 
_reflns.pdbx_netI_over_sigmaI                          8.100 
_reflns.pdbx_res_netI_over_av_sigmaI_2                 ? 
_reflns.pdbx_res_netI_over_sigmaI_2                    ? 
_reflns.pdbx_chi_squared                               1.734 
_reflns.pdbx_scaling_rejects                           ? 
_reflns.pdbx_d_res_high_opt                            ? 
_reflns.pdbx_d_res_low_opt                             ? 
_reflns.pdbx_d_res_opt_method                          ? 
_reflns.phase_calculation_details                      ? 
_reflns.pdbx_Rrim_I_all                                0.113 
_reflns.pdbx_Rpim_I_all                                0.043 
_reflns.pdbx_d_opt                                     ? 
_reflns.pdbx_number_measured_all                       46022 
_reflns.pdbx_diffrn_id                                 1 
_reflns.pdbx_ordinal                                   1 
_reflns.pdbx_CC_half                                   ? 
_reflns.pdbx_CC_star                                   ? 
_reflns.pdbx_R_split                                   ? 
_reflns.pdbx_aniso_diffraction_limit_axis_1_ortho[1]   ? 
_reflns.pdbx_aniso_diffraction_limit_axis_1_ortho[2]   ? 
_reflns.pdbx_aniso_diffraction_limit_axis_1_ortho[3]   ? 
_reflns.pdbx_aniso_diffraction_limit_axis_2_ortho[1]   ? 
_reflns.pdbx_aniso_diffraction_limit_axis_2_ortho[2]   ? 
_reflns.pdbx_aniso_diffraction_limit_axis_2_ortho[3]   ? 
_reflns.pdbx_aniso_diffraction_limit_axis_3_ortho[1]   ? 
_reflns.pdbx_aniso_diffraction_limit_axis_3_ortho[2]   ? 
_reflns.pdbx_aniso_diffraction_limit_axis_3_ortho[3]   ? 
_reflns.pdbx_aniso_diffraction_limit_1                 ? 
_reflns.pdbx_aniso_diffraction_limit_2                 ? 
_reflns.pdbx_aniso_diffraction_limit_3                 ? 
_reflns.pdbx_aniso_B_tensor_eigenvector_1_ortho[1]     ? 
_reflns.pdbx_aniso_B_tensor_eigenvector_1_ortho[2]     ? 
_reflns.pdbx_aniso_B_tensor_eigenvector_1_ortho[3]     ? 
_reflns.pdbx_aniso_B_tensor_eigenvector_2_ortho[1]     ? 
_reflns.pdbx_aniso_B_tensor_eigenvector_2_ortho[2]     ? 
_reflns.pdbx_aniso_B_tensor_eigenvector_2_ortho[3]     ? 
_reflns.pdbx_aniso_B_tensor_eigenvector_3_ortho[1]     ? 
_reflns.pdbx_aniso_B_tensor_eigenvector_3_ortho[2]     ? 
_reflns.pdbx_aniso_B_tensor_eigenvector_3_ortho[3]     ? 
_reflns.pdbx_aniso_B_tensor_eigenvalue_1               ? 
_reflns.pdbx_aniso_B_tensor_eigenvalue_2               ? 
_reflns.pdbx_aniso_B_tensor_eigenvalue_3               ? 
_reflns.pdbx_orthogonalization_convention              ? 
_reflns.pdbx_percent_possible_ellipsoidal              ? 
_reflns.pdbx_percent_possible_spherical                ? 
_reflns.pdbx_percent_possible_ellipsoidal_anomalous    ? 
_reflns.pdbx_percent_possible_spherical_anomalous      ? 
_reflns.pdbx_redundancy_anomalous                      ? 
_reflns.pdbx_CC_half_anomalous                         ? 
_reflns.pdbx_absDiff_over_sigma_anomalous              ? 
_reflns.pdbx_percent_possible_anomalous                ? 
_reflns.pdbx_observed_signal_threshold                 ? 
_reflns.pdbx_signal_type                               ? 
_reflns.pdbx_signal_details                            ? 
_reflns.pdbx_signal_software_id                        ? 
# 
loop_
_reflns_shell.d_res_high 
_reflns_shell.d_res_low 
_reflns_shell.meanI_over_sigI_all 
_reflns_shell.meanI_over_sigI_obs 
_reflns_shell.number_measured_all 
_reflns_shell.number_measured_obs 
_reflns_shell.number_possible 
_reflns_shell.number_unique_all 
_reflns_shell.number_unique_obs 
_reflns_shell.percent_possible_all 
_reflns_shell.percent_possible_obs 
_reflns_shell.Rmerge_F_all 
_reflns_shell.Rmerge_F_obs 
_reflns_shell.Rmerge_I_all 
_reflns_shell.Rmerge_I_obs 
_reflns_shell.meanI_over_sigI_gt 
_reflns_shell.meanI_over_uI_all 
_reflns_shell.meanI_over_uI_gt 
_reflns_shell.number_measured_gt 
_reflns_shell.number_unique_gt 
_reflns_shell.percent_possible_gt 
_reflns_shell.Rmerge_F_gt 
_reflns_shell.Rmerge_I_gt 
_reflns_shell.pdbx_redundancy 
_reflns_shell.pdbx_Rsym_value 
_reflns_shell.pdbx_chi_squared 
_reflns_shell.pdbx_netI_over_sigmaI_all 
_reflns_shell.pdbx_netI_over_sigmaI_obs 
_reflns_shell.pdbx_Rrim_I_all 
_reflns_shell.pdbx_Rpim_I_all 
_reflns_shell.pdbx_rejects 
_reflns_shell.pdbx_ordinal 
_reflns_shell.pdbx_diffrn_id 
_reflns_shell.pdbx_CC_half 
_reflns_shell.pdbx_CC_star 
_reflns_shell.pdbx_R_split 
_reflns_shell.pdbx_percent_possible_ellipsoidal 
_reflns_shell.pdbx_percent_possible_spherical 
_reflns_shell.pdbx_percent_possible_ellipsoidal_anomalous 
_reflns_shell.pdbx_percent_possible_spherical_anomalous 
_reflns_shell.pdbx_redundancy_anomalous 
_reflns_shell.pdbx_CC_half_anomalous 
_reflns_shell.pdbx_absDiff_over_sigma_anomalous 
_reflns_shell.pdbx_percent_possible_anomalous 
1.950 1.980  ? ? ? ? ? ? 152 37.500  ? ? ? ? 0.433 ? ? ? ? ? ? ? ? 2.800 ? 0.780 ? ? 0.512 0.264 ? 1  1 0.770 ? ? ? ? ? ? ? ? ? ? 
1.980 2.020  ? ? ? ? ? ? 189 49.300  ? ? ? ? 0.304 ? ? ? ? ? ? ? ? 3.300 ? 0.771 ? ? 0.355 0.176 ? 2  1 0.899 ? ? ? ? ? ? ? ? ? ? 
2.020 2.060  ? ? ? ? ? ? 222 59.400  ? ? ? ? 0.289 ? ? ? ? ? ? ? ? 3.700 ? 0.889 ? ? 0.331 0.157 ? 3  1 0.914 ? ? ? ? ? ? ? ? ? ? 
2.060 2.100  ? ? ? ? ? ? 289 69.500  ? ? ? ? 0.297 ? ? ? ? ? ? ? ? 4.200 ? 0.850 ? ? 0.339 0.157 ? 4  1 0.869 ? ? ? ? ? ? ? ? ? ? 
2.100 2.150  ? ? ? ? ? ? 304 86.400  ? ? ? ? 0.311 ? ? ? ? ? ? ? ? 5.000 ? 0.874 ? ? 0.347 0.150 ? 5  1 0.917 ? ? ? ? ? ? ? ? ? ? 
2.150 2.200  ? ? ? ? ? ? 392 98.700  ? ? ? ? 0.315 ? ? ? ? ? ? ? ? 6.000 ? 0.947 ? ? 0.344 0.137 ? 6  1 0.945 ? ? ? ? ? ? ? ? ? ? 
2.200 2.250  ? ? ? ? ? ? 398 99.300  ? ? ? ? 0.304 ? ? ? ? ? ? ? ? 6.600 ? 1.004 ? ? 0.331 0.128 ? 7  1 0.955 ? ? ? ? ? ? ? ? ? ? 
2.250 2.310  ? ? ? ? ? ? 371 100.000 ? ? ? ? 0.288 ? ? ? ? ? ? ? ? 6.900 ? 0.999 ? ? 0.312 0.118 ? 8  1 0.974 ? ? ? ? ? ? ? ? ? ? 
2.310 2.380  ? ? ? ? ? ? 403 100.000 ? ? ? ? 0.268 ? ? ? ? ? ? ? ? 7.000 ? 1.091 ? ? 0.290 0.109 ? 9  1 0.971 ? ? ? ? ? ? ? ? ? ? 
2.380 2.460  ? ? ? ? ? ? 366 100.000 ? ? ? ? 0.231 ? ? ? ? ? ? ? ? 7.100 ? 1.209 ? ? 0.249 0.093 ? 10 1 0.973 ? ? ? ? ? ? ? ? ? ? 
2.460 2.540  ? ? ? ? ? ? 407 100.000 ? ? ? ? 0.224 ? ? ? ? ? ? ? ? 7.200 ? 1.192 ? ? 0.242 0.090 ? 11 1 0.980 ? ? ? ? ? ? ? ? ? ? 
2.540 2.650  ? ? ? ? ? ? 384 100.000 ? ? ? ? 0.176 ? ? ? ? ? ? ? ? 7.300 ? 1.527 ? ? 0.190 0.071 ? 12 1 0.979 ? ? ? ? ? ? ? ? ? ? 
2.650 2.770  ? ? ? ? ? ? 394 100.000 ? ? ? ? 0.150 ? ? ? ? ? ? ? ? 7.300 ? 1.738 ? ? 0.162 0.060 ? 13 1 0.987 ? ? ? ? ? ? ? ? ? ? 
2.770 2.910  ? ? ? ? ? ? 396 100.000 ? ? ? ? 0.162 ? ? ? ? ? ? ? ? 7.300 ? 1.820 ? ? 0.175 0.065 ? 14 1 0.987 ? ? ? ? ? ? ? ? ? ? 
2.910 3.100  ? ? ? ? ? ? 374 100.000 ? ? ? ? 0.117 ? ? ? ? ? ? ? ? 7.300 ? 2.085 ? ? 0.127 0.048 ? 15 1 0.992 ? ? ? ? ? ? ? ? ? ? 
3.100 3.330  ? ? ? ? ? ? 394 100.000 ? ? ? ? 0.096 ? ? ? ? ? ? ? ? 7.300 ? 2.206 ? ? 0.104 0.039 ? 16 1 0.994 ? ? ? ? ? ? ? ? ? ? 
3.330 3.670  ? ? ? ? ? ? 397 100.000 ? ? ? ? 0.084 ? ? ? ? ? ? ? ? 7.300 ? 2.470 ? ? 0.091 0.034 ? 17 1 0.995 ? ? ? ? ? ? ? ? ? ? 
3.670 4.200  ? ? ? ? ? ? 404 100.000 ? ? ? ? 0.083 ? ? ? ? ? ? ? ? 7.200 ? 2.950 ? ? 0.089 0.033 ? 18 1 0.996 ? ? ? ? ? ? ? ? ? ? 
4.200 5.290  ? ? ? ? ? ? 379 100.000 ? ? ? ? 0.073 ? ? ? ? ? ? ? ? 7.200 ? 3.162 ? ? 0.079 0.030 ? 19 1 0.996 ? ? ? ? ? ? ? ? ? ? 
5.290 50.000 ? ? ? ? ? ? 403 98.800  ? ? ? ? 0.059 ? ? ? ? ? ? ? ? 7.100 ? 2.557 ? ? 0.064 0.025 ? 20 1 0.997 ? ? ? ? ? ? ? ? ? ? 
# 
_refine.aniso_B[1][1]                            -0.0100 
_refine.aniso_B[1][2]                            0.0000 
_refine.aniso_B[1][3]                            0.0200 
_refine.aniso_B[2][2]                            0.0100 
_refine.aniso_B[2][3]                            0.0000 
_refine.aniso_B[3][3]                            -0.0200 
_refine.B_iso_max                                82.940 
_refine.B_iso_mean                               34.2010 
_refine.B_iso_min                                17.730 
_refine.correlation_coeff_Fo_to_Fc               0.9480 
_refine.correlation_coeff_Fo_to_Fc_free          0.9180 
_refine.details                                  
'HYDROGENS HAVE BEEN ADDED IN THE RIDING POSITIONS U VALUES      : REFINED INDIVIDUALLY' 
_refine.diff_density_max                         ? 
_refine.diff_density_max_esd                     ? 
_refine.diff_density_min                         ? 
_refine.diff_density_min_esd                     ? 
_refine.diff_density_rms                         ? 
_refine.diff_density_rms_esd                     ? 
_refine.entry_id                                 7SLT 
_refine.pdbx_refine_id                           'X-RAY DIFFRACTION' 
_refine.ls_abs_structure_details                 ? 
_refine.ls_abs_structure_Flack                   ? 
_refine.ls_abs_structure_Flack_esd               ? 
_refine.ls_abs_structure_Rogers                  ? 
_refine.ls_abs_structure_Rogers_esd              ? 
_refine.ls_d_res_high                            2.0000 
_refine.ls_d_res_low                             28.9800 
_refine.ls_extinction_coef                       ? 
_refine.ls_extinction_coef_esd                   ? 
_refine.ls_extinction_expression                 ? 
_refine.ls_extinction_method                     ? 
_refine.ls_goodness_of_fit_all                   ? 
_refine.ls_goodness_of_fit_all_esd               ? 
_refine.ls_goodness_of_fit_obs                   ? 
_refine.ls_goodness_of_fit_obs_esd               ? 
_refine.ls_hydrogen_treatment                    ? 
_refine.ls_matrix_type                           ? 
_refine.ls_number_constraints                    ? 
_refine.ls_number_parameters                     ? 
_refine.ls_number_reflns_all                     ? 
_refine.ls_number_reflns_obs                     6489 
_refine.ls_number_reflns_R_free                  318 
_refine.ls_number_reflns_R_work                  ? 
_refine.ls_number_restraints                     ? 
_refine.ls_percent_reflns_obs                    93.5200 
_refine.ls_percent_reflns_R_free                 4.7000 
_refine.ls_R_factor_all                          ? 
_refine.ls_R_factor_obs                          0.1995 
_refine.ls_R_factor_R_free                       0.2536 
_refine.ls_R_factor_R_free_error                 ? 
_refine.ls_R_factor_R_free_error_details         ? 
_refine.ls_R_factor_R_work                       0.1971 
_refine.ls_R_Fsqd_factor_obs                     ? 
_refine.ls_R_I_factor_obs                        ? 
_refine.ls_redundancy_reflns_all                 ? 
_refine.ls_redundancy_reflns_obs                 ? 
_refine.ls_restrained_S_all                      ? 
_refine.ls_restrained_S_obs                      ? 
_refine.ls_shift_over_esd_max                    ? 
_refine.ls_shift_over_esd_mean                   ? 
_refine.ls_structure_factor_coef                 ? 
_refine.ls_weighting_details                     ? 
_refine.ls_weighting_scheme                      ? 
_refine.ls_wR_factor_all                         ? 
_refine.ls_wR_factor_obs                         ? 
_refine.ls_wR_factor_R_free                      ? 
_refine.ls_wR_factor_R_work                      ? 
_refine.occupancy_max                            ? 
_refine.occupancy_min                            ? 
_refine.solvent_model_details                    MASK 
_refine.solvent_model_param_bsol                 ? 
_refine.solvent_model_param_ksol                 ? 
_refine.pdbx_R_complete                          ? 
_refine.ls_R_factor_gt                           ? 
_refine.ls_goodness_of_fit_gt                    ? 
_refine.ls_goodness_of_fit_ref                   ? 
_refine.ls_shift_over_su_max                     ? 
_refine.ls_shift_over_su_max_lt                  ? 
_refine.ls_shift_over_su_mean                    ? 
_refine.ls_shift_over_su_mean_lt                 ? 
_refine.pdbx_ls_sigma_I                          ? 
_refine.pdbx_ls_sigma_F                          0.000 
_refine.pdbx_ls_sigma_Fsqd                       ? 
_refine.pdbx_data_cutoff_high_absF               ? 
_refine.pdbx_data_cutoff_high_rms_absF           ? 
_refine.pdbx_data_cutoff_low_absF                ? 
_refine.pdbx_isotropic_thermal_model             ? 
_refine.pdbx_ls_cross_valid_method               THROUGHOUT 
_refine.pdbx_method_to_determine_struct          'MOLECULAR REPLACEMENT' 
_refine.pdbx_starting_model                      1GL1 
_refine.pdbx_stereochemistry_target_values       'MAXIMUM LIKELIHOOD' 
_refine.pdbx_R_Free_selection_details            RANDOM 
_refine.pdbx_stereochem_target_val_spec_case     ? 
_refine.pdbx_overall_ESU_R                       0.2530 
_refine.pdbx_overall_ESU_R_Free                  0.2050 
_refine.pdbx_solvent_vdw_probe_radii             1.2000 
_refine.pdbx_solvent_ion_probe_radii             0.8000 
_refine.pdbx_solvent_shrinkage_radii             0.8000 
_refine.pdbx_real_space_R                        ? 
_refine.pdbx_density_correlation                 ? 
_refine.pdbx_pd_number_of_powder_patterns        ? 
_refine.pdbx_pd_number_of_points                 ? 
_refine.pdbx_pd_meas_number_of_points            ? 
_refine.pdbx_pd_proc_ls_prof_R_factor            ? 
_refine.pdbx_pd_proc_ls_prof_wR_factor           ? 
_refine.pdbx_pd_Marquardt_correlation_coeff      ? 
_refine.pdbx_pd_Fsqrd_R_factor                   ? 
_refine.pdbx_pd_ls_matrix_band_width             ? 
_refine.pdbx_overall_phase_error                 ? 
_refine.pdbx_overall_SU_R_free_Cruickshank_DPI   ? 
_refine.pdbx_overall_SU_R_free_Blow_DPI          ? 
_refine.pdbx_overall_SU_R_Blow_DPI               ? 
_refine.pdbx_TLS_residual_ADP_flag               ? 
_refine.pdbx_diffrn_id                           1 
_refine.overall_SU_B                             4.2790 
_refine.overall_SU_ML                            0.1230 
_refine.overall_SU_R_Cruickshank_DPI             ? 
_refine.overall_SU_R_free                        ? 
_refine.overall_FOM_free_R_set                   ? 
_refine.overall_FOM_work_R_set                   ? 
_refine.pdbx_average_fsc_overall                 ? 
_refine.pdbx_average_fsc_work                    ? 
_refine.pdbx_average_fsc_free                    ? 
# 
_refine_hist.pdbx_refine_id                   'X-RAY DIFFRACTION' 
_refine_hist.cycle_id                         final 
_refine_hist.details                          ? 
_refine_hist.d_res_high                       2.0000 
_refine_hist.d_res_low                        28.9800 
_refine_hist.number_atoms_solvent             52 
_refine_hist.number_atoms_total               976 
_refine_hist.number_reflns_all                ? 
_refine_hist.number_reflns_obs                ? 
_refine_hist.number_reflns_R_free             ? 
_refine_hist.number_reflns_R_work             ? 
_refine_hist.R_factor_all                     ? 
_refine_hist.R_factor_obs                     ? 
_refine_hist.R_factor_R_free                  ? 
_refine_hist.R_factor_R_work                  ? 
_refine_hist.pdbx_number_residues_total       131 
_refine_hist.pdbx_B_iso_mean_ligand           55.70 
_refine_hist.pdbx_B_iso_mean_solvent          40.41 
_refine_hist.pdbx_number_atoms_protein        906 
_refine_hist.pdbx_number_atoms_nucleic_acid   0 
_refine_hist.pdbx_number_atoms_ligand         18 
_refine_hist.pdbx_number_atoms_lipid          ? 
_refine_hist.pdbx_number_atoms_carb           ? 
_refine_hist.pdbx_pseudo_atom_details         ? 
# 
loop_
_refine_ls_restr.pdbx_refine_id 
_refine_ls_restr.criterion 
_refine_ls_restr.dev_ideal 
_refine_ls_restr.dev_ideal_target 
_refine_ls_restr.number 
_refine_ls_restr.rejects 
_refine_ls_restr.type 
_refine_ls_restr.weight 
_refine_ls_restr.pdbx_restraint_function 
'X-RAY DIFFRACTION' ? 0.010  0.013  946  ? r_bond_refined_d       ? ? 
'X-RAY DIFFRACTION' ? 0.002  0.018  811  ? r_bond_other_d         ? ? 
'X-RAY DIFFRACTION' ? 1.713  1.688  1275 ? r_angle_refined_deg    ? ? 
'X-RAY DIFFRACTION' ? 1.337  1.601  1876 ? r_angle_other_deg      ? ? 
'X-RAY DIFFRACTION' ? 8.322  5.000  129  ? r_dihedral_angle_1_deg ? ? 
'X-RAY DIFFRACTION' ? 20.060 16.667 54   ? r_dihedral_angle_2_deg ? ? 
'X-RAY DIFFRACTION' ? 14.578 15.000 129  ? r_dihedral_angle_3_deg ? ? 
'X-RAY DIFFRACTION' ? 19.544 15.000 17   ? r_dihedral_angle_4_deg ? ? 
'X-RAY DIFFRACTION' ? 0.065  0.200  130  ? r_chiral_restr         ? ? 
'X-RAY DIFFRACTION' ? 0.007  0.020  1106 ? r_gen_planes_refined   ? ? 
'X-RAY DIFFRACTION' ? 0.001  0.020  225  ? r_gen_planes_other     ? ? 
# 
_refine_ls_shell.pdbx_refine_id                   'X-RAY DIFFRACTION' 
_refine_ls_shell.d_res_high                       2.0010 
_refine_ls_shell.d_res_low                        2.0530 
_refine_ls_shell.number_reflns_all                264 
_refine_ls_shell.number_reflns_obs                ? 
_refine_ls_shell.number_reflns_R_free             7 
_refine_ls_shell.number_reflns_R_work             257 
_refine_ls_shell.percent_reflns_obs               50.6700 
_refine_ls_shell.percent_reflns_R_free            ? 
_refine_ls_shell.R_factor_all                     ? 
_refine_ls_shell.R_factor_obs                     ? 
_refine_ls_shell.R_factor_R_free                  0.2520 
_refine_ls_shell.R_factor_R_free_error            0.0000 
_refine_ls_shell.R_factor_R_work                  0.1630 
_refine_ls_shell.redundancy_reflns_all            ? 
_refine_ls_shell.redundancy_reflns_obs            ? 
_refine_ls_shell.wR_factor_all                    ? 
_refine_ls_shell.wR_factor_obs                    ? 
_refine_ls_shell.wR_factor_R_free                 ? 
_refine_ls_shell.wR_factor_R_work                 ? 
_refine_ls_shell.pdbx_R_complete                  ? 
_refine_ls_shell.pdbx_total_number_of_bins_used   20 
_refine_ls_shell.pdbx_phase_error                 ? 
_refine_ls_shell.pdbx_fsc_work                    ? 
_refine_ls_shell.pdbx_fsc_free                    ? 
# 
_struct.entry_id                     7SLT 
_struct.title                        'Protease inhibitors variant, CTI-homolog pacifastin' 
_struct.pdbx_model_details           ? 
_struct.pdbx_formula_weight          ? 
_struct.pdbx_formula_weight_method   ? 
_struct.pdbx_model_type_details      ? 
_struct.pdbx_CASP_flag               N 
# 
_struct_keywords.entry_id        7SLT 
_struct_keywords.text            'CDP, pacifastin, CTI, TOXIN' 
_struct_keywords.pdbx_keywords   TOXIN 
# 
loop_
_struct_asym.id 
_struct_asym.pdbx_blank_PDB_chainid_flag 
_struct_asym.pdbx_modified 
_struct_asym.entity_id 
_struct_asym.details 
A N N 1 ? 
B N N 1 ? 
C N N 1 ? 
D N N 1 ? 
E N N 2 ? 
F N N 2 ? 
G N N 2 ? 
H N N 3 ? 
I N N 3 ? 
J N N 3 ? 
K N N 3 ? 
# 
_struct_ref.id                         1 
_struct_ref.db_name                    UNP 
_struct_ref.db_code                    LCM_LOCMI 
_struct_ref.pdbx_db_accession          P80060 
_struct_ref.pdbx_db_isoform            ? 
_struct_ref.entity_id                  1 
_struct_ref.pdbx_seq_one_letter_code   SCEPGKTFKDKCNTCRCGADGKSAACTLKACPNQ 
_struct_ref.pdbx_align_begin           59 
# 
loop_
_struct_ref_seq.align_id 
_struct_ref_seq.ref_id 
_struct_ref_seq.pdbx_PDB_id_code 
_struct_ref_seq.pdbx_strand_id 
_struct_ref_seq.seq_align_beg 
_struct_ref_seq.pdbx_seq_align_beg_ins_code 
_struct_ref_seq.seq_align_end 
_struct_ref_seq.pdbx_seq_align_end_ins_code 
_struct_ref_seq.pdbx_db_accession 
_struct_ref_seq.db_align_beg 
_struct_ref_seq.pdbx_db_align_beg_ins_code 
_struct_ref_seq.db_align_end 
_struct_ref_seq.pdbx_db_align_end_ins_code 
_struct_ref_seq.pdbx_auth_seq_align_beg 
_struct_ref_seq.pdbx_auth_seq_align_end 
1 1 7SLT A 3 ? 35 ? P80060 59 ? 92 ? 1 33 
2 1 7SLT B 3 ? 35 ? P80060 59 ? 92 ? 1 33 
3 1 7SLT C 3 ? 35 ? P80060 59 ? 92 ? 1 33 
4 1 7SLT D 3 ? 35 ? P80060 59 ? 92 ? 1 33 
# 
loop_
_struct_ref_seq_dif.align_id 
_struct_ref_seq_dif.pdbx_pdb_id_code 
_struct_ref_seq_dif.mon_id 
_struct_ref_seq_dif.pdbx_pdb_strand_id 
_struct_ref_seq_dif.seq_num 
_struct_ref_seq_dif.pdbx_pdb_ins_code 
_struct_ref_seq_dif.pdbx_seq_db_name 
_struct_ref_seq_dif.pdbx_seq_db_accession_code 
_struct_ref_seq_dif.db_mon_id 
_struct_ref_seq_dif.pdbx_seq_db_seq_num 
_struct_ref_seq_dif.details 
_struct_ref_seq_dif.pdbx_auth_seq_num 
_struct_ref_seq_dif.pdbx_ordinal 
1 7SLT GLY A 1  ? UNP P80060 ?   ?  'expression tag' -1 1  
1 7SLT SER A 2  ? UNP P80060 ?   ?  'expression tag' 0  2  
1 7SLT ARG A 8  ? UNP P80060 LYS 64 conflict         6  3  
1 7SLT ?   A ?  ? UNP P80060 LYS 67 deletion         ?  4  
1 7SLT ARG A 12 ? UNP P80060 LYS 69 conflict         10 5  
1 7SLT ARG A 23 ? UNP P80060 LYS 80 conflict         21 6  
1 7SLT ARG A 30 ? UNP P80060 LYS 87 conflict         28 7  
2 7SLT GLY B 1  ? UNP P80060 ?   ?  'expression tag' -1 8  
2 7SLT SER B 2  ? UNP P80060 ?   ?  'expression tag' 0  9  
2 7SLT ARG B 8  ? UNP P80060 LYS 64 conflict         6  10 
2 7SLT ?   B ?  ? UNP P80060 LYS 67 deletion         ?  11 
2 7SLT ARG B 12 ? UNP P80060 LYS 69 conflict         10 12 
2 7SLT ARG B 23 ? UNP P80060 LYS 80 conflict         21 13 
2 7SLT ARG B 30 ? UNP P80060 LYS 87 conflict         28 14 
3 7SLT GLY C 1  ? UNP P80060 ?   ?  'expression tag' -1 15 
3 7SLT SER C 2  ? UNP P80060 ?   ?  'expression tag' 0  16 
3 7SLT ARG C 8  ? UNP P80060 LYS 64 conflict         6  17 
3 7SLT ?   C ?  ? UNP P80060 LYS 67 deletion         ?  18 
3 7SLT ARG C 12 ? UNP P80060 LYS 69 conflict         10 19 
3 7SLT ARG C 23 ? UNP P80060 LYS 80 conflict         21 20 
3 7SLT ARG C 30 ? UNP P80060 LYS 87 conflict         28 21 
4 7SLT GLY D 1  ? UNP P80060 ?   ?  'expression tag' -1 22 
4 7SLT SER D 2  ? UNP P80060 ?   ?  'expression tag' 0  23 
4 7SLT ARG D 8  ? UNP P80060 LYS 64 conflict         6  24 
4 7SLT ?   D ?  ? UNP P80060 LYS 67 deletion         ?  25 
4 7SLT ARG D 12 ? UNP P80060 LYS 69 conflict         10 26 
4 7SLT ARG D 23 ? UNP P80060 LYS 80 conflict         21 27 
4 7SLT ARG D 30 ? UNP P80060 LYS 87 conflict         28 28 
# 
loop_
_pdbx_struct_assembly.id 
_pdbx_struct_assembly.details 
_pdbx_struct_assembly.method_details 
_pdbx_struct_assembly.oligomeric_details 
_pdbx_struct_assembly.oligomeric_count 
1 author_and_software_defined_assembly PISA dimeric 2 
2 author_and_software_defined_assembly PISA dimeric 2 
# 
loop_
_pdbx_struct_assembly_prop.biol_id 
_pdbx_struct_assembly_prop.type 
_pdbx_struct_assembly_prop.value 
_pdbx_struct_assembly_prop.details 
1 'ABSA (A^2)' 2110 ? 
1 MORE         -13  ? 
1 'SSA (A^2)'  4890 ? 
2 'ABSA (A^2)' 1950 ? 
2 MORE         -11  ? 
2 'SSA (A^2)'  4700 ? 
# 
loop_
_pdbx_struct_assembly_gen.assembly_id 
_pdbx_struct_assembly_gen.oper_expression 
_pdbx_struct_assembly_gen.asym_id_list 
1 1 A,C,E,H,J   
2 1 B,D,F,G,I,K 
# 
_pdbx_struct_assembly_auth_evidence.id                     1 
_pdbx_struct_assembly_auth_evidence.assembly_id            1 
_pdbx_struct_assembly_auth_evidence.experimental_support   'gel filtration' 
_pdbx_struct_assembly_auth_evidence.details                'disulfide-linked strand swapped dimer' 
# 
_pdbx_struct_oper_list.id                   1 
_pdbx_struct_oper_list.type                 'identity operation' 
_pdbx_struct_oper_list.name                 1_555 
_pdbx_struct_oper_list.symmetry_operation   x,y,z 
_pdbx_struct_oper_list.matrix[1][1]         1.0000000000 
_pdbx_struct_oper_list.matrix[1][2]         0.0000000000 
_pdbx_struct_oper_list.matrix[1][3]         0.0000000000 
_pdbx_struct_oper_list.vector[1]            0.0000000000 
_pdbx_struct_oper_list.matrix[2][1]         0.0000000000 
_pdbx_struct_oper_list.matrix[2][2]         1.0000000000 
_pdbx_struct_oper_list.matrix[2][3]         0.0000000000 
_pdbx_struct_oper_list.vector[2]            0.0000000000 
_pdbx_struct_oper_list.matrix[3][1]         0.0000000000 
_pdbx_struct_oper_list.matrix[3][2]         0.0000000000 
_pdbx_struct_oper_list.matrix[3][3]         1.0000000000 
_pdbx_struct_oper_list.vector[3]            0.0000000000 
# 
loop_
_struct_conn.id 
_struct_conn.conn_type_id 
_struct_conn.pdbx_leaving_atom_flag 
_struct_conn.pdbx_PDB_id 
_struct_conn.ptnr1_label_asym_id 
_struct_conn.ptnr1_label_comp_id 
_struct_conn.ptnr1_label_seq_id 
_struct_conn.ptnr1_label_atom_id 
_struct_conn.pdbx_ptnr1_label_alt_id 
_struct_conn.pdbx_ptnr1_PDB_ins_code 
_struct_conn.pdbx_ptnr1_standard_comp_id 
_struct_conn.ptnr1_symmetry 
_struct_conn.ptnr2_label_asym_id 
_struct_conn.ptnr2_label_comp_id 
_struct_conn.ptnr2_label_seq_id 
_struct_conn.ptnr2_label_atom_id 
_struct_conn.pdbx_ptnr2_label_alt_id 
_struct_conn.pdbx_ptnr2_PDB_ins_code 
_struct_conn.ptnr1_auth_asym_id 
_struct_conn.ptnr1_auth_comp_id 
_struct_conn.ptnr1_auth_seq_id 
_struct_conn.ptnr2_auth_asym_id 
_struct_conn.ptnr2_auth_comp_id 
_struct_conn.ptnr2_auth_seq_id 
_struct_conn.ptnr2_symmetry 
_struct_conn.pdbx_ptnr3_label_atom_id 
_struct_conn.pdbx_ptnr3_label_seq_id 
_struct_conn.pdbx_ptnr3_label_comp_id 
_struct_conn.pdbx_ptnr3_label_asym_id 
_struct_conn.pdbx_ptnr3_label_alt_id 
_struct_conn.pdbx_ptnr3_PDB_ins_code 
_struct_conn.details 
_struct_conn.pdbx_dist_value 
_struct_conn.pdbx_value_order 
_struct_conn.pdbx_role 
disulf1  disulf ? ? A CYS 4  SG ? ? ? 1_555 C CYS 18 SG ? ? A CYS 2  C CYS 16 1_555 ? ? ? ? ? ? ? 2.045 ? ? 
disulf2  disulf ? ? A CYS 13 SG ? ? ? 1_555 A CYS 32 SG ? ? A CYS 11 A CYS 30 1_555 ? ? ? ? ? ? ? 2.004 ? ? 
disulf3  disulf ? ? A CYS 16 SG ? ? ? 1_555 A CYS 27 SG ? ? A CYS 14 A CYS 25 1_555 ? ? ? ? ? ? ? 2.020 ? ? 
disulf4  disulf ? ? A CYS 18 SG ? ? ? 1_555 C CYS 4  SG ? ? A CYS 16 C CYS 2  1_555 ? ? ? ? ? ? ? 2.033 ? ? 
disulf5  disulf ? ? B CYS 4  SG ? ? ? 1_555 D CYS 18 SG ? ? B CYS 2  D CYS 16 1_555 ? ? ? ? ? ? ? 2.023 ? ? 
disulf6  disulf ? ? B CYS 13 SG ? ? ? 1_555 B CYS 32 SG ? ? B CYS 11 B CYS 30 1_555 ? ? ? ? ? ? ? 1.997 ? ? 
disulf7  disulf ? ? B CYS 16 SG ? ? ? 1_555 B CYS 27 SG ? ? B CYS 14 B CYS 25 1_555 ? ? ? ? ? ? ? 2.028 ? ? 
disulf8  disulf ? ? B CYS 18 SG ? ? ? 1_555 D CYS 4  SG ? ? B CYS 16 D CYS 2  1_555 ? ? ? ? ? ? ? 2.082 ? ? 
disulf9  disulf ? ? C CYS 13 SG ? ? ? 1_555 C CYS 32 SG ? ? C CYS 11 C CYS 30 1_555 ? ? ? ? ? ? ? 2.043 ? ? 
disulf10 disulf ? ? C CYS 16 SG ? ? ? 1_555 C CYS 27 SG ? ? C CYS 14 C CYS 25 1_555 ? ? ? ? ? ? ? 2.037 ? ? 
disulf11 disulf ? ? D CYS 13 SG ? ? ? 1_555 D CYS 32 SG ? ? D CYS 11 D CYS 30 1_555 ? ? ? ? ? ? ? 2.047 ? ? 
disulf12 disulf ? ? D CYS 16 SG ? ? ? 1_555 D CYS 27 SG ? ? D CYS 14 D CYS 25 1_555 ? ? ? ? ? ? ? 2.076 ? ? 
# 
_struct_conn_type.id          disulf 
_struct_conn_type.criteria    ? 
_struct_conn_type.reference   ? 
# 
loop_
_pdbx_modification_feature.ordinal 
_pdbx_modification_feature.label_comp_id 
_pdbx_modification_feature.label_asym_id 
_pdbx_modification_feature.label_seq_id 
_pdbx_modification_feature.label_alt_id 
_pdbx_modification_feature.modified_residue_label_comp_id 
_pdbx_modification_feature.modified_residue_label_asym_id 
_pdbx_modification_feature.modified_residue_label_seq_id 
_pdbx_modification_feature.modified_residue_label_alt_id 
_pdbx_modification_feature.auth_comp_id 
_pdbx_modification_feature.auth_asym_id 
_pdbx_modification_feature.auth_seq_id 
_pdbx_modification_feature.PDB_ins_code 
_pdbx_modification_feature.symmetry 
_pdbx_modification_feature.modified_residue_auth_comp_id 
_pdbx_modification_feature.modified_residue_auth_asym_id 
_pdbx_modification_feature.modified_residue_auth_seq_id 
_pdbx_modification_feature.modified_residue_PDB_ins_code 
_pdbx_modification_feature.modified_residue_symmetry 
_pdbx_modification_feature.comp_id_linking_atom 
_pdbx_modification_feature.modified_residue_id_linking_atom 
_pdbx_modification_feature.modified_residue_id 
_pdbx_modification_feature.ref_pcm_id 
_pdbx_modification_feature.ref_comp_id 
_pdbx_modification_feature.type 
_pdbx_modification_feature.category 
1  CYS A 4  ? CYS C 18 ? CYS A 2  ? 1_555 CYS C 16 ? 1_555 SG SG . . . None 'Disulfide bridge' 
2  CYS A 13 ? CYS A 32 ? CYS A 11 ? 1_555 CYS A 30 ? 1_555 SG SG . . . None 'Disulfide bridge' 
3  CYS A 16 ? CYS A 27 ? CYS A 14 ? 1_555 CYS A 25 ? 1_555 SG SG . . . None 'Disulfide bridge' 
4  CYS A 18 ? CYS C 4  ? CYS A 16 ? 1_555 CYS C 2  ? 1_555 SG SG . . . None 'Disulfide bridge' 
5  CYS B 4  ? CYS D 18 ? CYS B 2  ? 1_555 CYS D 16 ? 1_555 SG SG . . . None 'Disulfide bridge' 
6  CYS B 13 ? CYS B 32 ? CYS B 11 ? 1_555 CYS B 30 ? 1_555 SG SG . . . None 'Disulfide bridge' 
7  CYS B 16 ? CYS B 27 ? CYS B 14 ? 1_555 CYS B 25 ? 1_555 SG SG . . . None 'Disulfide bridge' 
8  CYS B 18 ? CYS D 4  ? CYS B 16 ? 1_555 CYS D 2  ? 1_555 SG SG . . . None 'Disulfide bridge' 
9  CYS C 13 ? CYS C 32 ? CYS C 11 ? 1_555 CYS C 30 ? 1_555 SG SG . . . None 'Disulfide bridge' 
10 CYS C 16 ? CYS C 27 ? CYS C 14 ? 1_555 CYS C 25 ? 1_555 SG SG . . . None 'Disulfide bridge' 
11 CYS D 13 ? CYS D 32 ? CYS D 11 ? 1_555 CYS D 30 ? 1_555 SG SG . . . None 'Disulfide bridge' 
12 CYS D 16 ? CYS D 27 ? CYS D 14 ? 1_555 CYS D 25 ? 1_555 SG SG . . . None 'Disulfide bridge' 
# 
loop_
_struct_sheet.id 
_struct_sheet.type 
_struct_sheet.number_strands 
_struct_sheet.details 
AA1 ? 4 ? 
AA2 ? 4 ? 
# 
loop_
_struct_sheet_order.sheet_id 
_struct_sheet_order.range_id_1 
_struct_sheet_order.range_id_2 
_struct_sheet_order.offset 
_struct_sheet_order.sense 
AA1 1 2 ? anti-parallel 
AA1 2 3 ? anti-parallel 
AA1 3 4 ? anti-parallel 
AA2 1 2 ? anti-parallel 
AA2 2 3 ? anti-parallel 
AA2 3 4 ? anti-parallel 
# 
loop_
_struct_sheet_range.sheet_id 
_struct_sheet_range.id 
_struct_sheet_range.beg_label_comp_id 
_struct_sheet_range.beg_label_asym_id 
_struct_sheet_range.beg_label_seq_id 
_struct_sheet_range.pdbx_beg_PDB_ins_code 
_struct_sheet_range.end_label_comp_id 
_struct_sheet_range.end_label_asym_id 
_struct_sheet_range.end_label_seq_id 
_struct_sheet_range.pdbx_end_PDB_ins_code 
_struct_sheet_range.beg_auth_comp_id 
_struct_sheet_range.beg_auth_asym_id 
_struct_sheet_range.beg_auth_seq_id 
_struct_sheet_range.end_auth_comp_id 
_struct_sheet_range.end_auth_asym_id 
_struct_sheet_range.end_auth_seq_id 
AA1 1 ALA A 25 ? ARG A 30 ? ALA A 23 ARG A 28 
AA1 2 THR A 9  ? CYS A 18 ? THR A 7  CYS A 16 
AA1 3 THR C 9  ? CYS C 18 ? THR C 7  CYS C 16 
AA1 4 SER C 24 ? THR C 28 ? SER C 22 THR C 26 
AA2 1 ALA B 25 ? ARG B 30 ? ALA B 23 ARG B 28 
AA2 2 THR B 9  ? CYS B 18 ? THR B 7  CYS B 16 
AA2 3 THR D 9  ? CYS D 18 ? THR D 7  CYS D 16 
AA2 4 ALA D 25 ? THR D 28 ? ALA D 23 THR D 26 
# 
loop_
_pdbx_struct_sheet_hbond.sheet_id 
_pdbx_struct_sheet_hbond.range_id_1 
_pdbx_struct_sheet_hbond.range_id_2 
_pdbx_struct_sheet_hbond.range_1_label_atom_id 
_pdbx_struct_sheet_hbond.range_1_label_comp_id 
_pdbx_struct_sheet_hbond.range_1_label_asym_id 
_pdbx_struct_sheet_hbond.range_1_label_seq_id 
_pdbx_struct_sheet_hbond.range_1_PDB_ins_code 
_pdbx_struct_sheet_hbond.range_1_auth_atom_id 
_pdbx_struct_sheet_hbond.range_1_auth_comp_id 
_pdbx_struct_sheet_hbond.range_1_auth_asym_id 
_pdbx_struct_sheet_hbond.range_1_auth_seq_id 
_pdbx_struct_sheet_hbond.range_2_label_atom_id 
_pdbx_struct_sheet_hbond.range_2_label_comp_id 
_pdbx_struct_sheet_hbond.range_2_label_asym_id 
_pdbx_struct_sheet_hbond.range_2_label_seq_id 
_pdbx_struct_sheet_hbond.range_2_PDB_ins_code 
_pdbx_struct_sheet_hbond.range_2_auth_atom_id 
_pdbx_struct_sheet_hbond.range_2_auth_comp_id 
_pdbx_struct_sheet_hbond.range_2_auth_asym_id 
_pdbx_struct_sheet_hbond.range_2_auth_seq_id 
AA1 1 2 O THR A 28 ? O THR A 26 N THR A 15 ? N THR A 13 
AA1 2 3 N PHE A 10 ? N PHE A 8  O CYS C 16 ? O CYS C 14 
AA1 3 4 N ARG C 17 ? N ARG C 15 O ALA C 25 ? O ALA C 23 
AA2 1 2 O ARG B 30 ? O ARG B 28 N CYS B 13 ? N CYS B 11 
AA2 2 3 N CYS B 16 ? N CYS B 14 O PHE D 10 ? O PHE D 8  
AA2 3 4 N THR D 15 ? N THR D 13 O THR D 28 ? O THR D 26 
# 
_pdbx_entry_details.entry_id                   7SLT 
_pdbx_entry_details.has_ligand_of_interest     Y 
_pdbx_entry_details.compound_details           ? 
_pdbx_entry_details.source_details             ? 
_pdbx_entry_details.nonpolymer_details         ? 
_pdbx_entry_details.sequence_details           ? 
_pdbx_entry_details.has_protein_modification   Y 
# 
_pdbx_validate_symm_contact.id                1 
_pdbx_validate_symm_contact.PDB_model_num     1 
_pdbx_validate_symm_contact.auth_atom_id_1    O 
_pdbx_validate_symm_contact.auth_asym_id_1    C 
_pdbx_validate_symm_contact.auth_comp_id_1    HOH 
_pdbx_validate_symm_contact.auth_seq_id_1     110 
_pdbx_validate_symm_contact.PDB_ins_code_1    ? 
_pdbx_validate_symm_contact.label_alt_id_1    ? 
_pdbx_validate_symm_contact.site_symmetry_1   1_555 
_pdbx_validate_symm_contact.auth_atom_id_2    O 
_pdbx_validate_symm_contact.auth_asym_id_2    C 
_pdbx_validate_symm_contact.auth_comp_id_2    HOH 
_pdbx_validate_symm_contact.auth_seq_id_2     112 
_pdbx_validate_symm_contact.PDB_ins_code_2    ? 
_pdbx_validate_symm_contact.label_alt_id_2    ? 
_pdbx_validate_symm_contact.site_symmetry_2   2_258 
_pdbx_validate_symm_contact.dist              2.11 
# 
_pdbx_validate_torsion.id              1 
_pdbx_validate_torsion.PDB_model_num   1 
_pdbx_validate_torsion.auth_comp_id    GLU 
_pdbx_validate_torsion.auth_asym_id    B 
_pdbx_validate_torsion.auth_seq_id     3 
_pdbx_validate_torsion.PDB_ins_code    ? 
_pdbx_validate_torsion.label_alt_id    ? 
_pdbx_validate_torsion.phi             -56.20 
_pdbx_validate_torsion.psi             104.70 
# 
loop_
_pdbx_unobs_or_zero_occ_residues.id 
_pdbx_unobs_or_zero_occ_residues.PDB_model_num 
_pdbx_unobs_or_zero_occ_residues.polymer_flag 
_pdbx_unobs_or_zero_occ_residues.occupancy_flag 
_pdbx_unobs_or_zero_occ_residues.auth_asym_id 
_pdbx_unobs_or_zero_occ_residues.auth_comp_id 
_pdbx_unobs_or_zero_occ_residues.auth_seq_id 
_pdbx_unobs_or_zero_occ_residues.PDB_ins_code 
_pdbx_unobs_or_zero_occ_residues.label_asym_id 
_pdbx_unobs_or_zero_occ_residues.label_comp_id 
_pdbx_unobs_or_zero_occ_residues.label_seq_id 
1 1 Y 1 A ASN 32 ? A ASN 34 
2 1 Y 1 A GLN 33 ? A GLN 35 
3 1 Y 1 B GLY -1 ? B GLY 1  
4 1 Y 1 B SER 0  ? B SER 2  
5 1 Y 1 B SER 1  ? B SER 3  
6 1 Y 1 C ASN 32 ? C ASN 34 
7 1 Y 1 C GLN 33 ? C GLN 35 
8 1 Y 1 D ASN 32 ? D ASN 34 
9 1 Y 1 D GLN 33 ? D GLN 35 
# 
loop_
_chem_comp_atom.comp_id 
_chem_comp_atom.atom_id 
_chem_comp_atom.type_symbol 
_chem_comp_atom.pdbx_aromatic_flag 
_chem_comp_atom.pdbx_stereo_config 
_chem_comp_atom.pdbx_ordinal 
ALA N    N N N 1   
ALA CA   C N S 2   
ALA C    C N N 3   
ALA O    O N N 4   
ALA CB   C N N 5   
ALA OXT  O N N 6   
ALA H    H N N 7   
ALA H2   H N N 8   
ALA HA   H N N 9   
ALA HB1  H N N 10  
ALA HB2  H N N 11  
ALA HB3  H N N 12  
ALA HXT  H N N 13  
ARG N    N N N 14  
ARG CA   C N S 15  
ARG C    C N N 16  
ARG O    O N N 17  
ARG CB   C N N 18  
ARG CG   C N N 19  
ARG CD   C N N 20  
ARG NE   N N N 21  
ARG CZ   C N N 22  
ARG NH1  N N N 23  
ARG NH2  N N N 24  
ARG OXT  O N N 25  
ARG H    H N N 26  
ARG H2   H N N 27  
ARG HA   H N N 28  
ARG HB2  H N N 29  
ARG HB3  H N N 30  
ARG HG2  H N N 31  
ARG HG3  H N N 32  
ARG HD2  H N N 33  
ARG HD3  H N N 34  
ARG HE   H N N 35  
ARG HH11 H N N 36  
ARG HH12 H N N 37  
ARG HH21 H N N 38  
ARG HH22 H N N 39  
ARG HXT  H N N 40  
ASN N    N N N 41  
ASN CA   C N S 42  
ASN C    C N N 43  
ASN O    O N N 44  
ASN CB   C N N 45  
ASN CG   C N N 46  
ASN OD1  O N N 47  
ASN ND2  N N N 48  
ASN OXT  O N N 49  
ASN H    H N N 50  
ASN H2   H N N 51  
ASN HA   H N N 52  
ASN HB2  H N N 53  
ASN HB3  H N N 54  
ASN HD21 H N N 55  
ASN HD22 H N N 56  
ASN HXT  H N N 57  
ASP N    N N N 58  
ASP CA   C N S 59  
ASP C    C N N 60  
ASP O    O N N 61  
ASP CB   C N N 62  
ASP CG   C N N 63  
ASP OD1  O N N 64  
ASP OD2  O N N 65  
ASP OXT  O N N 66  
ASP H    H N N 67  
ASP H2   H N N 68  
ASP HA   H N N 69  
ASP HB2  H N N 70  
ASP HB3  H N N 71  
ASP HD2  H N N 72  
ASP HXT  H N N 73  
CYS N    N N N 74  
CYS CA   C N R 75  
CYS C    C N N 76  
CYS O    O N N 77  
CYS CB   C N N 78  
CYS SG   S N N 79  
CYS OXT  O N N 80  
CYS H    H N N 81  
CYS H2   H N N 82  
CYS HA   H N N 83  
CYS HB2  H N N 84  
CYS HB3  H N N 85  
CYS HG   H N N 86  
CYS HXT  H N N 87  
GLN N    N N N 88  
GLN CA   C N S 89  
GLN C    C N N 90  
GLN O    O N N 91  
GLN CB   C N N 92  
GLN CG   C N N 93  
GLN CD   C N N 94  
GLN OE1  O N N 95  
GLN NE2  N N N 96  
GLN OXT  O N N 97  
GLN H    H N N 98  
GLN H2   H N N 99  
GLN HA   H N N 100 
GLN HB2  H N N 101 
GLN HB3  H N N 102 
GLN HG2  H N N 103 
GLN HG3  H N N 104 
GLN HE21 H N N 105 
GLN HE22 H N N 106 
GLN HXT  H N N 107 
GLU N    N N N 108 
GLU CA   C N S 109 
GLU C    C N N 110 
GLU O    O N N 111 
GLU CB   C N N 112 
GLU CG   C N N 113 
GLU CD   C N N 114 
GLU OE1  O N N 115 
GLU OE2  O N N 116 
GLU OXT  O N N 117 
GLU H    H N N 118 
GLU H2   H N N 119 
GLU HA   H N N 120 
GLU HB2  H N N 121 
GLU HB3  H N N 122 
GLU HG2  H N N 123 
GLU HG3  H N N 124 
GLU HE2  H N N 125 
GLU HXT  H N N 126 
GLY N    N N N 127 
GLY CA   C N N 128 
GLY C    C N N 129 
GLY O    O N N 130 
GLY OXT  O N N 131 
GLY H    H N N 132 
GLY H2   H N N 133 
GLY HA2  H N N 134 
GLY HA3  H N N 135 
GLY HXT  H N N 136 
GOL C1   C N N 137 
GOL O1   O N N 138 
GOL C2   C N N 139 
GOL O2   O N N 140 
GOL C3   C N N 141 
GOL O3   O N N 142 
GOL H11  H N N 143 
GOL H12  H N N 144 
GOL HO1  H N N 145 
GOL H2   H N N 146 
GOL HO2  H N N 147 
GOL H31  H N N 148 
GOL H32  H N N 149 
GOL HO3  H N N 150 
HOH O    O N N 151 
HOH H1   H N N 152 
HOH H2   H N N 153 
LEU N    N N N 154 
LEU CA   C N S 155 
LEU C    C N N 156 
LEU O    O N N 157 
LEU CB   C N N 158 
LEU CG   C N N 159 
LEU CD1  C N N 160 
LEU CD2  C N N 161 
LEU OXT  O N N 162 
LEU H    H N N 163 
LEU H2   H N N 164 
LEU HA   H N N 165 
LEU HB2  H N N 166 
LEU HB3  H N N 167 
LEU HG   H N N 168 
LEU HD11 H N N 169 
LEU HD12 H N N 170 
LEU HD13 H N N 171 
LEU HD21 H N N 172 
LEU HD22 H N N 173 
LEU HD23 H N N 174 
LEU HXT  H N N 175 
LYS N    N N N 176 
LYS CA   C N S 177 
LYS C    C N N 178 
LYS O    O N N 179 
LYS CB   C N N 180 
LYS CG   C N N 181 
LYS CD   C N N 182 
LYS CE   C N N 183 
LYS NZ   N N N 184 
LYS OXT  O N N 185 
LYS H    H N N 186 
LYS H2   H N N 187 
LYS HA   H N N 188 
LYS HB2  H N N 189 
LYS HB3  H N N 190 
LYS HG2  H N N 191 
LYS HG3  H N N 192 
LYS HD2  H N N 193 
LYS HD3  H N N 194 
LYS HE2  H N N 195 
LYS HE3  H N N 196 
LYS HZ1  H N N 197 
LYS HZ2  H N N 198 
LYS HZ3  H N N 199 
LYS HXT  H N N 200 
PHE N    N N N 201 
PHE CA   C N S 202 
PHE C    C N N 203 
PHE O    O N N 204 
PHE CB   C N N 205 
PHE CG   C Y N 206 
PHE CD1  C Y N 207 
PHE CD2  C Y N 208 
PHE CE1  C Y N 209 
PHE CE2  C Y N 210 
PHE CZ   C Y N 211 
PHE OXT  O N N 212 
PHE H    H N N 213 
PHE H2   H N N 214 
PHE HA   H N N 215 
PHE HB2  H N N 216 
PHE HB3  H N N 217 
PHE HD1  H N N 218 
PHE HD2  H N N 219 
PHE HE1  H N N 220 
PHE HE2  H N N 221 
PHE HZ   H N N 222 
PHE HXT  H N N 223 
PRO N    N N N 224 
PRO CA   C N S 225 
PRO C    C N N 226 
PRO O    O N N 227 
PRO CB   C N N 228 
PRO CG   C N N 229 
PRO CD   C N N 230 
PRO OXT  O N N 231 
PRO H    H N N 232 
PRO HA   H N N 233 
PRO HB2  H N N 234 
PRO HB3  H N N 235 
PRO HG2  H N N 236 
PRO HG3  H N N 237 
PRO HD2  H N N 238 
PRO HD3  H N N 239 
PRO HXT  H N N 240 
SER N    N N N 241 
SER CA   C N S 242 
SER C    C N N 243 
SER O    O N N 244 
SER CB   C N N 245 
SER OG   O N N 246 
SER OXT  O N N 247 
SER H    H N N 248 
SER H2   H N N 249 
SER HA   H N N 250 
SER HB2  H N N 251 
SER HB3  H N N 252 
SER HG   H N N 253 
SER HXT  H N N 254 
THR N    N N N 255 
THR CA   C N S 256 
THR C    C N N 257 
THR O    O N N 258 
THR CB   C N R 259 
THR OG1  O N N 260 
THR CG2  C N N 261 
THR OXT  O N N 262 
THR H    H N N 263 
THR H2   H N N 264 
THR HA   H N N 265 
THR HB   H N N 266 
THR HG1  H N N 267 
THR HG21 H N N 268 
THR HG22 H N N 269 
THR HG23 H N N 270 
THR HXT  H N N 271 
# 
loop_
_chem_comp_bond.comp_id 
_chem_comp_bond.atom_id_1 
_chem_comp_bond.atom_id_2 
_chem_comp_bond.value_order 
_chem_comp_bond.pdbx_aromatic_flag 
_chem_comp_bond.pdbx_stereo_config 
_chem_comp_bond.pdbx_ordinal 
ALA N   CA   sing N N 1   
ALA N   H    sing N N 2   
ALA N   H2   sing N N 3   
ALA CA  C    sing N N 4   
ALA CA  CB   sing N N 5   
ALA CA  HA   sing N N 6   
ALA C   O    doub N N 7   
ALA C   OXT  sing N N 8   
ALA CB  HB1  sing N N 9   
ALA CB  HB2  sing N N 10  
ALA CB  HB3  sing N N 11  
ALA OXT HXT  sing N N 12  
ARG N   CA   sing N N 13  
ARG N   H    sing N N 14  
ARG N   H2   sing N N 15  
ARG CA  C    sing N N 16  
ARG CA  CB   sing N N 17  
ARG CA  HA   sing N N 18  
ARG C   O    doub N N 19  
ARG C   OXT  sing N N 20  
ARG CB  CG   sing N N 21  
ARG CB  HB2  sing N N 22  
ARG CB  HB3  sing N N 23  
ARG CG  CD   sing N N 24  
ARG CG  HG2  sing N N 25  
ARG CG  HG3  sing N N 26  
ARG CD  NE   sing N N 27  
ARG CD  HD2  sing N N 28  
ARG CD  HD3  sing N N 29  
ARG NE  CZ   sing N N 30  
ARG NE  HE   sing N N 31  
ARG CZ  NH1  sing N N 32  
ARG CZ  NH2  doub N N 33  
ARG NH1 HH11 sing N N 34  
ARG NH1 HH12 sing N N 35  
ARG NH2 HH21 sing N N 36  
ARG NH2 HH22 sing N N 37  
ARG OXT HXT  sing N N 38  
ASN N   CA   sing N N 39  
ASN N   H    sing N N 40  
ASN N   H2   sing N N 41  
ASN CA  C    sing N N 42  
ASN CA  CB   sing N N 43  
ASN CA  HA   sing N N 44  
ASN C   O    doub N N 45  
ASN C   OXT  sing N N 46  
ASN CB  CG   sing N N 47  
ASN CB  HB2  sing N N 48  
ASN CB  HB3  sing N N 49  
ASN CG  OD1  doub N N 50  
ASN CG  ND2  sing N N 51  
ASN ND2 HD21 sing N N 52  
ASN ND2 HD22 sing N N 53  
ASN OXT HXT  sing N N 54  
ASP N   CA   sing N N 55  
ASP N   H    sing N N 56  
ASP N   H2   sing N N 57  
ASP CA  C    sing N N 58  
ASP CA  CB   sing N N 59  
ASP CA  HA   sing N N 60  
ASP C   O    doub N N 61  
ASP C   OXT  sing N N 62  
ASP CB  CG   sing N N 63  
ASP CB  HB2  sing N N 64  
ASP CB  HB3  sing N N 65  
ASP CG  OD1  doub N N 66  
ASP CG  OD2  sing N N 67  
ASP OD2 HD2  sing N N 68  
ASP OXT HXT  sing N N 69  
CYS N   CA   sing N N 70  
CYS N   H    sing N N 71  
CYS N   H2   sing N N 72  
CYS CA  C    sing N N 73  
CYS CA  CB   sing N N 74  
CYS CA  HA   sing N N 75  
CYS C   O    doub N N 76  
CYS C   OXT  sing N N 77  
CYS CB  SG   sing N N 78  
CYS CB  HB2  sing N N 79  
CYS CB  HB3  sing N N 80  
CYS SG  HG   sing N N 81  
CYS OXT HXT  sing N N 82  
GLN N   CA   sing N N 83  
GLN N   H    sing N N 84  
GLN N   H2   sing N N 85  
GLN CA  C    sing N N 86  
GLN CA  CB   sing N N 87  
GLN CA  HA   sing N N 88  
GLN C   O    doub N N 89  
GLN C   OXT  sing N N 90  
GLN CB  CG   sing N N 91  
GLN CB  HB2  sing N N 92  
GLN CB  HB3  sing N N 93  
GLN CG  CD   sing N N 94  
GLN CG  HG2  sing N N 95  
GLN CG  HG3  sing N N 96  
GLN CD  OE1  doub N N 97  
GLN CD  NE2  sing N N 98  
GLN NE2 HE21 sing N N 99  
GLN NE2 HE22 sing N N 100 
GLN OXT HXT  sing N N 101 
GLU N   CA   sing N N 102 
GLU N   H    sing N N 103 
GLU N   H2   sing N N 104 
GLU CA  C    sing N N 105 
GLU CA  CB   sing N N 106 
GLU CA  HA   sing N N 107 
GLU C   O    doub N N 108 
GLU C   OXT  sing N N 109 
GLU CB  CG   sing N N 110 
GLU CB  HB2  sing N N 111 
GLU CB  HB3  sing N N 112 
GLU CG  CD   sing N N 113 
GLU CG  HG2  sing N N 114 
GLU CG  HG3  sing N N 115 
GLU CD  OE1  doub N N 116 
GLU CD  OE2  sing N N 117 
GLU OE2 HE2  sing N N 118 
GLU OXT HXT  sing N N 119 
GLY N   CA   sing N N 120 
GLY N   H    sing N N 121 
GLY N   H2   sing N N 122 
GLY CA  C    sing N N 123 
GLY CA  HA2  sing N N 124 
GLY CA  HA3  sing N N 125 
GLY C   O    doub N N 126 
GLY C   OXT  sing N N 127 
GLY OXT HXT  sing N N 128 
GOL C1  O1   sing N N 129 
GOL C1  C2   sing N N 130 
GOL C1  H11  sing N N 131 
GOL C1  H12  sing N N 132 
GOL O1  HO1  sing N N 133 
GOL C2  O2   sing N N 134 
GOL C2  C3   sing N N 135 
GOL C2  H2   sing N N 136 
GOL O2  HO2  sing N N 137 
GOL C3  O3   sing N N 138 
GOL C3  H31  sing N N 139 
GOL C3  H32  sing N N 140 
GOL O3  HO3  sing N N 141 
HOH O   H1   sing N N 142 
HOH O   H2   sing N N 143 
LEU N   CA   sing N N 144 
LEU N   H    sing N N 145 
LEU N   H2   sing N N 146 
LEU CA  C    sing N N 147 
LEU CA  CB   sing N N 148 
LEU CA  HA   sing N N 149 
LEU C   O    doub N N 150 
LEU C   OXT  sing N N 151 
LEU CB  CG   sing N N 152 
LEU CB  HB2  sing N N 153 
LEU CB  HB3  sing N N 154 
LEU CG  CD1  sing N N 155 
LEU CG  CD2  sing N N 156 
LEU CG  HG   sing N N 157 
LEU CD1 HD11 sing N N 158 
LEU CD1 HD12 sing N N 159 
LEU CD1 HD13 sing N N 160 
LEU CD2 HD21 sing N N 161 
LEU CD2 HD22 sing N N 162 
LEU CD2 HD23 sing N N 163 
LEU OXT HXT  sing N N 164 
LYS N   CA   sing N N 165 
LYS N   H    sing N N 166 
LYS N   H2   sing N N 167 
LYS CA  C    sing N N 168 
LYS CA  CB   sing N N 169 
LYS CA  HA   sing N N 170 
LYS C   O    doub N N 171 
LYS C   OXT  sing N N 172 
LYS CB  CG   sing N N 173 
LYS CB  HB2  sing N N 174 
LYS CB  HB3  sing N N 175 
LYS CG  CD   sing N N 176 
LYS CG  HG2  sing N N 177 
LYS CG  HG3  sing N N 178 
LYS CD  CE   sing N N 179 
LYS CD  HD2  sing N N 180 
LYS CD  HD3  sing N N 181 
LYS CE  NZ   sing N N 182 
LYS CE  HE2  sing N N 183 
LYS CE  HE3  sing N N 184 
LYS NZ  HZ1  sing N N 185 
LYS NZ  HZ2  sing N N 186 
LYS NZ  HZ3  sing N N 187 
LYS OXT HXT  sing N N 188 
PHE N   CA   sing N N 189 
PHE N   H    sing N N 190 
PHE N   H2   sing N N 191 
PHE CA  C    sing N N 192 
PHE CA  CB   sing N N 193 
PHE CA  HA   sing N N 194 
PHE C   O    doub N N 195 
PHE C   OXT  sing N N 196 
PHE CB  CG   sing N N 197 
PHE CB  HB2  sing N N 198 
PHE CB  HB3  sing N N 199 
PHE CG  CD1  doub Y N 200 
PHE CG  CD2  sing Y N 201 
PHE CD1 CE1  sing Y N 202 
PHE CD1 HD1  sing N N 203 
PHE CD2 CE2  doub Y N 204 
PHE CD2 HD2  sing N N 205 
PHE CE1 CZ   doub Y N 206 
PHE CE1 HE1  sing N N 207 
PHE CE2 CZ   sing Y N 208 
PHE CE2 HE2  sing N N 209 
PHE CZ  HZ   sing N N 210 
PHE OXT HXT  sing N N 211 
PRO N   CA   sing N N 212 
PRO N   CD   sing N N 213 
PRO N   H    sing N N 214 
PRO CA  C    sing N N 215 
PRO CA  CB   sing N N 216 
PRO CA  HA   sing N N 217 
PRO C   O    doub N N 218 
PRO C   OXT  sing N N 219 
PRO CB  CG   sing N N 220 
PRO CB  HB2  sing N N 221 
PRO CB  HB3  sing N N 222 
PRO CG  CD   sing N N 223 
PRO CG  HG2  sing N N 224 
PRO CG  HG3  sing N N 225 
PRO CD  HD2  sing N N 226 
PRO CD  HD3  sing N N 227 
PRO OXT HXT  sing N N 228 
SER N   CA   sing N N 229 
SER N   H    sing N N 230 
SER N   H2   sing N N 231 
SER CA  C    sing N N 232 
SER CA  CB   sing N N 233 
SER CA  HA   sing N N 234 
SER C   O    doub N N 235 
SER C   OXT  sing N N 236 
SER CB  OG   sing N N 237 
SER CB  HB2  sing N N 238 
SER CB  HB3  sing N N 239 
SER OG  HG   sing N N 240 
SER OXT HXT  sing N N 241 
THR N   CA   sing N N 242 
THR N   H    sing N N 243 
THR N   H2   sing N N 244 
THR CA  C    sing N N 245 
THR CA  CB   sing N N 246 
THR CA  HA   sing N N 247 
THR C   O    doub N N 248 
THR C   OXT  sing N N 249 
THR CB  OG1  sing N N 250 
THR CB  CG2  sing N N 251 
THR CB  HB   sing N N 252 
THR OG1 HG1  sing N N 253 
THR CG2 HG21 sing N N 254 
THR CG2 HG22 sing N N 255 
THR CG2 HG23 sing N N 256 
THR OXT HXT  sing N N 257 
# 
_pdbx_audit_support.funding_organization   'Not funded' 
_pdbx_audit_support.country                ? 
_pdbx_audit_support.grant_number           ? 
_pdbx_audit_support.ordinal                1 
# 
_pdbx_initial_refinement_model.id               1 
_pdbx_initial_refinement_model.entity_id_list   ? 
_pdbx_initial_refinement_model.type             'experimental model' 
_pdbx_initial_refinement_model.source_name      PDB 
_pdbx_initial_refinement_model.accession_code   1GL1 
_pdbx_initial_refinement_model.details          ? 
# 
_atom_sites.entry_id                    7SLT 
_atom_sites.Cartn_transf_matrix[1][1]   ? 
_atom_sites.Cartn_transf_matrix[1][2]   ? 
_atom_sites.Cartn_transf_matrix[1][3]   ? 
_atom_sites.Cartn_transf_matrix[2][1]   ? 
_atom_sites.Cartn_transf_matrix[2][2]   ? 
_atom_sites.Cartn_transf_matrix[2][3]   ? 
_atom_sites.Cartn_transf_matrix[3][1]   ? 
_atom_sites.Cartn_transf_matrix[3][2]   ? 
_atom_sites.Cartn_transf_matrix[3][3]   ? 
_atom_sites.Cartn_transf_vector[1]      ? 
_atom_sites.Cartn_transf_vector[2]      ? 
_atom_sites.Cartn_transf_vector[3]      ? 
_atom_sites.fract_transf_matrix[1][1]   -0.01437140 
_atom_sites.fract_transf_matrix[1][2]   -0.02441099 
_atom_sites.fract_transf_matrix[1][3]   0.01303036 
_atom_sites.fract_transf_matrix[2][1]   -0.00285261 
_atom_sites.fract_transf_matrix[2][2]   0.00812929 
_atom_sites.fract_transf_matrix[2][3]   0.01208316 
_atom_sites.fract_transf_matrix[3][1]   -0.02034675 
_atom_sites.fract_transf_matrix[3][2]   0.00051125 
_atom_sites.fract_transf_matrix[3][3]   -0.00514745 
_atom_sites.fract_transf_vector[1]      -1.500204 
_atom_sites.fract_transf_vector[2]      -0.109474 
_atom_sites.fract_transf_vector[3]      1.256566 
_atom_sites.solution_primary            ? 
_atom_sites.solution_secondary          ? 
_atom_sites.solution_hydrogens          ? 
_atom_sites.special_details             ? 
# 
loop_
_atom_type.symbol 
C 
N 
O 
S 
# 
loop_
_atom_site.group_PDB 
_atom_site.id 
_atom_site.type_symbol 
_atom_site.label_atom_id 
_atom_site.label_alt_id 
_atom_site.label_comp_id 
_atom_site.label_asym_id 
_atom_site.label_entity_id 
_atom_site.label_seq_id 
_atom_site.pdbx_PDB_ins_code 
_atom_site.Cartn_x 
_atom_site.Cartn_y 
_atom_site.Cartn_z 
_atom_site.occupancy 
_atom_site.B_iso_or_equiv 
_atom_site.pdbx_formal_charge 
_atom_site.auth_seq_id 
_atom_site.auth_comp_id 
_atom_site.auth_asym_id 
_atom_site.auth_atom_id 
_atom_site.pdbx_PDB_model_num 
ATOM   1   N N   . GLY A 1 1  ? -15.222 -0.637  -11.857 1.00 77.83 ? -1  GLY A N   1 
ATOM   2   C CA  . GLY A 1 1  ? -13.780 -0.351  -11.563 1.00 79.91 ? -1  GLY A CA  1 
ATOM   3   C C   . GLY A 1 1  ? -13.161 -1.367  -10.612 1.00 81.20 ? -1  GLY A C   1 
ATOM   4   O O   . GLY A 1 1  ? -13.827 -2.385  -10.322 1.00 81.04 ? -1  GLY A O   1 
ATOM   5   N N   . SER A 1 2  ? -11.938 -1.088  -10.137 1.00 77.34 ? 0   SER A N   1 
ATOM   6   C CA  . SER A 1 2  ? -10.986 -2.070  -9.546  1.00 75.28 ? 0   SER A CA  1 
ATOM   7   C C   . SER A 1 2  ? -10.543 -1.669  -8.128  1.00 67.32 ? 0   SER A C   1 
ATOM   8   O O   . SER A 1 2  ? -9.683  -2.369  -7.570  1.00 74.66 ? 0   SER A O   1 
ATOM   9   C CB  . SER A 1 2  ? -9.780  -2.254  -10.455 1.00 74.54 ? 0   SER A CB  1 
ATOM   10  O OG  . SER A 1 2  ? -10.132 -2.931  -11.655 1.00 75.71 ? 0   SER A OG  1 
ATOM   11  N N   . SER A 1 3  ? -11.078 -0.586  -7.562  1.00 56.68 ? 1   SER A N   1 
ATOM   12  C CA  . SER A 1 3  ? -10.864 -0.219  -6.138  1.00 56.28 ? 1   SER A CA  1 
ATOM   13  C C   . SER A 1 3  ? -11.955 -0.865  -5.280  1.00 50.68 ? 1   SER A C   1 
ATOM   14  O O   . SER A 1 3  ? -11.644 -1.340  -4.173  1.00 52.58 ? 1   SER A O   1 
ATOM   15  C CB  . SER A 1 3  ? -10.829 1.266   -5.950  1.00 58.34 ? 1   SER A CB  1 
ATOM   16  O OG  . SER A 1 3  ? -10.653 1.589   -4.581  1.00 61.26 ? 1   SER A OG  1 
ATOM   17  N N   . CYS A 1 4  ? -13.193 -0.883  -5.779  1.00 38.65 ? 2   CYS A N   1 
ATOM   18  C CA  . CYS A 1 4  ? -14.312 -1.613  -5.147  1.00 36.05 ? 2   CYS A CA  1 
ATOM   19  C C   . CYS A 1 4  ? -15.216 -2.147  -6.264  1.00 33.53 ? 2   CYS A C   1 
ATOM   20  O O   . CYS A 1 4  ? -15.115 -1.649  -7.402  1.00 33.43 ? 2   CYS A O   1 
ATOM   21  C CB  . CYS A 1 4  ? -15.022 -0.705  -4.147  1.00 32.19 ? 2   CYS A CB  1 
ATOM   22  S SG  . CYS A 1 4  ? -15.500 0.905   -4.832  1.00 31.98 ? 2   CYS A SG  1 
ATOM   23  N N   . GLU A 1 5  ? -16.082 -3.100  -5.952  1.00 34.34 ? 3   GLU A N   1 
ATOM   24  C CA  . GLU A 1 5  ? -17.105 -3.600  -6.903  1.00 40.24 ? 3   GLU A CA  1 
ATOM   25  C C   . GLU A 1 5  ? -18.336 -2.701  -6.858  1.00 39.18 ? 3   GLU A C   1 
ATOM   26  O O   . GLU A 1 5  ? -18.927 -2.524  -5.783  1.00 37.50 ? 3   GLU A O   1 
ATOM   27  C CB  . GLU A 1 5  ? -17.476 -5.037  -6.553  1.00 47.35 ? 3   GLU A CB  1 
ATOM   28  C CG  . GLU A 1 5  ? -16.525 -6.065  -7.125  1.00 55.79 ? 3   GLU A CG  1 
ATOM   29  C CD  . GLU A 1 5  ? -16.739 -7.447  -6.538  1.00 61.31 ? 3   GLU A CD  1 
ATOM   30  O OE1 . GLU A 1 5  ? -15.924 -8.352  -6.834  1.00 68.18 ? 3   GLU A OE1 1 
ATOM   31  O OE2 . GLU A 1 5  ? -17.727 -7.609  -5.786  1.00 62.48 ? 3   GLU A OE2 1 
ATOM   32  N N   . PRO A 1 6  ? -18.759 -2.115  -8.007  1.00 39.77 ? 4   PRO A N   1 
ATOM   33  C CA  . PRO A 1 6  ? -19.971 -1.293  -8.063  1.00 41.77 ? 4   PRO A CA  1 
ATOM   34  C C   . PRO A 1 6  ? -21.178 -1.880  -7.311  1.00 43.27 ? 4   PRO A C   1 
ATOM   35  O O   . PRO A 1 6  ? -21.524 -3.029  -7.533  1.00 43.42 ? 4   PRO A O   1 
ATOM   36  C CB  . PRO A 1 6  ? -20.252 -1.201  -9.576  1.00 40.47 ? 4   PRO A CB  1 
ATOM   37  C CG  . PRO A 1 6  ? -18.864 -1.199  -10.180 1.00 42.71 ? 4   PRO A CG  1 
ATOM   38  C CD  . PRO A 1 6  ? -18.060 -2.145  -9.304  1.00 40.77 ? 4   PRO A CD  1 
ATOM   39  N N   . GLY A 1 7  ? -21.765 -1.078  -6.423  1.00 36.84 ? 5   GLY A N   1 
ATOM   40  C CA  . GLY A 1 7  ? -22.996 -1.400  -5.680  1.00 35.87 ? 5   GLY A CA  1 
ATOM   41  C C   . GLY A 1 7  ? -22.764 -2.214  -4.419  1.00 34.89 ? 5   GLY A C   1 
ATOM   42  O O   . GLY A 1 7  ? -23.728 -2.338  -3.642  1.00 39.35 ? 5   GLY A O   1 
ATOM   43  N N   . ARG A 1 8  ? -21.557 -2.745  -4.216  1.00 33.15 ? 6   ARG A N   1 
ATOM   44  C CA  . ARG A 1 8  ? -21.138 -3.457  -2.973  1.00 34.96 ? 6   ARG A CA  1 
ATOM   45  C C   . ARG A 1 8  ? -20.744 -2.449  -1.884  1.00 32.25 ? 6   ARG A C   1 
ATOM   46  O O   . ARG A 1 8  ? -20.119 -1.395  -2.206  1.00 28.52 ? 6   ARG A O   1 
ATOM   47  C CB  . ARG A 1 8  ? -19.942 -4.385  -3.205  1.00 35.63 ? 6   ARG A CB  1 
ATOM   48  C CG  . ARG A 1 8  ? -20.287 -5.742  -3.810  1.00 44.07 ? 6   ARG A CG  1 
ATOM   49  C CD  . ARG A 1 8  ? -21.735 -5.891  -4.220  1.00 44.69 ? 6   ARG A CD  1 
ATOM   50  N N   . THR A 1 9  ? -21.029 -2.797  -0.634  1.00 30.17 ? 7   THR A N   1 
ATOM   51  C CA  . THR A 1 9  ? -20.559 -2.052  0.565   1.00 35.01 ? 7   THR A CA  1 
ATOM   52  C C   . THR A 1 9  ? -19.215 -2.640  0.975   1.00 34.53 ? 7   THR A C   1 
ATOM   53  O O   . THR A 1 9  ? -18.997 -3.841  0.749   1.00 37.23 ? 7   THR A O   1 
ATOM   54  C CB  . THR A 1 9  ? -21.589 -2.069  1.703   1.00 37.17 ? 7   THR A CB  1 
ATOM   55  O OG1 . THR A 1 9  ? -21.706 -3.405  2.176   1.00 42.28 ? 7   THR A OG1 1 
ATOM   56  C CG2 . THR A 1 9  ? -22.934 -1.558  1.254   1.00 42.20 ? 7   THR A CG2 1 
ATOM   57  N N   . PHE A 1 10 ? -18.322 -1.809  1.499   1.00 34.08 ? 8   PHE A N   1 
ATOM   58  C CA  . PHE A 1 10 ? -16.991 -2.231  1.996   1.00 32.22 ? 8   PHE A CA  1 
ATOM   59  C C   . PHE A 1 10 ? -16.567 -1.286  3.131   1.00 33.34 ? 8   PHE A C   1 
ATOM   60  O O   . PHE A 1 10 ? -17.089 -0.147  3.232   1.00 27.13 ? 8   PHE A O   1 
ATOM   61  C CB  . PHE A 1 10 ? -15.973 -2.244  0.847   1.00 32.58 ? 8   PHE A CB  1 
ATOM   62  C CG  . PHE A 1 10 ? -15.714 -0.888  0.228   1.00 33.93 ? 8   PHE A CG  1 
ATOM   63  C CD1 . PHE A 1 10 ? -16.537 -0.381  -0.768  1.00 33.60 ? 8   PHE A CD1 1 
ATOM   64  C CD2 . PHE A 1 10 ? -14.615 -0.138  0.611   1.00 33.56 ? 8   PHE A CD2 1 
ATOM   65  C CE1 . PHE A 1 10 ? -16.295 0.864   -1.332  1.00 32.47 ? 8   PHE A CE1 1 
ATOM   66  C CE2 . PHE A 1 10 ? -14.378 1.107   0.056   1.00 34.66 ? 8   PHE A CE2 1 
ATOM   67  C CZ  . PHE A 1 10 ? -15.214 1.604   -0.914  1.00 34.21 ? 8   PHE A CZ  1 
ATOM   68  N N   . ASP A 1 11 ? -15.687 -1.784  3.994   1.00 32.74 ? 9   ASP A N   1 
ATOM   69  C CA  . ASP A 1 11 ? -15.232 -1.114  5.237   1.00 35.63 ? 9   ASP A CA  1 
ATOM   70  C C   . ASP A 1 11 ? -13.868 -0.495  4.946   1.00 33.36 ? 9   ASP A C   1 
ATOM   71  O O   . ASP A 1 11 ? -13.095 -1.072  4.182   1.00 29.08 ? 9   ASP A O   1 
ATOM   72  C CB  . ASP A 1 11 ? -15.215 -2.068  6.439   1.00 37.86 ? 9   ASP A CB  1 
ATOM   73  C CG  . ASP A 1 11 ? -16.601 -2.393  6.985   1.00 45.54 ? 9   ASP A CG  1 
ATOM   74  O OD1 . ASP A 1 11 ? -17.548 -1.647  6.666   1.00 44.07 ? 9   ASP A OD1 1 
ATOM   75  O OD2 . ASP A 1 11 ? -16.727 -3.390  7.733   1.00 51.34 ? 9   ASP A OD2 1 
ATOM   76  N N   . ARG A 1 12 ? -13.647 0.702   5.458   1.00 27.14 ? 10  ARG A N   1 
ATOM   77  C CA  . ARG A 1 12 ? -12.408 1.443   5.254   1.00 27.69 ? 10  ARG A CA  1 
ATOM   78  C C   . ARG A 1 12 ? -12.111 2.116   6.573   1.00 25.69 ? 10  ARG A C   1 
ATOM   79  O O   . ARG A 1 12 ? -12.956 2.870   7.033   1.00 25.58 ? 10  ARG A O   1 
ATOM   80  C CB  . ARG A 1 12 ? -12.529 2.483   4.146   1.00 33.36 ? 10  ARG A CB  1 
ATOM   81  C CG  . ARG A 1 12 ? -11.200 3.017   3.654   1.00 36.82 ? 10  ARG A CG  1 
ATOM   82  C CD  . ARG A 1 12 ? -10.814 2.238   2.425   1.00 44.24 ? 10  ARG A CD  1 
ATOM   83  N NE  . ARG A 1 12 ? -9.720  2.878   1.722   1.00 46.26 ? 10  ARG A NE  1 
ATOM   84  C CZ  . ARG A 1 12 ? -8.716  2.245   1.124   1.00 46.49 ? 10  ARG A CZ  1 
ATOM   85  N NH1 . ARG A 1 12 ? -7.804  2.968   0.505   1.00 43.36 ? 10  ARG A NH1 1 
ATOM   86  N NH2 . ARG A 1 12 ? -8.624  0.916   1.144   1.00 43.05 ? 10  ARG A NH2 1 
ATOM   87  N N   . CYS A 1 13 ? -10.917 1.877   7.105   1.00 25.09 ? 11  CYS A N   1 
ATOM   88  C CA  . CYS A 1 13 ? -10.487 2.390   8.430   1.00 26.33 ? 11  CYS A CA  1 
ATOM   89  C C   . CYS A 1 13 ? -9.201  3.201   8.282   1.00 25.10 ? 11  CYS A C   1 
ATOM   90  O O   . CYS A 1 13 ? -8.400  2.917   7.356   1.00 24.85 ? 11  CYS A O   1 
ATOM   91  C CB  . CYS A 1 13 ? -10.362 1.249   9.429   1.00 27.99 ? 11  CYS A CB  1 
ATOM   92  S SG  . CYS A 1 13 ? -11.946 0.394   9.646   1.00 34.05 ? 11  CYS A SG  1 
ATOM   93  N N   . ASN A 1 14 ? -9.067  4.216   9.134   1.00 24.01 ? 12  ASN A N   1 
ATOM   94  C CA  . ASN A 1 14 ? -8.025  5.261   9.025   1.00 29.86 ? 12  ASN A CA  1 
ATOM   95  C C   . ASN A 1 14 ? -7.470  5.489   10.422  1.00 29.57 ? 12  ASN A C   1 
ATOM   96  O O   . ASN A 1 14 ? -8.202  5.281   11.400  1.00 30.43 ? 12  ASN A O   1 
ATOM   97  C CB  . ASN A 1 14 ? -8.534  6.616   8.502   1.00 31.72 ? 12  ASN A CB  1 
ATOM   98  C CG  . ASN A 1 14 ? -9.498  6.538   7.330   1.00 37.67 ? 12  ASN A CG  1 
ATOM   99  O OD1 . ASN A 1 14 ? -10.553 7.168   7.355   1.00 47.56 ? 12  ASN A OD1 1 
ATOM   100 N ND2 . ASN A 1 14 ? -9.154  5.798   6.285   1.00 40.75 ? 12  ASN A ND2 1 
ATOM   101 N N   . THR A 1 15 ? -6.255  5.997   10.493  1.00 24.25 ? 13  THR A N   1 
ATOM   102 C CA  . THR A 1 15 ? -5.703  6.551   11.727  1.00 26.98 ? 13  THR A CA  1 
ATOM   103 C C   . THR A 1 15 ? -5.201  7.951   11.387  1.00 24.37 ? 13  THR A C   1 
ATOM   104 O O   . THR A 1 15 ? -4.564  8.127   10.357  1.00 25.52 ? 13  THR A O   1 
ATOM   105 C CB  . THR A 1 15 ? -4.690  5.586   12.347  1.00 28.85 ? 13  THR A CB  1 
ATOM   106 O OG1 . THR A 1 15 ? -4.364  6.204   13.583  1.00 30.75 ? 13  THR A OG1 1 
ATOM   107 C CG2 . THR A 1 15 ? -3.451  5.348   11.516  1.00 30.06 ? 13  THR A CG2 1 
ATOM   108 N N   . CYS A 1 16 ? -5.555  8.905   12.218  1.00 24.57 ? 14  CYS A N   1 
ATOM   109 C CA  . CYS A 1 16 ? -5.386  10.353  11.940  1.00 23.24 ? 14  CYS A CA  1 
ATOM   110 C C   . CYS A 1 16 ? -4.659  10.995  13.121  1.00 24.92 ? 14  CYS A C   1 
ATOM   111 O O   . CYS A 1 16 ? -4.869  10.556  14.269  1.00 23.64 ? 14  CYS A O   1 
ATOM   112 C CB  . CYS A 1 16 ? -6.744  10.998  11.707  1.00 24.94 ? 14  CYS A CB  1 
ATOM   113 S SG  . CYS A 1 16 ? -7.609  10.307  10.275  0.98 23.78 ? 14  CYS A SG  1 
ATOM   114 N N   . ARG A 1 17 ? -3.868  12.021  12.852  1.00 23.32 ? 15  ARG A N   1 
ATOM   115 C CA  . ARG A 1 17 ? -3.561  13.065  13.850  1.00 24.05 ? 15  ARG A CA  1 
ATOM   116 C C   . ARG A 1 17 ? -4.121  14.407  13.369  1.00 22.91 ? 15  ARG A C   1 
ATOM   117 O O   . ARG A 1 17 ? -3.870  14.813  12.220  1.00 21.32 ? 15  ARG A O   1 
ATOM   118 C CB  . ARG A 1 17 ? -2.057  13.146  14.121  1.00 23.84 ? 15  ARG A CB  1 
ATOM   119 C CG  . ARG A 1 17 ? -1.734  13.928  15.379  1.00 26.95 ? 15  ARG A CG  1 
ATOM   120 C CD  . ARG A 1 17 ? -0.238  13.874  15.643  1.00 28.89 ? 15  ARG A CD  1 
ATOM   121 N NE  . ARG A 1 17 ? 0.177   12.536  16.043  1.00 24.97 ? 15  ARG A NE  1 
ATOM   122 C CZ  . ARG A 1 17 ? -0.013  12.035  17.254  1.00 26.06 ? 15  ARG A CZ  1 
ATOM   123 N NH1 . ARG A 1 17 ? -0.609  12.754  18.191  1.00 26.60 ? 15  ARG A NH1 1 
ATOM   124 N NH2 . ARG A 1 17 ? 0.417   10.822  17.544  1.00 27.97 ? 15  ARG A NH2 1 
ATOM   125 N N   . CYS A 1 18 ? -4.828  15.078  14.264  1.00 24.88 ? 16  CYS A N   1 
ATOM   126 C CA  . CYS A 1 18 ? -5.510  16.371  14.055  1.00 23.36 ? 16  CYS A CA  1 
ATOM   127 C C   . CYS A 1 18 ? -4.495  17.514  13.992  1.00 25.00 ? 16  CYS A C   1 
ATOM   128 O O   . CYS A 1 18 ? -3.590  17.573  14.853  1.00 25.34 ? 16  CYS A O   1 
ATOM   129 C CB  . CYS A 1 18 ? -6.491  16.535  15.191  1.00 24.23 ? 16  CYS A CB  1 
ATOM   130 S SG  . CYS A 1 18 ? -7.567  17.965  15.027  0.79 20.89 ? 16  CYS A SG  1 
ATOM   131 N N   . GLY A 1 19 ? -4.667  18.411  13.025  1.00 26.29 ? 17  GLY A N   1 
ATOM   132 C CA  . GLY A 1 19 ? -3.855  19.626  12.877  1.00 26.61 ? 17  GLY A CA  1 
ATOM   133 C C   . GLY A 1 19 ? -4.159  20.645  13.960  1.00 27.79 ? 17  GLY A C   1 
ATOM   134 O O   . GLY A 1 19 ? -5.197  20.489  14.668  1.00 22.48 ? 17  GLY A O   1 
ATOM   135 N N   . ALA A 1 20 ? -3.313  21.684  14.060  1.00 27.98 ? 18  ALA A N   1 
ATOM   136 C CA  . ALA A 1 20 ? -3.447  22.776  15.059  1.00 28.31 ? 18  ALA A CA  1 
ATOM   137 C C   . ALA A 1 20 ? -4.842  23.425  14.985  1.00 29.90 ? 18  ALA A C   1 
ATOM   138 O O   . ALA A 1 20 ? -5.333  23.838  16.049  1.00 29.02 ? 18  ALA A O   1 
ATOM   139 C CB  . ALA A 1 20 ? -2.361  23.823  14.876  1.00 27.22 ? 18  ALA A CB  1 
ATOM   140 N N   . ASP A 1 21 ? -5.447  23.536  13.795  1.00 31.42 ? 19  ASP A N   1 
ATOM   141 C CA  . ASP A 1 21 ? -6.699  24.312  13.581  1.00 33.23 ? 19  ASP A CA  1 
ATOM   142 C C   . ASP A 1 21 ? -7.918  23.507  14.039  1.00 32.83 ? 19  ASP A C   1 
ATOM   143 O O   . ASP A 1 21 ? -8.987  24.093  14.092  1.00 29.59 ? 19  ASP A O   1 
ATOM   144 C CB  . ASP A 1 21 ? -6.854  24.791  12.132  1.00 33.48 ? 19  ASP A CB  1 
ATOM   145 C CG  . ASP A 1 21 ? -7.052  23.728  11.059  1.00 34.61 ? 19  ASP A CG  1 
ATOM   146 O OD1 . ASP A 1 21 ? -7.299  22.536  11.384  1.00 37.31 ? 19  ASP A OD1 1 
ATOM   147 O OD2 . ASP A 1 21 ? -6.917  24.088  9.896   1.00 36.12 ? 19  ASP A OD2 1 
ATOM   148 N N   . GLY A 1 22 ? -7.762  22.234  14.392  1.00 32.91 ? 20  GLY A N   1 
ATOM   149 C CA  . GLY A 1 22 ? -8.883  21.387  14.833  1.00 34.35 ? 20  GLY A CA  1 
ATOM   150 C C   . GLY A 1 22 ? -9.896  21.158  13.719  1.00 33.59 ? 20  GLY A C   1 
ATOM   151 O O   . GLY A 1 22 ? -11.028 20.763  14.045  1.00 33.76 ? 20  GLY A O   1 
ATOM   152 N N   . ARG A 1 23 ? -9.524  21.431  12.470  1.00 29.51 ? 21  ARG A N   1 
ATOM   153 C CA  . ARG A 1 23 ? -10.413 21.347  11.280  1.00 36.49 ? 21  ARG A CA  1 
ATOM   154 C C   . ARG A 1 23 ? -9.731  20.545  10.169  1.00 33.06 ? 21  ARG A C   1 
ATOM   155 O O   . ARG A 1 23 ? -10.148 20.665  9.017   1.00 30.17 ? 21  ARG A O   1 
ATOM   156 C CB  . ARG A 1 23 ? -10.723 22.736  10.710  1.00 39.71 ? 21  ARG A CB  1 
ATOM   157 C CG  . ARG A 1 23 ? -11.590 23.613  11.601  1.00 43.85 ? 21  ARG A CG  1 
ATOM   158 C CD  . ARG A 1 23 ? -12.934 23.008  11.961  1.00 48.03 ? 21  ARG A CD  1 
ATOM   159 N NE  . ARG A 1 23 ? -13.979 24.022  12.015  1.00 53.95 ? 21  ARG A NE  1 
ATOM   160 C CZ  . ARG A 1 23 ? -15.262 23.797  12.304  1.00 62.01 ? 21  ARG A CZ  1 
ATOM   161 N NH1 . ARG A 1 23 ? -15.695 22.578  12.597  1.00 61.16 ? 21  ARG A NH1 1 
ATOM   162 N NH2 . ARG A 1 23 ? -16.113 24.809  12.304  1.00 67.16 ? 21  ARG A NH2 1 
ATOM   163 N N   . SER A 1 24 ? -8.664  19.822  10.474  1.00 29.68 ? 22  SER A N   1 
ATOM   164 C CA  . SER A 1 24 ? -7.851  19.117  9.458   1.00 28.56 ? 22  SER A CA  1 
ATOM   165 C C   . SER A 1 24 ? -7.051  18.022  10.156  1.00 28.30 ? 22  SER A C   1 
ATOM   166 O O   . SER A 1 24 ? -6.861  18.118  11.385  1.00 27.18 ? 22  SER A O   1 
ATOM   167 C CB  . SER A 1 24 ? -6.949  20.088  8.750   1.00 31.18 ? 22  SER A CB  1 
ATOM   168 O OG  . SER A 1 24 ? -5.998  20.617  9.666   1.00 29.70 ? 22  SER A OG  1 
ATOM   169 N N   . ALA A 1 25 ? -6.606  17.002  9.428   1.00 26.72 ? 23  ALA A N   1 
ATOM   170 C CA  . ALA A 1 25 ? -5.856  15.897  10.064  1.00 24.23 ? 23  ALA A CA  1 
ATOM   171 C C   . ALA A 1 25 ? -4.990  15.226  9.005   1.00 22.58 ? 23  ALA A C   1 
ATOM   172 O O   . ALA A 1 25 ? -5.347  15.307  7.847   1.00 22.89 ? 23  ALA A O   1 
ATOM   173 C CB  . ALA A 1 25 ? -6.842  14.960  10.702  1.00 24.40 ? 23  ALA A CB  1 
ATOM   174 N N   . ALA A 1 26 ? -3.881  14.621  9.415   1.00 22.30 ? 24  ALA A N   1 
ATOM   175 C CA  . ALA A 1 26 ? -3.035  13.782  8.555   1.00 21.57 ? 24  ALA A CA  1 
ATOM   176 C C   . ALA A 1 26 ? -3.385  12.347  8.899   1.00 21.60 ? 24  ALA A C   1 
ATOM   177 O O   . ALA A 1 26 ? -3.339  12.023  10.072  1.00 20.62 ? 24  ALA A O   1 
ATOM   178 C CB  . ALA A 1 26 ? -1.579  14.119  8.791   1.00 24.83 ? 24  ALA A CB  1 
ATOM   179 N N   . CYS A 1 27 ? -3.824  11.559  7.916   1.00 21.06 ? 25  CYS A N   1 
ATOM   180 C CA  . CYS A 1 27 ? -4.381  10.212  8.122   1.00 22.73 ? 25  CYS A CA  1 
ATOM   181 C C   . CYS A 1 27 ? -3.691  9.216   7.217   1.00 22.26 ? 25  CYS A C   1 
ATOM   182 O O   . CYS A 1 27 ? -3.136  9.586   6.159   1.00 20.03 ? 25  CYS A O   1 
ATOM   183 C CB  . CYS A 1 27 ? -5.868  10.116  7.800   1.00 21.60 ? 25  CYS A CB  1 
ATOM   184 S SG  . CYS A 1 27 ? -6.890  11.321  8.683   0.90 22.42 ? 25  CYS A SG  1 
ATOM   185 N N   . THR A 1 28 ? -3.739  7.975   7.657   1.00 27.35 ? 26  THR A N   1 
ATOM   186 C CA  . THR A 1 28 ? -3.288  6.831   6.857   1.00 28.95 ? 26  THR A CA  1 
ATOM   187 C C   . THR A 1 28 ? -4.258  5.674   7.047   1.00 26.01 ? 26  THR A C   1 
ATOM   188 O O   . THR A 1 28 ? -4.979  5.600   8.078   1.00 21.07 ? 26  THR A O   1 
ATOM   189 C CB  . THR A 1 28 ? -1.832  6.510   7.190   1.00 28.61 ? 26  THR A CB  1 
ATOM   190 O OG1 . THR A 1 28 ? -1.399  5.893   5.984   1.00 34.07 ? 26  THR A OG1 1 
ATOM   191 C CG2 . THR A 1 28 ? -1.661  5.646   8.419   1.00 27.65 ? 26  THR A CG2 1 
ATOM   192 N N   . LEU A 1 29 ? -4.219  4.787   6.062   1.00 30.76 ? 27  LEU A N   1 
ATOM   193 C CA  . LEU A 1 29 ? -5.027  3.547   6.016   1.00 33.37 ? 27  LEU A CA  1 
ATOM   194 C C   . LEU A 1 29 ? -4.595  2.618   7.154   1.00 37.41 ? 27  LEU A C   1 
ATOM   195 O O   . LEU A 1 29 ? -3.428  2.625   7.503   1.00 38.97 ? 27  LEU A O   1 
ATOM   196 C CB  . LEU A 1 29 ? -4.844  2.910   4.637   1.00 33.47 ? 27  LEU A CB  1 
ATOM   197 C CG  . LEU A 1 29 ? -6.001  2.037   4.174   1.00 37.47 ? 27  LEU A CG  1 
ATOM   198 C CD1 . LEU A 1 29 ? -7.294  2.847   4.105   1.00 39.22 ? 27  LEU A CD1 1 
ATOM   199 C CD2 . LEU A 1 29 ? -5.677  1.407   2.825   1.00 38.88 ? 27  LEU A CD2 1 
ATOM   200 N N   . ARG A 1 30 ? -5.551  1.953   7.793   1.00 37.51 ? 28  ARG A N   1 
ATOM   201 C CA  . ARG A 1 30 ? -5.273  0.843   8.724   1.00 39.80 ? 28  ARG A CA  1 
ATOM   202 C C   . ARG A 1 30 ? -6.330  -0.243  8.518   1.00 39.82 ? 28  ARG A C   1 
ATOM   203 O O   . ARG A 1 30 ? -7.417  0.045   7.931   1.00 32.56 ? 28  ARG A O   1 
ATOM   204 C CB  . ARG A 1 30 ? -5.222  1.332   10.173  1.00 39.71 ? 28  ARG A CB  1 
ATOM   205 C CG  . ARG A 1 30 ? -6.570  1.711   10.754  1.00 45.48 ? 28  ARG A CG  1 
ATOM   206 C CD  . ARG A 1 30 ? -6.430  1.912   12.247  1.00 52.03 ? 28  ARG A CD  1 
ATOM   207 N NE  . ARG A 1 30 ? -7.684  1.877   12.980  1.00 59.18 ? 28  ARG A NE  1 
ATOM   208 C CZ  . ARG A 1 30 ? -8.252  0.785   13.496  1.00 62.06 ? 28  ARG A CZ  1 
ATOM   209 N NH1 . ARG A 1 30 ? -9.387  0.898   14.162  1.00 64.66 ? 28  ARG A NH1 1 
ATOM   210 N NH2 . ARG A 1 30 ? -7.706  -0.409  13.341  1.00 65.44 ? 28  ARG A NH2 1 
ATOM   211 N N   . ALA A 1 31 ? -6.021  -1.443  9.006   1.00 37.55 ? 29  ALA A N   1 
ATOM   212 C CA  . ALA A 1 31 ? -6.910  -2.618  8.953   1.00 34.47 ? 29  ALA A CA  1 
ATOM   213 C C   . ALA A 1 31 ? -8.048  -2.374  9.941   1.00 34.35 ? 29  ALA A C   1 
ATOM   214 O O   . ALA A 1 31 ? -7.785  -1.846  11.032  1.00 33.21 ? 29  ALA A O   1 
ATOM   215 C CB  . ALA A 1 31 ? -6.117  -3.870  9.236   1.00 44.60 ? 29  ALA A CB  1 
ATOM   216 N N   . CYS A 1 32 ? -9.280  -2.606  9.482   1.00 32.66 ? 30  CYS A N   1 
ATOM   217 C CA  . CYS A 1 32 ? -10.552 -2.451  10.225  1.00 39.89 ? 30  CYS A CA  1 
ATOM   218 C C   . CYS A 1 32 ? -10.754 -3.547  11.266  1.00 47.33 ? 30  CYS A C   1 
ATOM   219 O O   . CYS A 1 32 ? -10.577 -4.719  10.956  1.00 49.40 ? 30  CYS A O   1 
ATOM   220 C CB  . CYS A 1 32 ? -11.709 -2.535  9.245   1.00 36.71 ? 30  CYS A CB  1 
ATOM   221 S SG  . CYS A 1 32 ? -11.832 -1.040  8.250   1.00 36.08 ? 30  CYS A SG  1 
ATOM   222 N N   . PRO A 1 33 ? -11.214 -3.222  12.497  1.00 59.44 ? 31  PRO A N   1 
ATOM   223 C CA  . PRO A 1 33 ? -11.361 -4.212  13.559  1.00 64.67 ? 31  PRO A CA  1 
ATOM   224 C C   . PRO A 1 33 ? -12.820 -4.649  13.762  1.00 72.21 ? 31  PRO A C   1 
ATOM   225 O O   . PRO A 1 33 ? -13.618 -3.903  14.340  1.00 82.94 ? 31  PRO A O   1 
ATOM   226 C CB  . PRO A 1 33 ? -10.810 -3.402  14.746  1.00 62.44 ? 31  PRO A CB  1 
ATOM   227 C CG  . PRO A 1 33 ? -11.187 -1.952  14.446  1.00 63.67 ? 31  PRO A CG  1 
ATOM   228 C CD  . PRO A 1 33 ? -11.597 -1.888  12.984  1.00 63.74 ? 31  PRO A CD  1 
ATOM   229 N N   . CYS B 1 4  ? 7.422   -3.622  7.807   1.00 51.29 ? 2   CYS B N   1 
ATOM   230 C CA  . CYS B 1 4  ? 6.472   -2.929  6.873   1.00 53.66 ? 2   CYS B CA  1 
ATOM   231 C C   . CYS B 1 4  ? 5.168   -2.585  7.611   1.00 51.68 ? 2   CYS B C   1 
ATOM   232 O O   . CYS B 1 4  ? 4.862   -3.262  8.609   1.00 54.10 ? 2   CYS B O   1 
ATOM   233 C CB  . CYS B 1 4  ? 6.172   -3.777  5.630   1.00 47.84 ? 2   CYS B CB  1 
ATOM   234 S SG  . CYS B 1 4  ? 5.801   -5.523  5.981   1.00 57.81 ? 2   CYS B SG  1 
ATOM   235 N N   . GLU B 1 5  ? 4.440   -1.585  7.097   1.00 55.43 ? 3   GLU B N   1 
ATOM   236 C CA  . GLU B 1 5  ? 3.078   -1.139  7.509   1.00 54.79 ? 3   GLU B CA  1 
ATOM   237 C C   . GLU B 1 5  ? 2.085   -2.296  7.434   1.00 56.09 ? 3   GLU B C   1 
ATOM   238 O O   . GLU B 1 5  ? 1.659   -2.670  6.342   1.00 59.66 ? 3   GLU B O   1 
ATOM   239 C CB  . GLU B 1 5  ? 2.603   -0.035  6.563   1.00 48.43 ? 3   GLU B CB  1 
ATOM   240 N N   . PRO B 1 6  ? 1.672   -2.892  8.578   1.00 58.48 ? 4   PRO B N   1 
ATOM   241 C CA  . PRO B 1 6  ? 0.772   -4.046  8.554   1.00 52.93 ? 4   PRO B CA  1 
ATOM   242 C C   . PRO B 1 6  ? -0.456  -3.875  7.641   1.00 52.87 ? 4   PRO B C   1 
ATOM   243 O O   . PRO B 1 6  ? -1.104  -2.857  7.700   1.00 50.95 ? 4   PRO B O   1 
ATOM   244 C CB  . PRO B 1 6  ? 0.349   -4.188  10.025  1.00 54.87 ? 4   PRO B CB  1 
ATOM   245 C CG  . PRO B 1 6  ? 1.537   -3.640  10.805  1.00 52.98 ? 4   PRO B CG  1 
ATOM   246 C CD  . PRO B 1 6  ? 2.076   -2.516  9.948   1.00 51.93 ? 4   PRO B CD  1 
ATOM   247 N N   . GLY B 1 7  ? -0.741  -4.886  6.814   1.00 50.72 ? 5   GLY B N   1 
ATOM   248 C CA  . GLY B 1 7  ? -1.906  -4.913  5.910   1.00 47.99 ? 5   GLY B CA  1 
ATOM   249 C C   . GLY B 1 7  ? -1.677  -4.236  4.559   1.00 45.82 ? 5   GLY B C   1 
ATOM   250 O O   . GLY B 1 7  ? -2.373  -4.645  3.602   1.00 40.87 ? 5   GLY B O   1 
ATOM   251 N N   . ARG B 1 8  ? -0.770  -3.251  4.463   1.00 44.33 ? 6   ARG B N   1 
ATOM   252 C CA  . ARG B 1 8  ? -0.654  -2.335  3.284   1.00 48.17 ? 6   ARG B CA  1 
ATOM   253 C C   . ARG B 1 8  ? 0.139   -3.016  2.157   1.00 45.56 ? 6   ARG B C   1 
ATOM   254 O O   . ARG B 1 8  ? 1.032   -3.812  2.465   1.00 39.21 ? 6   ARG B O   1 
ATOM   255 C CB  . ARG B 1 8  ? 0.025   -1.015  3.671   1.00 48.50 ? 6   ARG B CB  1 
ATOM   256 N N   . THR B 1 9  ? -0.189  -2.713  0.898   1.00 44.21 ? 7   THR B N   1 
ATOM   257 C CA  . THR B 1 9  ? 0.575   -3.150  -0.294  1.00 41.73 ? 7   THR B CA  1 
ATOM   258 C C   . THR B 1 9  ? 1.516   -2.021  -0.714  1.00 42.06 ? 7   THR B C   1 
ATOM   259 O O   . THR B 1 9  ? 1.100   -0.846  -0.671  1.00 41.71 ? 7   THR B O   1 
ATOM   260 C CB  . THR B 1 9  ? -0.333  -3.547  -1.454  1.00 47.17 ? 7   THR B CB  1 
ATOM   261 O OG1 . THR B 1 9  ? -0.510  -2.387  -2.260  1.00 55.11 ? 7   THR B OG1 1 
ATOM   262 C CG2 . THR B 1 9  ? -1.665  -4.105  -1.006  1.00 46.92 ? 7   THR B CG2 1 
ATOM   263 N N   . PHE B 1 10 ? 2.752   -2.363  -1.080  1.00 32.35 ? 8   PHE B N   1 
ATOM   264 C CA  . PHE B 1 10 ? 3.778   -1.389  -1.524  1.00 31.81 ? 8   PHE B CA  1 
ATOM   265 C C   . PHE B 1 10 ? 4.500   -1.959  -2.752  1.00 32.49 ? 8   PHE B C   1 
ATOM   266 O O   . PHE B 1 10 ? 4.622   -3.208  -2.893  1.00 27.62 ? 8   PHE B O   1 
ATOM   267 C CB  . PHE B 1 10 ? 4.738   -1.046  -0.378  1.00 34.93 ? 8   PHE B CB  1 
ATOM   268 C CG  . PHE B 1 10 ? 5.385   -2.240  0.264   1.00 31.68 ? 8   PHE B CG  1 
ATOM   269 C CD1 . PHE B 1 10 ? 4.693   -3.027  1.167   1.00 34.13 ? 8   PHE B CD1 1 
ATOM   270 C CD2 . PHE B 1 10 ? 6.687   -2.596  -0.060  1.00 35.46 ? 8   PHE B CD2 1 
ATOM   271 C CE1 . PHE B 1 10 ? 5.284   -4.157  1.717   1.00 33.50 ? 8   PHE B CE1 1 
ATOM   272 C CE2 . PHE B 1 10 ? 7.278   -3.715  0.505   1.00 32.81 ? 8   PHE B CE2 1 
ATOM   273 C CZ  . PHE B 1 10 ? 6.585   -4.483  1.406   1.00 33.88 ? 8   PHE B CZ  1 
ATOM   274 N N   . ASP B 1 11 ? 4.989   -1.059  -3.602  1.00 31.01 ? 9   ASP B N   1 
ATOM   275 C CA  . ASP B 1 11 ? 5.843   -1.420  -4.754  1.00 33.18 ? 9   ASP B CA  1 
ATOM   276 C C   . ASP B 1 11 ? 7.289   -1.352  -4.292  1.00 32.40 ? 9   ASP B C   1 
ATOM   277 O O   . ASP B 1 11 ? 7.640   -0.375  -3.604  1.00 34.25 ? 9   ASP B O   1 
ATOM   278 C CB  . ASP B 1 11 ? 5.573   -0.539  -5.965  1.00 34.50 ? 9   ASP B CB  1 
ATOM   279 C CG  . ASP B 1 11 ? 4.222   -0.828  -6.588  1.00 38.24 ? 9   ASP B CG  1 
ATOM   280 O OD1 . ASP B 1 11 ? 3.715   -1.961  -6.390  1.00 30.05 ? 9   ASP B OD1 1 
ATOM   281 O OD2 . ASP B 1 11 ? 3.680   0.087   -7.243  1.00 43.81 ? 9   ASP B OD2 1 
ATOM   282 N N   . ARG B 1 12 ? 8.086   -2.341  -4.680  1.00 30.81 ? 10  ARG B N   1 
ATOM   283 C CA  . ARG B 1 12 ? 9.544   -2.392  -4.401  1.00 28.40 ? 10  ARG B CA  1 
ATOM   284 C C   . ARG B 1 12 ? 10.257  -2.681  -5.715  1.00 23.31 ? 10  ARG B C   1 
ATOM   285 O O   . ARG B 1 12 ? 10.052  -3.809  -6.281  1.00 19.72 ? 10  ARG B O   1 
ATOM   286 C CB  . ARG B 1 12 ? 9.863   -3.475  -3.365  1.00 33.16 ? 10  ARG B CB  1 
ATOM   287 C CG  . ARG B 1 12 ? 11.220  -3.349  -2.694  1.00 39.35 ? 10  ARG B CG  1 
ATOM   288 C CD  . ARG B 1 12 ? 11.661  -4.686  -2.088  1.00 44.66 ? 10  ARG B CD  1 
ATOM   289 N NE  . ARG B 1 12 ? 11.199  -4.862  -0.715  1.00 49.49 ? 10  ARG B NE  1 
ATOM   290 C CZ  . ARG B 1 12 ? 10.805  -6.003  -0.132  1.00 48.01 ? 10  ARG B CZ  1 
ATOM   291 N NH1 . ARG B 1 12 ? 10.761  -7.144  -0.792  1.00 55.98 ? 10  ARG B NH1 1 
ATOM   292 N NH2 . ARG B 1 12 ? 10.415  -5.984  1.129   1.00 49.87 ? 10  ARG B NH2 1 
ATOM   293 N N   . CYS B 1 13 ? 11.091  -1.752  -6.176  1.00 22.87 ? 11  CYS B N   1 
ATOM   294 C CA  . CYS B 1 13 ? 11.831  -1.918  -7.454  1.00 24.28 ? 11  CYS B CA  1 
ATOM   295 C C   . CYS B 1 13 ? 13.339  -1.938  -7.245  1.00 25.61 ? 11  CYS B C   1 
ATOM   296 O O   . CYS B 1 13 ? 13.831  -1.213  -6.352  1.00 25.37 ? 11  CYS B O   1 
ATOM   297 C CB  . CYS B 1 13 ? 11.422  -0.827  -8.413  1.00 25.10 ? 11  CYS B CB  1 
ATOM   298 S SG  . CYS B 1 13 ? 9.644   -0.953  -8.708  1.00 27.83 ? 11  CYS B SG  1 
ATOM   299 N N   . ASN B 1 14 ? 14.032  -2.757  -8.034  1.00 27.37 ? 12  ASN B N   1 
ATOM   300 C CA  . ASN B 1 14 ? 15.494  -2.966  -7.863  1.00 31.36 ? 12  ASN B CA  1 
ATOM   301 C C   . ASN B 1 14 ? 16.190  -2.963  -9.220  1.00 28.45 ? 12  ASN B C   1 
ATOM   302 O O   . ASN B 1 14 ? 15.516  -3.100  -10.241 1.00 29.85 ? 12  ASN B O   1 
ATOM   303 C CB  . ASN B 1 14 ? 15.824  -4.210  -7.047  1.00 34.89 ? 12  ASN B CB  1 
ATOM   304 C CG  . ASN B 1 14 ? 15.348  -5.506  -7.657  1.00 38.74 ? 12  ASN B CG  1 
ATOM   305 O OD1 . ASN B 1 14 ? 15.182  -5.607  -8.871  1.00 45.49 ? 12  ASN B OD1 1 
ATOM   306 N ND2 . ASN B 1 14 ? 15.143  -6.507  -6.818  1.00 45.67 ? 12  ASN B ND2 1 
ATOM   307 N N   . THR B 1 15 ? 17.490  -2.704  -9.200  1.00 31.77 ? 13  THR B N   1 
ATOM   308 C CA  . THR B 1 15 ? 18.391  -2.947  -10.340 1.00 29.78 ? 13  THR B CA  1 
ATOM   309 C C   . THR B 1 15 ? 19.527  -3.838  -9.856  1.00 26.69 ? 13  THR B C   1 
ATOM   310 O O   . THR B 1 15 ? 20.145  -3.589  -8.784  1.00 24.68 ? 13  THR B O   1 
ATOM   311 C CB  . THR B 1 15 ? 18.878  -1.653  -10.995 1.00 30.91 ? 13  THR B CB  1 
ATOM   312 O OG1 . THR B 1 15 ? 19.628  -2.089  -12.140 1.00 33.50 ? 13  THR B OG1 1 
ATOM   313 C CG2 . THR B 1 15 ? 19.713  -0.810  -10.066 1.00 28.49 ? 13  THR B CG2 1 
ATOM   314 N N   . CYS B 1 16 ? 19.766  -4.865  -10.642 1.00 25.28 ? 14  CYS B N   1 
ATOM   315 C CA  . CYS B 1 16 ? 20.583  -6.044  -10.288 1.00 25.26 ? 14  CYS B CA  1 
ATOM   316 C C   . CYS B 1 16 ? 21.618  -6.244  -11.379 1.00 25.50 ? 14  CYS B C   1 
ATOM   317 O O   . CYS B 1 16 ? 21.341  -5.890  -12.512 1.00 24.76 ? 14  CYS B O   1 
ATOM   318 C CB  . CYS B 1 16 ? 19.724  -7.286  -10.176 1.00 26.37 ? 14  CYS B CB  1 
ATOM   319 S SG  . CYS B 1 16 ? 18.523  -7.101  -8.846  1.00 27.17 ? 14  CYS B SG  1 
ATOM   320 N N   . ARG B 1 17 ? 22.771  -6.786  -11.024 1.00 23.91 ? 15  ARG B N   1 
ATOM   321 C CA  . ARG B 1 17 ? 23.650  -7.425  -12.022 1.00 22.62 ? 15  ARG B CA  1 
ATOM   322 C C   . ARG B 1 17 ? 23.841  -8.883  -11.631 1.00 23.07 ? 15  ARG B C   1 
ATOM   323 O O   . ARG B 1 17 ? 24.165  -9.172  -10.445 1.00 18.73 ? 15  ARG B O   1 
ATOM   324 C CB  . ARG B 1 17 ? 25.005  -6.716  -12.108 1.00 23.16 ? 15  ARG B CB  1 
ATOM   325 C CG  . ARG B 1 17 ? 25.764  -7.060  -13.385 1.00 23.86 ? 15  ARG B CG  1 
ATOM   326 C CD  . ARG B 1 17 ? 27.047  -6.256  -13.594 1.00 23.43 ? 15  ARG B CD  1 
ATOM   327 N NE  . ARG B 1 17 ? 26.842  -4.872  -14.031 1.00 24.95 ? 15  ARG B NE  1 
ATOM   328 C CZ  . ARG B 1 17 ? 26.451  -4.508  -15.246 1.00 24.58 ? 15  ARG B CZ  1 
ATOM   329 N NH1 . ARG B 1 17 ? 26.154  -5.410  -16.169 1.00 26.41 ? 15  ARG B NH1 1 
ATOM   330 N NH2 . ARG B 1 17 ? 26.333  -3.228  -15.525 1.00 25.31 ? 15  ARG B NH2 1 
ATOM   331 N N   . CYS B 1 18 ? 23.664  -9.759  -12.611 1.00 24.75 ? 16  CYS B N   1 
ATOM   332 C CA  . CYS B 1 18 ? 23.761  -11.220 -12.459 1.00 23.77 ? 16  CYS B CA  1 
ATOM   333 C C   . CYS B 1 18 ? 25.221  -11.657 -12.265 1.00 22.43 ? 16  CYS B C   1 
ATOM   334 O O   . CYS B 1 18 ? 26.113  -11.209 -13.014 1.00 25.51 ? 16  CYS B O   1 
ATOM   335 C CB  . CYS B 1 18 ? 23.090  -11.859 -13.662 1.00 26.54 ? 16  CYS B CB  1 
ATOM   336 S SG  . CYS B 1 18 ? 22.928  -13.643 -13.484 0.79 21.95 ? 16  CYS B SG  1 
ATOM   337 N N   . GLY B 1 19 ? 25.456  -12.494 -11.265 1.00 21.64 ? 17  GLY B N   1 
ATOM   338 C CA  . GLY B 1 19 ? 26.713  -13.231 -11.047 1.00 22.72 ? 17  GLY B CA  1 
ATOM   339 C C   . GLY B 1 19 ? 27.040  -14.186 -12.192 1.00 25.24 ? 17  GLY B C   1 
ATOM   340 O O   . GLY B 1 19 ? 26.158  -14.402 -13.104 1.00 22.47 ? 17  GLY B O   1 
ATOM   341 N N   . ALA B 1 20 ? 28.281  -14.703 -12.185 1.00 22.83 ? 18  ALA B N   1 
ATOM   342 C CA  . ALA B 1 20 ? 28.834  -15.538 -13.269 1.00 26.04 ? 18  ALA B CA  1 
ATOM   343 C C   . ALA B 1 20 ? 27.999  -16.815 -13.381 1.00 28.00 ? 18  ALA B C   1 
ATOM   344 O O   . ALA B 1 20 ? 27.800  -17.261 -14.539 1.00 25.94 ? 18  ALA B O   1 
ATOM   345 C CB  . ALA B 1 20 ? 30.267  -15.866 -12.965 1.00 27.96 ? 18  ALA B CB  1 
ATOM   346 N N   . ASP B 1 21 ? 27.573  -17.355 -12.219 1.00 29.17 ? 19  ASP B N   1 
ATOM   347 C CA  . ASP B 1 21 ? 26.910  -18.684 -12.048 1.00 33.45 ? 19  ASP B CA  1 
ATOM   348 C C   . ASP B 1 21 ? 25.480  -18.656 -12.607 1.00 33.87 ? 19  ASP B C   1 
ATOM   349 O O   . ASP B 1 21 ? 24.953  -19.762 -12.902 1.00 33.27 ? 19  ASP B O   1 
ATOM   350 C CB  . ASP B 1 21 ? 26.958  -19.191 -10.588 1.00 31.82 ? 19  ASP B CB  1 
ATOM   351 C CG  . ASP B 1 21 ? 26.087  -18.420 -9.609  1.00 33.38 ? 19  ASP B CG  1 
ATOM   352 O OD1 . ASP B 1 21 ? 25.415  -17.466 -10.049 1.00 32.58 ? 19  ASP B OD1 1 
ATOM   353 O OD2 . ASP B 1 21 ? 26.106  -18.745 -8.406  1.00 34.51 ? 19  ASP B OD2 1 
ATOM   354 N N   . GLY B 1 22 ? 24.889  -17.465 -12.781 1.00 30.31 ? 20  GLY B N   1 
ATOM   355 C CA  . GLY B 1 22 ? 23.531  -17.266 -13.309 1.00 31.53 ? 20  GLY B CA  1 
ATOM   356 C C   . GLY B 1 22 ? 22.475  -17.576 -12.254 1.00 31.51 ? 20  GLY B C   1 
ATOM   357 O O   . GLY B 1 22 ? 21.335  -17.722 -12.607 1.00 34.36 ? 20  GLY B O   1 
ATOM   358 N N   . ARG B 1 23 ? 22.855  -17.730 -10.995 1.00 35.14 ? 21  ARG B N   1 
ATOM   359 C CA  . ARG B 1 23 ? 21.908  -18.170 -9.937  1.00 39.01 ? 21  ARG B CA  1 
ATOM   360 C C   . ARG B 1 23 ? 21.957  -17.179 -8.776  1.00 32.53 ? 21  ARG B C   1 
ATOM   361 O O   . ARG B 1 23 ? 21.467  -17.519 -7.690  1.00 33.73 ? 21  ARG B O   1 
ATOM   362 C CB  . ARG B 1 23 ? 22.267  -19.586 -9.471  1.00 42.99 ? 21  ARG B CB  1 
ATOM   363 C CG  . ARG B 1 23 ? 21.961  -20.685 -10.479 1.00 49.37 ? 21  ARG B CG  1 
ATOM   364 C CD  . ARG B 1 23 ? 20.465  -20.857 -10.693 1.00 62.78 ? 21  ARG B CD  1 
ATOM   365 N NE  . ARG B 1 23 ? 20.004  -22.214 -10.417 1.00 69.88 ? 21  ARG B NE  1 
ATOM   366 C CZ  . ARG B 1 23 ? 20.068  -23.244 -11.261 1.00 74.30 ? 21  ARG B CZ  1 
ATOM   367 N NH1 . ARG B 1 23 ? 20.591  -23.100 -12.469 1.00 79.23 ? 21  ARG B NH1 1 
ATOM   368 N NH2 . ARG B 1 23 ? 19.605  -24.425 -10.882 1.00 70.45 ? 21  ARG B NH2 1 
ATOM   369 N N   . SER B 1 24 ? 22.592  -16.023 -8.979  1.00 29.75 ? 22  SER B N   1 
ATOM   370 C CA  . SER B 1 24 ? 22.814  -15.018 -7.918  1.00 27.82 ? 22  SER B CA  1 
ATOM   371 C C   . SER B 1 24 ? 22.946  -13.651 -8.576  1.00 30.55 ? 22  SER B C   1 
ATOM   372 O O   . SER B 1 24 ? 23.386  -13.585 -9.751  1.00 25.88 ? 22  SER B O   1 
ATOM   373 C CB  . SER B 1 24 ? 24.039  -15.373 -7.110  1.00 29.18 ? 22  SER B CB  1 
ATOM   374 O OG  . SER B 1 24 ? 25.143  -15.480 -7.991  1.00 28.62 ? 22  SER B OG  1 
ATOM   375 N N   . ALA B 1 25 ? 22.612  -12.592 -7.843  1.00 29.77 ? 23  ALA B N   1 
ATOM   376 C CA  . ALA B 1 25 ? 22.678  -11.214 -8.355  1.00 27.61 ? 23  ALA B CA  1 
ATOM   377 C C   . ALA B 1 25 ? 22.987  -10.271 -7.188  1.00 27.39 ? 23  ALA B C   1 
ATOM   378 O O   . ALA B 1 25 ? 22.637  -10.591 -6.030  1.00 25.00 ? 23  ALA B O   1 
ATOM   379 C CB  . ALA B 1 25 ? 21.403  -10.859 -9.071  1.00 30.56 ? 23  ALA B CB  1 
ATOM   380 N N   . ALA B 1 26 ? 23.683  -9.191  -7.505  1.00 24.53 ? 24  ALA B N   1 
ATOM   381 C CA  . ALA B 1 26 ? 23.924  -8.030  -6.645  1.00 25.31 ? 24  ALA B CA  1 
ATOM   382 C C   . ALA B 1 26 ? 22.932  -6.950  -7.055  1.00 23.45 ? 24  ALA B C   1 
ATOM   383 O O   . ALA B 1 26 ? 22.929  -6.539  -8.240  1.00 23.08 ? 24  ALA B O   1 
ATOM   384 C CB  . ALA B 1 26 ? 25.349  -7.560  -6.804  1.00 24.87 ? 24  ALA B CB  1 
ATOM   385 N N   . CYS B 1 27 ? 22.167  -6.455  -6.093  1.00 23.68 ? 25  CYS B N   1 
ATOM   386 C CA  . CYS B 1 27 ? 21.013  -5.567  -6.352  1.00 24.50 ? 25  CYS B CA  1 
ATOM   387 C C   . CYS B 1 27 ? 21.022  -4.369  -5.409  1.00 27.86 ? 25  CYS B C   1 
ATOM   388 O O   . CYS B 1 27 ? 21.593  -4.470  -4.316  1.00 26.83 ? 25  CYS B O   1 
ATOM   389 C CB  . CYS B 1 27 ? 19.671  -6.261  -6.134  1.00 25.80 ? 25  CYS B CB  1 
ATOM   390 S SG  . CYS B 1 27 ? 19.421  -7.737  -7.143  0.90 26.30 ? 25  CYS B SG  1 
ATOM   391 N N   . THR B 1 28 ? 20.319  -3.315  -5.827  1.00 30.13 ? 26  THR B N   1 
ATOM   392 C CA  . THR B 1 28 ? 20.019  -2.128  -5.004  1.00 30.50 ? 26  THR B CA  1 
ATOM   393 C C   . THR B 1 28 ? 18.615  -1.621  -5.337  1.00 30.90 ? 26  THR B C   1 
ATOM   394 O O   . THR B 1 28 ? 18.144  -1.815  -6.511  1.00 24.30 ? 26  THR B O   1 
ATOM   395 C CB  . THR B 1 28 ? 21.085  -1.046  -5.192  1.00 30.54 ? 26  THR B CB  1 
ATOM   396 O OG1 . THR B 1 28 ? 20.942  -0.216  -4.041  1.00 35.77 ? 26  THR B OG1 1 
ATOM   397 C CG2 . THR B 1 28 ? 20.943  -0.223  -6.448  1.00 30.36 ? 26  THR B CG2 1 
ATOM   398 N N   . LEU B 1 29 ? 17.973  -1.006  -4.342  1.00 31.29 ? 27  LEU B N   1 
ATOM   399 C CA  . LEU B 1 29 ? 16.630  -0.373  -4.489  1.00 36.87 ? 27  LEU B CA  1 
ATOM   400 C C   . LEU B 1 29 ? 16.712  0.784   -5.497  1.00 35.68 ? 27  LEU B C   1 
ATOM   401 O O   . LEU B 1 29 ? 17.741  1.455   -5.520  1.00 36.27 ? 27  LEU B O   1 
ATOM   402 C CB  . LEU B 1 29 ? 16.153  0.102   -3.115  1.00 40.74 ? 27  LEU B CB  1 
ATOM   403 C CG  . LEU B 1 29 ? 14.657  0.366   -2.991  1.00 46.17 ? 27  LEU B CG  1 
ATOM   404 C CD1 . LEU B 1 29 ? 13.860  -0.931  -3.123  1.00 50.48 ? 27  LEU B CD1 1 
ATOM   405 C CD2 . LEU B 1 29 ? 14.359  1.048   -1.660  1.00 48.87 ? 27  LEU B CD2 1 
ATOM   406 N N   . ARG B 1 30 ? 15.704  0.930   -6.363  1.00 33.48 ? 28  ARG B N   1 
ATOM   407 C CA  . ARG B 1 30 ? 15.505  2.090   -7.274  1.00 37.00 ? 28  ARG B CA  1 
ATOM   408 C C   . ARG B 1 30 ? 14.037  2.520   -7.197  1.00 37.53 ? 28  ARG B C   1 
ATOM   409 O O   . ARG B 1 30 ? 13.169  1.687   -6.766  1.00 31.73 ? 28  ARG B O   1 
ATOM   410 C CB  . ARG B 1 30 ? 15.894  1.754   -8.717  1.00 39.45 ? 28  ARG B CB  1 
ATOM   411 C CG  . ARG B 1 30 ? 15.056  0.647   -9.339  1.00 44.96 ? 28  ARG B CG  1 
ATOM   412 C CD  . ARG B 1 30 ? 15.471  0.325   -10.758 1.00 48.00 ? 28  ARG B CD  1 
ATOM   413 N NE  . ARG B 1 30 ? 14.353  0.049   -11.645 1.00 51.38 ? 28  ARG B NE  1 
ATOM   414 C CZ  . ARG B 1 30 ? 13.466  0.959   -12.052 1.00 58.32 ? 28  ARG B CZ  1 
ATOM   415 N NH1 . ARG B 1 30 ? 13.527  2.197   -11.596 1.00 57.80 ? 28  ARG B NH1 1 
ATOM   416 N NH2 . ARG B 1 30 ? 12.499  0.624   -12.890 1.00 58.99 ? 28  ARG B NH2 1 
ATOM   417 N N   . ALA B 1 31 ? 13.768  3.768   -7.576  1.00 35.07 ? 29  ALA B N   1 
ATOM   418 C CA  . ALA B 1 31 ? 12.401  4.331   -7.626  1.00 35.47 ? 29  ALA B CA  1 
ATOM   419 C C   . ALA B 1 31 ? 11.617  3.516   -8.651  1.00 32.95 ? 29  ALA B C   1 
ATOM   420 O O   . ALA B 1 31 ? 12.181  3.177   -9.692  1.00 28.65 ? 29  ALA B O   1 
ATOM   421 C CB  . ALA B 1 31 ? 12.418  5.790   -7.989  1.00 37.87 ? 29  ALA B CB  1 
ATOM   422 N N   . CYS B 1 32 ? 10.383  3.147   -8.326  1.00 31.44 ? 30  CYS B N   1 
ATOM   423 C CA  . CYS B 1 32 ? 9.534   2.346   -9.229  1.00 34.82 ? 30  CYS B CA  1 
ATOM   424 C C   . CYS B 1 32 ? 9.118   3.227   -10.399 1.00 38.61 ? 30  CYS B C   1 
ATOM   425 O O   . CYS B 1 32 ? 9.085   4.442   -10.261 1.00 35.26 ? 30  CYS B O   1 
ATOM   426 C CB  . CYS B 1 32 ? 8.376   1.748   -8.443  1.00 32.53 ? 30  CYS B CB  1 
ATOM   427 S SG  . CYS B 1 32 ? 8.940   0.383   -7.401  1.00 32.01 ? 30  CYS B SG  1 
ATOM   428 N N   . PRO B 1 33 ? 8.867   2.660   -11.601 1.00 43.94 ? 31  PRO B N   1 
ATOM   429 C CA  . PRO B 1 33 ? 8.452   3.467   -12.748 1.00 39.68 ? 31  PRO B CA  1 
ATOM   430 C C   . PRO B 1 33 ? 7.311   4.416   -12.357 1.00 40.53 ? 31  PRO B C   1 
ATOM   431 O O   . PRO B 1 33 ? 6.443   4.020   -11.583 1.00 37.96 ? 31  PRO B O   1 
ATOM   432 C CB  . PRO B 1 33 ? 7.981   2.457   -13.801 1.00 41.90 ? 31  PRO B CB  1 
ATOM   433 C CG  . PRO B 1 33 ? 8.557   1.113   -13.374 1.00 40.07 ? 31  PRO B CG  1 
ATOM   434 C CD  . PRO B 1 33 ? 9.000   1.234   -11.928 1.00 41.09 ? 31  PRO B CD  1 
ATOM   435 N N   . ASN B 1 34 ? 7.375   5.666   -12.824 1.00 36.51 ? 32  ASN B N   1 
ATOM   436 C CA  . ASN B 1 34 ? 6.335   6.693   -12.563 1.00 43.47 ? 32  ASN B CA  1 
ATOM   437 C C   . ASN B 1 34 ? 6.266   7.030   -11.065 1.00 44.77 ? 32  ASN B C   1 
ATOM   438 O O   . ASN B 1 34 ? 5.270   7.658   -10.640 1.00 46.57 ? 32  ASN B O   1 
ATOM   439 C CB  . ASN B 1 34 ? 4.959   6.231   -13.057 1.00 45.59 ? 32  ASN B CB  1 
ATOM   440 C CG  . ASN B 1 34 ? 4.759   6.428   -14.544 1.00 44.97 ? 32  ASN B CG  1 
ATOM   441 O OD1 . ASN B 1 34 ? 5.317   7.345   -15.149 1.00 43.72 ? 32  ASN B OD1 1 
ATOM   442 N ND2 . ASN B 1 34 ? 3.933   5.582   -15.127 1.00 44.82 ? 32  ASN B ND2 1 
ATOM   443 N N   . GLN B 1 35 ? 7.265   6.645   -10.278 1.00 41.39 ? 33  GLN B N   1 
ATOM   444 C CA  . GLN B 1 35 ? 7.250   6.940   -8.818  1.00 47.87 ? 33  GLN B CA  1 
ATOM   445 C C   . GLN B 1 35 ? 8.617   7.519   -8.428  1.00 51.50 ? 33  GLN B C   1 
ATOM   446 O O   . GLN B 1 35 ? 9.517   7.691   -9.279  1.00 51.15 ? 33  GLN B O   1 
ATOM   447 C CB  . GLN B 1 35 ? 6.836   5.694   -8.029  1.00 44.19 ? 33  GLN B CB  1 
ATOM   448 C CG  . GLN B 1 35 ? 5.461   5.127   -8.409  1.00 45.58 ? 33  GLN B CG  1 
ATOM   449 C CD  . GLN B 1 35 ? 5.046   3.987   -7.502  1.00 47.58 ? 33  GLN B CD  1 
ATOM   450 O OE1 . GLN B 1 35 ? 4.825   4.186   -6.311  1.00 39.52 ? 33  GLN B OE1 1 
ATOM   451 N NE2 . GLN B 1 35 ? 4.967   2.774   -8.042  1.00 39.89 ? 33  GLN B NE2 1 
ATOM   452 O OXT . GLN B 1 35 ? 8.827   7.844   -7.260  1.00 52.47 ? 33  GLN B OXT 1 
ATOM   453 N N   . GLY C 1 1  ? -21.055 21.364  11.134  1.00 39.04 ? -1  GLY C N   1 
ATOM   454 C CA  . GLY C 1 1  ? -19.638 21.136  10.773  1.00 39.67 ? -1  GLY C CA  1 
ATOM   455 C C   . GLY C 1 1  ? -18.967 20.044  11.592  1.00 38.30 ? -1  GLY C C   1 
ATOM   456 O O   . GLY C 1 1  ? -19.582 19.529  12.562  1.00 35.46 ? -1  GLY C O   1 
ATOM   457 N N   . SER C 1 2  ? -17.729 19.718  11.220  1.00 35.92 ? 0   SER C N   1 
ATOM   458 C CA  . SER C 1 2  ? -16.903 18.660  11.847  1.00 35.48 ? 0   SER C CA  1 
ATOM   459 C C   . SER C 1 2  ? -15.575 19.244  12.331  1.00 33.92 ? 0   SER C C   1 
ATOM   460 O O   . SER C 1 2  ? -15.032 20.095  11.641  1.00 33.50 ? 0   SER C O   1 
ATOM   461 C CB  . SER C 1 2  ? -16.607 17.542  10.914  1.00 33.24 ? 0   SER C CB  1 
ATOM   462 O OG  . SER C 1 2  ? -15.767 16.617  11.588  1.00 42.02 ? 0   SER C OG  1 
ATOM   463 N N   . SER C 1 3  ? -15.074 18.767  13.458  1.00 31.05 ? 1   SER C N   1 
ATOM   464 C CA  . SER C 1 3  ? -13.791 19.232  14.043  1.00 35.65 ? 1   SER C CA  1 
ATOM   465 C C   . SER C 1 3  ? -13.116 18.064  14.754  1.00 35.99 ? 1   SER C C   1 
ATOM   466 O O   . SER C 1 3  ? -13.777 17.025  14.962  1.00 34.20 ? 1   SER C O   1 
ATOM   467 C CB  . SER C 1 3  ? -14.012 20.416  14.954  1.00 35.89 ? 1   SER C CB  1 
ATOM   468 O OG  . SER C 1 3  ? -14.821 20.034  16.048  1.00 39.69 ? 1   SER C OG  1 
ATOM   469 N N   . CYS C 1 4  ? -11.819 18.210  15.036  1.00 34.69 ? 2   CYS C N   1 
ATOM   470 C CA  . CYS C 1 4  ? -10.998 17.226  15.782  1.00 31.18 ? 2   CYS C CA  1 
ATOM   471 C C   . CYS C 1 4  ? -10.222 17.979  16.870  1.00 29.96 ? 2   CYS C C   1 
ATOM   472 O O   . CYS C 1 4  ? -10.139 19.240  16.807  1.00 26.22 ? 2   CYS C O   1 
ATOM   473 C CB  . CYS C 1 4  ? -10.118 16.407  14.827  1.00 27.16 ? 2   CYS C CB  1 
ATOM   474 S SG  . CYS C 1 4  ? -9.014  17.351  13.737  1.00 26.16 ? 2   CYS C SG  1 
ATOM   475 N N   . GLU C 1 5  ? -9.729  17.259  17.870  1.00 28.92 ? 3   GLU C N   1 
ATOM   476 C CA  . GLU C 1 5  ? -9.040  17.877  19.020  1.00 28.10 ? 3   GLU C CA  1 
ATOM   477 C C   . GLU C 1 5  ? -7.573  18.031  18.643  1.00 26.12 ? 3   GLU C C   1 
ATOM   478 O O   . GLU C 1 5  ? -6.884  17.025  18.410  1.00 23.66 ? 3   GLU C O   1 
ATOM   479 C CB  . GLU C 1 5  ? -9.241  17.037  20.267  1.00 34.86 ? 3   GLU C CB  1 
ATOM   480 C CG  . GLU C 1 5  ? -10.695 16.828  20.624  1.00 37.82 ? 3   GLU C CG  1 
ATOM   481 C CD  . GLU C 1 5  ? -10.838 15.852  21.778  1.00 43.36 ? 3   GLU C CD  1 
ATOM   482 O OE1 . GLU C 1 5  ? -10.106 14.838  21.782  1.00 42.68 ? 3   GLU C OE1 1 
ATOM   483 O OE2 . GLU C 1 5  ? -11.657 16.119  22.685  1.00 51.83 ? 3   GLU C OE2 1 
ATOM   484 N N   . PRO C 1 6  ? -7.087  19.280  18.476  1.00 27.16 ? 4   PRO C N   1 
ATOM   485 C CA  . PRO C 1 6  ? -5.744  19.499  17.921  1.00 26.70 ? 4   PRO C CA  1 
ATOM   486 C C   . PRO C 1 6  ? -4.644  18.637  18.567  1.00 27.26 ? 4   PRO C C   1 
ATOM   487 O O   . PRO C 1 6  ? -4.561  18.549  19.766  1.00 25.73 ? 4   PRO C O   1 
ATOM   488 C CB  . PRO C 1 6  ? -5.519  20.990  18.171  1.00 28.15 ? 4   PRO C CB  1 
ATOM   489 C CG  . PRO C 1 6  ? -6.915  21.596  18.108  1.00 26.87 ? 4   PRO C CG  1 
ATOM   490 C CD  . PRO C 1 6  ? -7.787  20.554  18.789  1.00 28.30 ? 4   PRO C CD  1 
ATOM   491 N N   . GLY C 1 7  ? -3.810  18.026  17.735  1.00 29.30 ? 5   GLY C N   1 
ATOM   492 C CA  . GLY C 1 7  ? -2.646  17.238  18.151  1.00 27.48 ? 5   GLY C CA  1 
ATOM   493 C C   . GLY C 1 7  ? -2.987  15.785  18.413  1.00 30.24 ? 5   GLY C C   1 
ATOM   494 O O   . GLY C 1 7  ? -2.063  14.965  18.374  1.00 29.46 ? 5   GLY C O   1 
ATOM   495 N N   . ARG C 1 8  ? -4.251  15.468  18.712  1.00 30.26 ? 6   ARG C N   1 
ATOM   496 C CA  . ARG C 1 8  ? -4.624  14.139  19.245  1.00 31.31 ? 6   ARG C CA  1 
ATOM   497 C C   . ARG C 1 8  ? -4.825  13.177  18.076  1.00 30.78 ? 6   ARG C C   1 
ATOM   498 O O   . ARG C 1 8  ? -5.301  13.638  17.013  1.00 29.09 ? 6   ARG C O   1 
ATOM   499 C CB  . ARG C 1 8  ? -5.859  14.261  20.141  1.00 33.19 ? 6   ARG C CB  1 
ATOM   500 C CG  . ARG C 1 8  ? -5.540  14.643  21.583  1.00 39.25 ? 6   ARG C CG  1 
ATOM   501 C CD  . ARG C 1 8  ? -6.778  14.708  22.472  1.00 46.77 ? 6   ARG C CD  1 
ATOM   502 N NE  . ARG C 1 8  ? -7.495  13.425  22.568  1.00 53.42 ? 6   ARG C NE  1 
ATOM   503 C CZ  . ARG C 1 8  ? -7.413  12.536  23.569  1.00 55.76 ? 6   ARG C CZ  1 
ATOM   504 N NH1 . ARG C 1 8  ? -6.640  12.752  24.623  1.00 57.22 ? 6   ARG C NH1 1 
ATOM   505 N NH2 . ARG C 1 8  ? -8.122  11.421  23.504  1.00 56.04 ? 6   ARG C NH2 1 
ATOM   506 N N   . THR C 1 9  ? -4.457  11.899  18.247  1.00 30.19 ? 7   THR C N   1 
ATOM   507 C CA  . THR C 1 9  ? -4.774  10.842  17.257  1.00 33.19 ? 7   THR C CA  1 
ATOM   508 C C   . THR C 1 9  ? -6.245  10.461  17.397  1.00 34.60 ? 7   THR C C   1 
ATOM   509 O O   . THR C 1 9  ? -6.830  10.622  18.495  1.00 34.79 ? 7   THR C O   1 
ATOM   510 C CB  . THR C 1 9  ? -3.917  9.577   17.384  1.00 36.87 ? 7   THR C CB  1 
ATOM   511 O OG1 . THR C 1 9  ? -4.299  8.937   18.599  1.00 36.90 ? 7   THR C OG1 1 
ATOM   512 C CG2 . THR C 1 9  ? -2.433  9.843   17.358  1.00 36.13 ? 7   THR C CG2 1 
ATOM   513 N N   . PHE C 1 10 ? -6.844  10.030  16.299  1.00 32.78 ? 8   PHE C N   1 
ATOM   514 C CA  . PHE C 1 10 ? -8.179  9.401   16.280  1.00 30.19 ? 8   PHE C CA  1 
ATOM   515 C C   . PHE C 1 10 ? -8.222  8.400   15.131  1.00 26.67 ? 8   PHE C C   1 
ATOM   516 O O   . PHE C 1 10 ? -7.524  8.583   14.128  1.00 27.11 ? 8   PHE C O   1 
ATOM   517 C CB  . PHE C 1 10 ? -9.260  10.475  16.197  1.00 31.47 ? 8   PHE C CB  1 
ATOM   518 C CG  . PHE C 1 10 ? -9.271  11.314  14.943  1.00 28.43 ? 8   PHE C CG  1 
ATOM   519 C CD1 . PHE C 1 10 ? -8.494  12.463  14.845  1.00 31.26 ? 8   PHE C CD1 1 
ATOM   520 C CD2 . PHE C 1 10 ? -10.121 11.006  13.896  1.00 31.07 ? 8   PHE C CD2 1 
ATOM   521 C CE1 . PHE C 1 10 ? -8.554  13.272  13.719  1.00 30.02 ? 8   PHE C CE1 1 
ATOM   522 C CE2 . PHE C 1 10 ? -10.180 11.810  12.770  1.00 30.51 ? 8   PHE C CE2 1 
ATOM   523 C CZ  . PHE C 1 10 ? -9.385  12.939  12.681  1.00 30.37 ? 8   PHE C CZ  1 
ATOM   524 N N   . ASP C 1 11 ? -9.051  7.383   15.291  1.00 27.42 ? 9   ASP C N   1 
ATOM   525 C CA  . ASP C 1 11 ? -9.257  6.288   14.313  1.00 31.88 ? 9   ASP C CA  1 
ATOM   526 C C   . ASP C 1 11 ? -10.688 6.369   13.791  1.00 28.26 ? 9   ASP C C   1 
ATOM   527 O O   . ASP C 1 11 ? -11.611 6.675   14.587  1.00 33.32 ? 9   ASP C O   1 
ATOM   528 C CB  . ASP C 1 11 ? -8.984  4.939   14.954  1.00 31.07 ? 9   ASP C CB  1 
ATOM   529 C CG  . ASP C 1 11 ? -7.499  4.683   15.175  1.00 33.86 ? 9   ASP C CG  1 
ATOM   530 O OD1 . ASP C 1 11 ? -6.723  5.648   15.147  1.00 35.26 ? 9   ASP C OD1 1 
ATOM   531 O OD2 . ASP C 1 11 ? -7.145  3.527   15.323  1.00 35.94 ? 9   ASP C OD2 1 
ATOM   532 N N   . ARG C 1 12 ? -10.871 6.147   12.503  1.00 27.00 ? 10  ARG C N   1 
ATOM   533 C CA  . ARG C 1 12 ? -12.226 6.147   11.899  1.00 29.67 ? 10  ARG C CA  1 
ATOM   534 C C   . ARG C 1 12 ? -12.501 4.766   11.318  1.00 27.73 ? 10  ARG C C   1 
ATOM   535 O O   . ARG C 1 12 ? -11.619 4.202   10.660  1.00 26.35 ? 10  ARG C O   1 
ATOM   536 C CB  . ARG C 1 12 ? -12.407 7.234   10.833  1.00 33.73 ? 10  ARG C CB  1 
ATOM   537 C CG  . ARG C 1 12 ? -12.150 8.663   11.306  1.00 41.70 ? 10  ARG C CG  1 
ATOM   538 C CD  . ARG C 1 12 ? -13.067 9.200   12.403  1.00 47.45 ? 10  ARG C CD  1 
ATOM   539 N NE  . ARG C 1 12 ? -14.412 9.578   11.968  1.00 49.41 ? 10  ARG C NE  1 
ATOM   540 C CZ  . ARG C 1 12 ? -15.350 10.134  12.741  1.00 54.72 ? 10  ARG C CZ  1 
ATOM   541 N NH1 . ARG C 1 12 ? -16.539 10.434  12.235  1.00 60.09 ? 10  ARG C NH1 1 
ATOM   542 N NH2 . ARG C 1 12 ? -15.107 10.388  14.013  1.00 57.00 ? 10  ARG C NH2 1 
ATOM   543 N N   . CYS C 1 13 ? -13.727 4.291   11.492  1.00 28.57 ? 11  CYS C N   1 
ATOM   544 C CA  . CYS C 1 13 ? -14.188 2.956   11.035  1.00 30.73 ? 11  CYS C CA  1 
ATOM   545 C C   . CYS C 1 13 ? -15.399 3.169   10.125  1.00 27.76 ? 11  CYS C C   1 
ATOM   546 O O   . CYS C 1 13 ? -16.514 3.377   10.631  1.00 27.78 ? 11  CYS C O   1 
ATOM   547 C CB  . CYS C 1 13 ? -14.466 2.083   12.257  1.00 35.03 ? 11  CYS C CB  1 
ATOM   548 S SG  . CYS C 1 13 ? -12.944 1.475   13.029  1.00 38.62 ? 11  CYS C SG  1 
ATOM   549 N N   . ASN C 1 14 ? -15.149 3.261   8.820   1.00 24.86 ? 12  ASN C N   1 
ATOM   550 C CA  . ASN C 1 14 ? -16.112 3.786   7.826   1.00 23.95 ? 12  ASN C CA  1 
ATOM   551 C C   . ASN C 1 14 ? -16.689 2.624   7.013   1.00 25.48 ? 12  ASN C C   1 
ATOM   552 O O   . ASN C 1 14 ? -15.993 1.631   6.787   1.00 22.22 ? 12  ASN C O   1 
ATOM   553 C CB  . ASN C 1 14 ? -15.460 4.787   6.865   1.00 22.80 ? 12  ASN C CB  1 
ATOM   554 C CG  . ASN C 1 14 ? -14.788 5.920   7.605   1.00 21.36 ? 12  ASN C CG  1 
ATOM   555 O OD1 . ASN C 1 14 ? -13.720 6.403   7.191   1.00 26.25 ? 12  ASN C OD1 1 
ATOM   556 N ND2 . ASN C 1 14 ? -15.427 6.367   8.666   1.00 17.73 ? 12  ASN C ND2 1 
ATOM   557 N N   . THR C 1 15 ? -17.926 2.758   6.573   1.00 23.24 ? 13  THR C N   1 
ATOM   558 C CA  . THR C 1 15 ? -18.536 1.811   5.619   1.00 25.33 ? 13  THR C CA  1 
ATOM   559 C C   . THR C 1 15 ? -18.982 2.595   4.394   1.00 24.97 ? 13  THR C C   1 
ATOM   560 O O   . THR C 1 15 ? -19.692 3.582   4.567   1.00 27.62 ? 13  THR C O   1 
ATOM   561 C CB  . THR C 1 15 ? -19.730 1.072   6.214   1.00 24.53 ? 13  THR C CB  1 
ATOM   562 O OG1 . THR C 1 15 ? -19.259 0.414   7.393   1.00 24.05 ? 13  THR C OG1 1 
ATOM   563 C CG2 . THR C 1 15 ? -20.296 0.077   5.224   1.00 26.62 ? 13  THR C CG2 1 
ATOM   564 N N   . CYS C 1 16 ? -18.514 2.195   3.221   1.00 24.57 ? 14  CYS C N   1 
ATOM   565 C CA  . CYS C 1 16 ? -18.781 2.905   1.963   1.00 27.23 ? 14  CYS C CA  1 
ATOM   566 C C   . CYS C 1 16 ? -19.553 1.994   1.012   1.00 27.24 ? 14  CYS C C   1 
ATOM   567 O O   . CYS C 1 16 ? -19.405 0.772   1.098   1.00 33.14 ? 14  CYS C O   1 
ATOM   568 C CB  . CYS C 1 16 ? -17.478 3.380   1.348   1.00 25.19 ? 14  CYS C CB  1 
ATOM   569 S SG  . CYS C 1 16 ? -16.628 4.558   2.425   0.98 29.16 ? 14  CYS C SG  1 
ATOM   570 N N   . ARG C 1 17 ? -20.295 2.627   0.121   1.00 29.05 ? 15  ARG C N   1 
ATOM   571 C CA  . ARG C 1 17 ? -20.971 2.023   -1.044  1.00 28.83 ? 15  ARG C CA  1 
ATOM   572 C C   . ARG C 1 17 ? -20.192 2.396   -2.302  1.00 28.51 ? 15  ARG C C   1 
ATOM   573 O O   . ARG C 1 17 ? -19.987 3.603   -2.558  1.00 27.02 ? 15  ARG C O   1 
ATOM   574 C CB  . ARG C 1 17 ? -22.400 2.559   -1.129  1.00 33.71 ? 15  ARG C CB  1 
ATOM   575 C CG  . ARG C 1 17 ? -23.222 1.962   -2.257  1.00 32.78 ? 15  ARG C CG  1 
ATOM   576 C CD  . ARG C 1 17 ? -23.612 0.534   -1.995  1.00 33.69 ? 15  ARG C CD  1 
ATOM   577 N NE  . ARG C 1 17 ? -24.473 0.373   -0.816  1.00 33.48 ? 15  ARG C NE  1 
ATOM   578 C CZ  . ARG C 1 17 ? -25.303 -0.650  -0.645  1.00 37.33 ? 15  ARG C CZ  1 
ATOM   579 N NH1 . ARG C 1 17 ? -25.368 -1.610  -1.560  1.00 40.18 ? 15  ARG C NH1 1 
ATOM   580 N NH2 . ARG C 1 17 ? -26.041 -0.730  0.446   1.00 35.06 ? 15  ARG C NH2 1 
ATOM   581 N N   . CYS C 1 18 ? -19.799 1.389   -3.068  1.00 28.27 ? 16  CYS C N   1 
ATOM   582 C CA  . CYS C 1 18 ? -19.025 1.530   -4.321  1.00 27.84 ? 16  CYS C CA  1 
ATOM   583 C C   . CYS C 1 18 ? -19.924 2.061   -5.443  1.00 28.67 ? 16  CYS C C   1 
ATOM   584 O O   . CYS C 1 18 ? -21.048 1.518   -5.662  1.00 28.44 ? 16  CYS C O   1 
ATOM   585 C CB  . CYS C 1 18 ? -18.379 0.199   -4.686  1.00 27.12 ? 16  CYS C CB  1 
ATOM   586 S SG  . CYS C 1 18 ? -17.115 0.373   -5.968  0.79 24.22 ? 16  CYS C SG  1 
ATOM   587 N N   . GLY C 1 19 ? -19.422 3.060   -6.173  1.00 28.02 ? 17  GLY C N   1 
ATOM   588 C CA  . GLY C 1 19 ? -20.085 3.663   -7.340  1.00 27.27 ? 17  GLY C CA  1 
ATOM   589 C C   . GLY C 1 19 ? -19.828 2.844   -8.594  1.00 32.77 ? 17  GLY C C   1 
ATOM   590 O O   . GLY C 1 19 ? -18.993 1.913   -8.552  1.00 33.04 ? 17  GLY C O   1 
ATOM   591 N N   . ALA C 1 20 ? -20.542 3.165   -9.673  1.00 35.00 ? 18  ALA C N   1 
ATOM   592 C CA  . ALA C 1 20 ? -20.439 2.508   -10.993 1.00 35.71 ? 18  ALA C CA  1 
ATOM   593 C C   . ALA C 1 20 ? -18.983 2.521   -11.466 1.00 37.33 ? 18  ALA C C   1 
ATOM   594 O O   . ALA C 1 20 ? -18.609 1.634   -12.277 1.00 35.25 ? 18  ALA C O   1 
ATOM   595 C CB  . ALA C 1 20 ? -21.319 3.233   -11.977 1.00 41.13 ? 18  ALA C CB  1 
ATOM   596 N N   . ASP C 1 21 ? -18.224 3.539   -11.045 1.00 34.45 ? 19  ASP C N   1 
ATOM   597 C CA  . ASP C 1 21 ? -16.848 3.803   -11.529 1.00 32.97 ? 19  ASP C CA  1 
ATOM   598 C C   . ASP C 1 21 ? -15.854 2.963   -10.736 1.00 33.97 ? 19  ASP C C   1 
ATOM   599 O O   . ASP C 1 21 ? -14.640 3.130   -10.951 1.00 35.82 ? 19  ASP C O   1 
ATOM   600 C CB  . ASP C 1 21 ? -16.518 5.294   -11.433 1.00 34.55 ? 19  ASP C CB  1 
ATOM   601 C CG  . ASP C 1 21 ? -16.507 5.878   -10.025 1.00 34.44 ? 19  ASP C CG  1 
ATOM   602 O OD1 . ASP C 1 21 ? -16.987 5.225   -9.081  1.00 32.96 ? 19  ASP C OD1 1 
ATOM   603 O OD2 . ASP C 1 21 ? -16.011 6.990   -9.893  1.00 39.11 ? 19  ASP C OD2 1 
ATOM   604 N N   . GLY C 1 22 ? -16.331 2.128   -9.814  1.00 35.07 ? 20  GLY C N   1 
ATOM   605 C CA  . GLY C 1 22 ? -15.450 1.337   -8.937  1.00 32.01 ? 20  GLY C CA  1 
ATOM   606 C C   . GLY C 1 22 ? -14.710 2.207   -7.940  1.00 33.87 ? 20  GLY C C   1 
ATOM   607 O O   . GLY C 1 22 ? -13.625 1.783   -7.504  1.00 37.21 ? 20  GLY C O   1 
ATOM   608 N N   . ARG C 1 23 ? -15.286 3.359   -7.564  1.00 30.24 ? 21  ARG C N   1 
ATOM   609 C CA  . ARG C 1 23 ? -14.830 4.219   -6.450  1.00 34.62 ? 21  ARG C CA  1 
ATOM   610 C C   . ARG C 1 23 ? -16.003 4.391   -5.487  1.00 29.43 ? 21  ARG C C   1 
ATOM   611 O O   . ARG C 1 23 ? -17.139 4.223   -5.933  1.00 32.47 ? 21  ARG C O   1 
ATOM   612 C CB  . ARG C 1 23 ? -14.392 5.597   -6.955  1.00 40.38 ? 21  ARG C CB  1 
ATOM   613 C CG  . ARG C 1 23 ? -13.199 5.590   -7.893  1.00 48.25 ? 21  ARG C CG  1 
ATOM   614 C CD  . ARG C 1 23 ? -12.874 7.028   -8.253  1.00 53.86 ? 21  ARG C CD  1 
ATOM   615 N NE  . ARG C 1 23 ? -11.742 7.102   -9.162  1.00 63.56 ? 21  ARG C NE  1 
ATOM   616 C CZ  . ARG C 1 23 ? -11.806 6.856   -10.469 1.00 67.16 ? 21  ARG C CZ  1 
ATOM   617 N NH1 . ARG C 1 23 ? -12.955 6.512   -11.029 1.00 69.45 ? 21  ARG C NH1 1 
ATOM   618 N NH2 . ARG C 1 23 ? -10.717 6.954   -11.211 1.00 65.85 ? 21  ARG C NH2 1 
ATOM   619 N N   . SER C 1 24 ? -15.756 4.713   -4.213  1.00 34.43 ? 22  SER C N   1 
ATOM   620 C CA  . SER C 1 24 ? -16.859 4.921   -3.238  1.00 34.24 ? 22  SER C CA  1 
ATOM   621 C C   . SER C 1 24 ? -17.742 6.064   -3.763  1.00 30.91 ? 22  SER C C   1 
ATOM   622 O O   . SER C 1 24 ? -17.227 7.015   -4.359  1.00 33.04 ? 22  SER C O   1 
ATOM   623 C CB  . SER C 1 24 ? -16.382 5.177   -1.834  1.00 38.13 ? 22  SER C CB  1 
ATOM   624 O OG  . SER C 1 24 ? -15.642 6.376   -1.760  1.00 48.85 ? 22  SER C OG  1 
ATOM   625 N N   . ALA C 1 25 ? -19.034 5.942   -3.560  1.00 29.49 ? 23  ALA C N   1 
ATOM   626 C CA  . ALA C 1 25 ? -20.069 6.914   -3.973  1.00 28.48 ? 23  ALA C CA  1 
ATOM   627 C C   . ALA C 1 25 ? -20.678 7.524   -2.711  1.00 28.61 ? 23  ALA C C   1 
ATOM   628 O O   . ALA C 1 25 ? -20.968 8.715   -2.716  1.00 32.39 ? 23  ALA C O   1 
ATOM   629 C CB  . ALA C 1 25 ? -21.097 6.213   -4.806  1.00 28.13 ? 23  ALA C CB  1 
ATOM   630 N N   . ALA C 1 26 ? -20.766 6.738   -1.642  1.00 31.85 ? 24  ALA C N   1 
ATOM   631 C CA  . ALA C 1 26 ? -21.422 7.120   -0.371  1.00 30.06 ? 24  ALA C CA  1 
ATOM   632 C C   . ALA C 1 26 ? -20.712 6.403   0.774   1.00 25.59 ? 24  ALA C C   1 
ATOM   633 O O   . ALA C 1 26 ? -20.323 5.244   0.580   1.00 28.17 ? 24  ALA C O   1 
ATOM   634 C CB  . ALA C 1 26 ? -22.871 6.738   -0.414  1.00 30.53 ? 24  ALA C CB  1 
ATOM   635 N N   . CYS C 1 27 ? -20.558 7.064   1.921   1.00 22.21 ? 25  CYS C N   1 
ATOM   636 C CA  . CYS C 1 27 ? -19.849 6.476   3.093   1.00 24.59 ? 25  CYS C CA  1 
ATOM   637 C C   . CYS C 1 27 ? -20.567 6.903   4.366   1.00 24.10 ? 25  CYS C C   1 
ATOM   638 O O   . CYS C 1 27 ? -21.088 8.044   4.397   1.00 24.18 ? 25  CYS C O   1 
ATOM   639 C CB  . CYS C 1 27 ? -18.403 6.938   3.208   1.00 25.80 ? 25  CYS C CB  1 
ATOM   640 S SG  . CYS C 1 27 ? -17.314 6.395   1.874   0.90 26.24 ? 25  CYS C SG  1 
ATOM   641 N N   . THR C 1 28 ? -20.689 5.977   5.311   1.00 22.48 ? 26  THR C N   1 
ATOM   642 C CA  . THR C 1 28 ? -21.053 6.262   6.708   1.00 21.04 ? 26  THR C CA  1 
ATOM   643 C C   . THR C 1 28 ? -19.714 6.375   7.421   1.00 23.91 ? 26  THR C C   1 
ATOM   644 O O   . THR C 1 28 ? -18.948 5.408   7.319   1.00 25.76 ? 26  THR C O   1 
ATOM   645 C CB  . THR C 1 28 ? -22.005 5.206   7.300   1.00 23.09 ? 26  THR C CB  1 
ATOM   646 O OG1 . THR C 1 28 ? -23.278 5.285   6.659   1.00 27.83 ? 26  THR C OG1 1 
ATOM   647 C CG2 . THR C 1 28 ? -22.181 5.428   8.791   1.00 22.80 ? 26  THR C CG2 1 
ATOM   648 N N   . LEU C 1 29 ? -19.413 7.559   7.970   1.00 22.29 ? 27  LEU C N   1 
ATOM   649 C CA  . LEU C 1 29 ? -18.159 7.836   8.687   1.00 25.20 ? 27  LEU C CA  1 
ATOM   650 C C   . LEU C 1 29 ? -18.499 7.636   10.159  1.00 28.33 ? 27  LEU C C   1 
ATOM   651 O O   . LEU C 1 29 ? -19.620 8.079   10.570  1.00 26.50 ? 27  LEU C O   1 
ATOM   652 C CB  . LEU C 1 29 ? -17.692 9.261   8.382   1.00 25.61 ? 27  LEU C CB  1 
ATOM   653 C CG  . LEU C 1 29 ? -17.616 9.649   6.908   1.00 26.64 ? 27  LEU C CG  1 
ATOM   654 C CD1 . LEU C 1 29 ? -17.022 11.045  6.760   1.00 32.08 ? 27  LEU C CD1 1 
ATOM   655 C CD2 . LEU C 1 29 ? -16.827 8.640   6.096   1.00 28.28 ? 27  LEU C CD2 1 
ATOM   656 N N   . ARG C 1 30 ? -17.652 6.902   10.867  1.00 24.39 ? 28  ARG C N   1 
ATOM   657 C CA  . ARG C 1 30 ? -17.801 6.667   12.318  1.00 31.76 ? 28  ARG C CA  1 
ATOM   658 C C   . ARG C 1 30 ? -16.429 6.763   12.987  1.00 33.06 ? 28  ARG C C   1 
ATOM   659 O O   . ARG C 1 30 ? -15.421 6.313   12.398  1.00 31.02 ? 28  ARG C O   1 
ATOM   660 C CB  . ARG C 1 30 ? -18.387 5.292   12.636  1.00 30.07 ? 28  ARG C CB  1 
ATOM   661 C CG  . ARG C 1 30 ? -19.432 4.763   11.678  1.00 31.97 ? 28  ARG C CG  1 
ATOM   662 C CD  . ARG C 1 30 ? -19.972 3.439   12.203  1.00 33.27 ? 28  ARG C CD  1 
ATOM   663 N NE  . ARG C 1 30 ? -20.873 2.785   11.268  1.00 39.16 ? 28  ARG C NE  1 
ATOM   664 C CZ  . ARG C 1 30 ? -20.500 2.186   10.140  1.00 41.93 ? 28  ARG C CZ  1 
ATOM   665 N NH1 . ARG C 1 30 ? -19.226 2.145   9.773   1.00 35.01 ? 28  ARG C NH1 1 
ATOM   666 N NH2 . ARG C 1 30 ? -21.427 1.655   9.359   1.00 41.89 ? 28  ARG C NH2 1 
ATOM   667 N N   . ALA C 1 31 ? -16.388 7.303   14.199  1.00 36.17 ? 29  ALA C N   1 
ATOM   668 C CA  . ALA C 1 31 ? -15.263 7.087   15.135  1.00 36.59 ? 29  ALA C CA  1 
ATOM   669 C C   . ALA C 1 31 ? -15.195 5.581   15.361  1.00 37.97 ? 29  ALA C C   1 
ATOM   670 O O   . ALA C 1 31 ? -16.255 4.956   15.246  1.00 40.90 ? 29  ALA C O   1 
ATOM   671 C CB  . ALA C 1 31 ? -15.497 7.873   16.406  1.00 39.88 ? 29  ALA C CB  1 
ATOM   672 N N   . CYS C 1 32 ? -14.007 4.984   15.494  1.00 42.69 ? 30  CYS C N   1 
ATOM   673 C CA  . CYS C 1 32 ? -13.828 3.584   15.992  1.00 47.22 ? 30  CYS C CA  1 
ATOM   674 C C   . CYS C 1 32 ? -13.940 3.606   17.517  1.00 54.51 ? 30  CYS C C   1 
ATOM   675 O O   . CYS C 1 32 ? -13.378 4.491   18.151  1.00 54.79 ? 30  CYS C O   1 
ATOM   676 C CB  . CYS C 1 32 ? -12.468 2.983   15.662  1.00 42.62 ? 30  CYS C CB  1 
ATOM   677 S SG  . CYS C 1 32 ? -12.011 3.063   13.914  1.00 39.21 ? 30  CYS C SG  1 
ATOM   678 N N   . PRO C 1 33 ? -14.635 2.643   18.172  1.00 66.04 ? 31  PRO C N   1 
ATOM   679 C CA  . PRO C 1 33 ? -14.755 2.653   19.632  1.00 64.17 ? 31  PRO C CA  1 
ATOM   680 C C   . PRO C 1 33 ? -13.492 2.104   20.315  1.00 64.95 ? 31  PRO C C   1 
ATOM   681 O O   . PRO C 1 33 ? -12.406 2.105   19.713  1.00 64.38 ? 31  PRO C O   1 
ATOM   682 C CB  . PRO C 1 33 ? -16.001 1.783   19.893  1.00 64.65 ? 31  PRO C CB  1 
ATOM   683 C CG  . PRO C 1 33 ? -16.602 1.531   18.508  1.00 66.05 ? 31  PRO C CG  1 
ATOM   684 C CD  . PRO C 1 33 ? -15.412 1.548   17.570  1.00 67.02 ? 31  PRO C CD  1 
ATOM   685 N N   . GLY D 1 1  ? 12.569  -23.387 -10.709 1.00 43.48 ? -1  GLY D N   1 
ATOM   686 C CA  . GLY D 1 1  ? 13.829  -22.733 -10.309 1.00 38.52 ? -1  GLY D CA  1 
ATOM   687 C C   . GLY D 1 1  ? 13.966  -21.396 -10.994 1.00 40.39 ? -1  GLY D C   1 
ATOM   688 O O   . GLY D 1 1  ? 13.155  -21.109 -11.900 1.00 35.70 ? -1  GLY D O   1 
ATOM   689 N N   . SER D 1 2  ? 14.953  -20.600 -10.591 1.00 34.58 ? 0   SER D N   1 
ATOM   690 C CA  . SER D 1 2  ? 15.170  -19.227 -11.096 1.00 35.35 ? 0   SER D CA  1 
ATOM   691 C C   . SER D 1 2  ? 16.635  -19.034 -11.473 1.00 36.39 ? 0   SER D C   1 
ATOM   692 O O   . SER D 1 2  ? 17.520  -19.665 -10.829 1.00 36.38 ? 0   SER D O   1 
ATOM   693 C CB  . SER D 1 2  ? 14.744  -18.217 -10.100 1.00 36.41 ? 0   SER D CB  1 
ATOM   694 O OG  . SER D 1 2  ? 14.644  -16.946 -10.704 1.00 34.48 ? 0   SER D OG  1 
ATOM   695 N N   . SER D 1 3  ? 16.854  -18.198 -12.479 1.00 33.95 ? 1   SER D N   1 
ATOM   696 C CA  . SER D 1 3  ? 18.189  -17.823 -12.985 1.00 39.65 ? 1   SER D CA  1 
ATOM   697 C C   . SER D 1 3  ? 18.131  -16.444 -13.647 1.00 34.49 ? 1   SER D C   1 
ATOM   698 O O   . SER D 1 3  ? 17.032  -15.920 -13.886 1.00 40.55 ? 1   SER D O   1 
ATOM   699 C CB  . SER D 1 3  ? 18.714  -18.869 -13.913 1.00 41.28 ? 1   SER D CB  1 
ATOM   700 O OG  . SER D 1 3  ? 17.679  -19.297 -14.780 1.00 41.52 ? 1   SER D OG  1 
ATOM   701 N N   . CYS D 1 4  ? 19.318  -15.892 -13.898 1.00 32.64 ? 2   CYS D N   1 
ATOM   702 C CA  . CYS D 1 4  ? 19.533  -14.637 -14.635 1.00 26.84 ? 2   CYS D CA  1 
ATOM   703 C C   . CYS D 1 4  ? 20.664  -14.880 -15.627 1.00 27.89 ? 2   CYS D C   1 
ATOM   704 O O   . CYS D 1 4  ? 21.463  -15.832 -15.436 1.00 26.04 ? 2   CYS D O   1 
ATOM   705 C CB  . CYS D 1 4  ? 19.814  -13.482 -13.666 1.00 27.83 ? 2   CYS D CB  1 
ATOM   706 S SG  . CYS D 1 4  ? 21.130  -13.823 -12.450 1.00 28.43 ? 2   CYS D SG  1 
ATOM   707 N N   . GLU D 1 5  ? 20.780  -14.027 -16.630 1.00 27.40 ? 3   GLU D N   1 
ATOM   708 C CA  . GLU D 1 5  ? 21.880  -14.123 -17.625 1.00 31.69 ? 3   GLU D CA  1 
ATOM   709 C C   . GLU D 1 5  ? 23.175  -13.602 -17.003 1.00 26.64 ? 3   GLU D C   1 
ATOM   710 O O   . GLU D 1 5  ? 23.238  -12.414 -16.671 1.00 26.82 ? 3   GLU D O   1 
ATOM   711 C CB  . GLU D 1 5  ? 21.447  -13.323 -18.849 1.00 34.91 ? 3   GLU D CB  1 
ATOM   712 C CG  . GLU D 1 5  ? 20.098  -13.797 -19.355 1.00 41.63 ? 3   GLU D CG  1 
ATOM   713 C CD  . GLU D 1 5  ? 19.455  -12.974 -20.452 1.00 43.68 ? 3   GLU D CD  1 
ATOM   714 O OE1 . GLU D 1 5  ? 18.839  -11.929 -20.138 1.00 44.87 ? 3   GLU D OE1 1 
ATOM   715 O OE2 . GLU D 1 5  ? 19.541  -13.408 -21.613 1.00 53.24 ? 3   GLU D OE2 1 
ATOM   716 N N   . PRO D 1 6  ? 24.262  -14.418 -16.851 1.00 28.88 ? 4   PRO D N   1 
ATOM   717 C CA  . PRO D 1 6  ? 25.479  -13.940 -16.203 1.00 27.66 ? 4   PRO D CA  1 
ATOM   718 C C   . PRO D 1 6  ? 25.984  -12.588 -16.726 1.00 26.02 ? 4   PRO D C   1 
ATOM   719 O O   . PRO D 1 6  ? 26.139  -12.422 -17.910 1.00 22.45 ? 4   PRO D O   1 
ATOM   720 C CB  . PRO D 1 6  ? 26.525  -15.003 -16.509 1.00 26.63 ? 4   PRO D CB  1 
ATOM   721 C CG  . PRO D 1 6  ? 25.707  -16.266 -16.672 1.00 28.46 ? 4   PRO D CG  1 
ATOM   722 C CD  . PRO D 1 6  ? 24.416  -15.807 -17.320 1.00 29.63 ? 4   PRO D CD  1 
ATOM   723 N N   . GLY D 1 7  ? 26.224  -11.661 -15.806 1.00 26.13 ? 5   GLY D N   1 
ATOM   724 C CA  . GLY D 1 7  ? 26.907  -10.387 -16.071 1.00 26.96 ? 5   GLY D CA  1 
ATOM   725 C C   . GLY D 1 7  ? 25.968  -9.259  -16.460 1.00 30.15 ? 5   GLY D C   1 
ATOM   726 O O   . GLY D 1 7  ? 26.397  -8.087  -16.330 1.00 32.99 ? 5   GLY D O   1 
ATOM   727 N N   . ARG D 1 8  ? 24.741  -9.592  -16.888 1.00 29.51 ? 6   ARG D N   1 
ATOM   728 C CA  . ARG D 1 8  ? 23.735  -8.653  -17.454 1.00 33.30 ? 6   ARG D CA  1 
ATOM   729 C C   . ARG D 1 8  ? 22.984  -7.973  -16.313 1.00 28.83 ? 6   ARG D C   1 
ATOM   730 O O   . ARG D 1 8  ? 22.669  -8.653  -15.291 1.00 26.38 ? 6   ARG D O   1 
ATOM   731 C CB  . ARG D 1 8  ? 22.724  -9.398  -18.338 1.00 40.38 ? 6   ARG D CB  1 
ATOM   732 C CG  . ARG D 1 8  ? 23.289  -9.937  -19.650 1.00 47.99 ? 6   ARG D CG  1 
ATOM   733 C CD  . ARG D 1 8  ? 24.231  -8.949  -20.310 1.00 58.89 ? 6   ARG D CD  1 
ATOM   734 N NE  . ARG D 1 8  ? 24.562  -9.254  -21.702 1.00 71.96 ? 6   ARG D NE  1 
ATOM   735 C CZ  . ARG D 1 8  ? 24.410  -8.426  -22.741 1.00 75.92 ? 6   ARG D CZ  1 
ATOM   736 N NH1 . ARG D 1 8  ? 23.904  -7.212  -22.585 1.00 78.56 ? 6   ARG D NH1 1 
ATOM   737 N NH2 . ARG D 1 8  ? 24.778  -8.820  -23.948 1.00 78.22 ? 6   ARG D NH2 1 
ATOM   738 N N   . THR D 1 9  ? 22.739  -6.682  -16.463 1.00 28.16 ? 7   THR D N   1 
ATOM   739 C CA  A THR D 1 9  ? 21.852  -5.913  -15.552 0.50 29.60 ? 7   THR D CA  1 
ATOM   740 C CA  B THR D 1 9  ? 21.856  -5.907  -15.551 0.50 29.83 ? 7   THR D CA  1 
ATOM   741 C C   . THR D 1 9  ? 20.407  -6.354  -15.790 1.00 31.23 ? 7   THR D C   1 
ATOM   742 O O   . THR D 1 9  ? 20.099  -6.850  -16.908 1.00 28.24 ? 7   THR D O   1 
ATOM   743 C CB  A THR D 1 9  ? 21.943  -4.402  -15.774 0.50 29.16 ? 7   THR D CB  1 
ATOM   744 C CB  B THR D 1 9  ? 22.048  -4.390  -15.703 0.50 29.97 ? 7   THR D CB  1 
ATOM   745 O OG1 A THR D 1 9  ? 21.534  -4.204  -17.124 0.50 31.97 ? 7   THR D OG1 1 
ATOM   746 O OG1 B THR D 1 9  ? 21.062  -3.748  -14.894 0.50 29.69 ? 7   THR D OG1 1 
ATOM   747 C CG2 A THR D 1 9  ? 23.322  -3.835  -15.538 0.50 28.21 ? 7   THR D CG2 1 
ATOM   748 C CG2 B THR D 1 9  ? 21.907  -3.891  -17.123 0.50 31.54 ? 7   THR D CG2 1 
ATOM   749 N N   . PHE D 1 10 ? 19.565  -6.240  -14.772 1.00 29.67 ? 8   PHE D N   1 
ATOM   750 C CA  . PHE D 1 10 ? 18.114  -6.502  -14.903 1.00 29.57 ? 8   PHE D CA  1 
ATOM   751 C C   . PHE D 1 10 ? 17.421  -5.707  -13.800 1.00 30.58 ? 8   PHE D C   1 
ATOM   752 O O   . PHE D 1 10 ? 18.072  -5.398  -12.794 1.00 31.54 ? 8   PHE D O   1 
ATOM   753 C CB  . PHE D 1 10 ? 17.809  -8.004  -14.928 1.00 32.53 ? 8   PHE D CB  1 
ATOM   754 C CG  . PHE D 1 10 ? 18.036  -8.766  -13.645 1.00 33.07 ? 8   PHE D CG  1 
ATOM   755 C CD1 . PHE D 1 10 ? 17.037  -8.848  -12.681 1.00 32.97 ? 8   PHE D CD1 1 
ATOM   756 C CD2 . PHE D 1 10 ? 19.219  -9.454  -13.427 1.00 34.78 ? 8   PHE D CD2 1 
ATOM   757 C CE1 . PHE D 1 10 ? 17.236  -9.562  -11.502 1.00 33.13 ? 8   PHE D CE1 1 
ATOM   758 C CE2 . PHE D 1 10 ? 19.420  -10.161 -12.250 1.00 35.52 ? 8   PHE D CE2 1 
ATOM   759 C CZ  . PHE D 1 10 ? 18.433  -10.211 -11.285 1.00 35.78 ? 8   PHE D CZ  1 
ATOM   760 N N   . ASP D 1 11 ? 16.187  -5.294  -14.076 1.00 29.59 ? 9   ASP D N   1 
ATOM   761 C CA  . ASP D 1 11 ? 15.377  -4.437  -13.195 1.00 29.21 ? 9   ASP D CA  1 
ATOM   762 C C   . ASP D 1 11 ? 14.116  -5.227  -12.840 1.00 28.44 ? 9   ASP D C   1 
ATOM   763 O O   . ASP D 1 11 ? 13.430  -5.738  -13.800 1.00 27.24 ? 9   ASP D O   1 
ATOM   764 C CB  . ASP D 1 11 ? 15.093  -3.118  -13.902 1.00 34.56 ? 9   ASP D CB  1 
ATOM   765 C CG  . ASP D 1 11 ? 16.237  -2.125  -13.842 1.00 34.16 ? 9   ASP D CG  1 
ATOM   766 O OD1 . ASP D 1 11 ? 17.350  -2.512  -13.479 1.00 34.82 ? 9   ASP D OD1 1 
ATOM   767 O OD2 . ASP D 1 11 ? 15.983  -0.979  -14.144 1.00 38.94 ? 9   ASP D OD2 1 
ATOM   768 N N   . ARG D 1 12 ? 13.829  -5.339  -11.540 1.00 26.10 ? 10  ARG D N   1 
ATOM   769 C CA  . ARG D 1 12 ? 12.619  -6.019  -11.007 1.00 27.80 ? 10  ARG D CA  1 
ATOM   770 C C   . ARG D 1 12 ? 11.668  -4.961  -10.438 1.00 27.14 ? 10  ARG D C   1 
ATOM   771 O O   . ARG D 1 12 ? 12.131  -3.975  -9.857  1.00 25.23 ? 10  ARG D O   1 
ATOM   772 C CB  . ARG D 1 12 ? 12.980  -7.114  -9.999  1.00 31.58 ? 10  ARG D CB  1 
ATOM   773 C CG  . ARG D 1 12 ? 14.068  -8.070  -10.486 1.00 35.38 ? 10  ARG D CG  1 
ATOM   774 C CD  . ARG D 1 12 ? 13.662  -8.853  -11.740 1.00 36.69 ? 10  ARG D CD  1 
ATOM   775 N NE  . ARG D 1 12 ? 12.557  -9.772  -11.514 1.00 35.50 ? 10  ARG D NE  1 
ATOM   776 C CZ  . ARG D 1 12 ? 12.145  -10.725 -12.347 1.00 39.75 ? 10  ARG D CZ  1 
ATOM   777 N NH1 . ARG D 1 12 ? 12.737  -10.902 -13.515 1.00 45.19 ? 10  ARG D NH1 1 
ATOM   778 N NH2 . ARG D 1 12 ? 11.129  -11.505 -12.002 1.00 43.38 ? 10  ARG D NH2 1 
ATOM   779 N N   . CYS D 1 13 ? 10.378  -5.167  -10.645 1.00 26.32 ? 11  CYS D N   1 
ATOM   780 C CA  . CYS D 1 13 ? 9.275   -4.245  -10.283 1.00 27.65 ? 11  CYS D CA  1 
ATOM   781 C C   . CYS D 1 13 ? 8.231   -5.069  -9.535  1.00 27.40 ? 11  CYS D C   1 
ATOM   782 O O   . CYS D 1 13 ? 7.367   -5.684  -10.196 1.00 28.49 ? 11  CYS D O   1 
ATOM   783 C CB  . CYS D 1 13 ? 8.689   -3.602  -11.530 1.00 31.74 ? 11  CYS D CB  1 
ATOM   784 S SG  . CYS D 1 13 ? 9.645   -2.185  -12.127 1.00 32.95 ? 11  CYS D SG  1 
ATOM   785 N N   . ASN D 1 14 ? 8.380   -5.124  -8.213  1.00 24.93 ? 12  ASN D N   1 
ATOM   786 C CA  . ASN D 1 14 ? 7.701   -6.107  -7.335  1.00 25.84 ? 12  ASN D CA  1 
ATOM   787 C C   . ASN D 1 14 ? 6.573   -5.401  -6.610  1.00 25.36 ? 12  ASN D C   1 
ATOM   788 O O   . ASN D 1 14 ? 6.659   -4.187  -6.422  1.00 23.85 ? 12  ASN D O   1 
ATOM   789 C CB  . ASN D 1 14 ? 8.668   -6.750  -6.336  1.00 22.15 ? 12  ASN D CB  1 
ATOM   790 C CG  . ASN D 1 14 ? 9.856   -7.351  -7.054  1.00 25.28 ? 12  ASN D CG  1 
ATOM   791 O OD1 . ASN D 1 14 ? 9.695   -7.868  -8.161  1.00 23.76 ? 12  ASN D OD1 1 
ATOM   792 N ND2 . ASN D 1 14 ? 11.047  -7.223  -6.474  1.00 24.74 ? 12  ASN D ND2 1 
ATOM   793 N N   . THR D 1 15 ? 5.544   -6.157  -6.262  1.00 27.89 ? 13  THR D N   1 
ATOM   794 C CA  . THR D 1 15 ? 4.417   -5.662  -5.451  1.00 27.87 ? 13  THR D CA  1 
ATOM   795 C C   . THR D 1 15 ? 4.338   -6.587  -4.237  1.00 29.52 ? 13  THR D C   1 
ATOM   796 O O   . THR D 1 15 ? 4.355   -7.814  -4.421  1.00 28.71 ? 13  THR D O   1 
ATOM   797 C CB  . THR D 1 15 ? 3.147   -5.499  -6.294  1.00 32.30 ? 13  THR D CB  1 
ATOM   798 O OG1 . THR D 1 15 ? 3.477   -4.616  -7.374  1.00 27.41 ? 13  THR D OG1 1 
ATOM   799 C CG2 . THR D 1 15 ? 2.005   -4.939  -5.463  1.00 31.71 ? 13  THR D CG2 1 
ATOM   800 N N   . CYS D 1 16 ? 4.371   -6.013  -3.039  1.00 27.38 ? 14  CYS D N   1 
ATOM   801 C CA  . CYS D 1 16 ? 4.324   -6.779  -1.780  1.00 27.91 ? 14  CYS D CA  1 
ATOM   802 C C   . CYS D 1 16 ? 3.152   -6.331  -0.929  1.00 28.57 ? 14  CYS D C   1 
ATOM   803 O O   . CYS D 1 16 ? 2.714   -5.169  -1.037  1.00 30.44 ? 14  CYS D O   1 
ATOM   804 C CB  . CYS D 1 16 ? 5.622   -6.600  -1.001  1.00 28.41 ? 14  CYS D CB  1 
ATOM   805 S SG  . CYS D 1 16 ? 7.054   -7.134  -1.965  0.98 31.85 ? 14  CYS D SG  1 
ATOM   806 N N   . ARG D 1 17 ? 2.679   -7.240  -0.096  1.00 29.05 ? 15  ARG D N   1 
ATOM   807 C CA  . ARG D 1 17 ? 1.613   -6.945  0.876   1.00 35.44 ? 15  ARG D CA  1 
ATOM   808 C C   . ARG D 1 17 ? 2.156   -7.340  2.235   1.00 33.94 ? 15  ARG D C   1 
ATOM   809 O O   . ARG D 1 17 ? 2.623   -8.500  2.384   1.00 40.87 ? 15  ARG D O   1 
ATOM   810 C CB  . ARG D 1 17 ? 0.333   -7.700  0.520   1.00 37.18 ? 15  ARG D CB  1 
ATOM   811 C CG  . ARG D 1 17 ? -0.889  -7.262  1.308   1.00 42.44 ? 15  ARG D CG  1 
ATOM   812 C CD  . ARG D 1 17 ? -2.127  -7.895  0.718   1.00 51.72 ? 15  ARG D CD  1 
ATOM   813 N NE  . ARG D 1 17 ? -3.146  -6.955  0.284   1.00 58.81 ? 15  ARG D NE  1 
ATOM   814 C CZ  . ARG D 1 17 ? -3.997  -6.334  1.094   1.00 60.88 ? 15  ARG D CZ  1 
ATOM   815 N NH1 . ARG D 1 17 ? -3.954  -6.524  2.405   1.00 60.30 ? 15  ARG D NH1 1 
ATOM   816 N NH2 . ARG D 1 17 ? -4.893  -5.512  0.578   1.00 66.28 ? 15  ARG D NH2 1 
ATOM   817 N N   . CYS D 1 18 ? 2.139   -6.402  3.161   1.00 33.66 ? 16  CYS D N   1 
ATOM   818 C CA  . CYS D 1 18 ? 2.659   -6.593  4.528   1.00 41.01 ? 16  CYS D CA  1 
ATOM   819 C C   . CYS D 1 18 ? 1.628   -7.389  5.346   1.00 42.24 ? 16  CYS D C   1 
ATOM   820 O O   . CYS D 1 18 ? 0.523   -6.910  5.478   1.00 39.64 ? 16  CYS D O   1 
ATOM   821 C CB  . CYS D 1 18 ? 2.938   -5.231  5.142   1.00 44.94 ? 16  CYS D CB  1 
ATOM   822 S SG  . CYS D 1 18 ? 3.903   -5.362  6.662   1.00 50.52 ? 16  CYS D SG  1 
ATOM   823 N N   . GLY D 1 19 ? 1.975   -8.588  5.818   1.00 47.73 ? 17  GLY D N   1 
ATOM   824 C CA  . GLY D 1 19 ? 1.160   -9.394  6.750   1.00 48.73 ? 17  GLY D CA  1 
ATOM   825 C C   . GLY D 1 19 ? 0.765   -8.605  7.986   1.00 50.50 ? 17  GLY D C   1 
ATOM   826 O O   . GLY D 1 19 ? 1.298   -7.494  8.181   1.00 48.70 ? 17  GLY D O   1 
ATOM   827 N N   . ALA D 1 20 ? -0.143  -9.160  8.798   1.00 61.15 ? 18  ALA D N   1 
ATOM   828 C CA  . ALA D 1 20 ? -0.667  -8.561  10.053  1.00 65.18 ? 18  ALA D CA  1 
ATOM   829 C C   . ALA D 1 20 ? 0.462   -8.465  11.082  1.00 63.21 ? 18  ALA D C   1 
ATOM   830 O O   . ALA D 1 20 ? 0.430   -7.531  11.890  1.00 72.44 ? 18  ALA D O   1 
ATOM   831 C CB  . ALA D 1 20 ? -1.831  -9.375  10.582  1.00 69.19 ? 18  ALA D CB  1 
ATOM   832 N N   . ASP D 1 21 ? 1.416   -9.402  11.011  1.00 65.13 ? 19  ASP D N   1 
ATOM   833 C CA  . ASP D 1 21 ? 2.707   -9.450  11.757  1.00 63.41 ? 19  ASP D CA  1 
ATOM   834 C C   . ASP D 1 21 ? 3.484   -8.126  11.664  1.00 60.42 ? 19  ASP D C   1 
ATOM   835 O O   . ASP D 1 21 ? 4.227   -7.831  12.602  1.00 68.56 ? 19  ASP D O   1 
ATOM   836 C CB  . ASP D 1 21 ? 3.588   -10.585 11.210  1.00 63.56 ? 19  ASP D CB  1 
ATOM   837 N N   . GLY D 1 22 ? 3.372   -7.377  10.564  1.00 61.35 ? 20  GLY D N   1 
ATOM   838 C CA  . GLY D 1 22 ? 4.285   -6.257  10.263  1.00 62.67 ? 20  GLY D CA  1 
ATOM   839 C C   . GLY D 1 22 ? 5.636   -6.768  9.780   1.00 66.17 ? 20  GLY D C   1 
ATOM   840 O O   . GLY D 1 22 ? 6.391   -5.960  9.220   1.00 67.75 ? 20  GLY D O   1 
ATOM   841 N N   . ARG D 1 23 ? 5.902   -8.073  9.956   1.00 68.66 ? 21  ARG D N   1 
ATOM   842 C CA  . ARG D 1 23 ? 7.207   -8.755  9.726   1.00 69.41 ? 21  ARG D CA  1 
ATOM   843 C C   . ARG D 1 23 ? 7.092   -9.757  8.567   1.00 79.32 ? 21  ARG D C   1 
ATOM   844 O O   . ARG D 1 23 ? 8.127   -10.018 7.923   1.00 82.72 ? 21  ARG D O   1 
ATOM   845 C CB  . ARG D 1 23 ? 7.662   -9.491  10.993  1.00 67.61 ? 21  ARG D CB  1 
ATOM   846 N N   . SER D 1 24 ? 5.902   -10.329 8.336   1.00 78.70 ? 22  SER D N   1 
ATOM   847 C CA  . SER D 1 24 ? 5.588   -11.207 7.176   1.00 69.49 ? 22  SER D CA  1 
ATOM   848 C C   . SER D 1 24 ? 5.329   -10.347 5.927   1.00 68.60 ? 22  SER D C   1 
ATOM   849 O O   . SER D 1 24 ? 5.107   -9.113  6.076   1.00 68.04 ? 22  SER D O   1 
ATOM   850 C CB  . SER D 1 24 ? 4.409   -12.096 7.478   1.00 66.73 ? 22  SER D CB  1 
ATOM   851 N N   . ALA D 1 25 ? 5.363   -10.970 4.742   1.00 53.70 ? 23  ALA D N   1 
ATOM   852 C CA  . ALA D 1 25 ? 4.925   -10.359 3.468   1.00 50.97 ? 23  ALA D CA  1 
ATOM   853 C C   . ALA D 1 25 ? 4.687   -11.436 2.389   1.00 48.22 ? 23  ALA D C   1 
ATOM   854 O O   . ALA D 1 25 ? 5.292   -12.531 2.447   1.00 54.32 ? 23  ALA D O   1 
ATOM   855 C CB  . ALA D 1 25 ? 5.922   -9.309  3.023   1.00 48.80 ? 23  ALA D CB  1 
ATOM   856 N N   . ALA D 1 26 ? 3.746   -11.157 1.491   1.00 41.22 ? 24  ALA D N   1 
ATOM   857 C CA  . ALA D 1 26 ? 3.594   -11.803 0.177   1.00 38.74 ? 24  ALA D CA  1 
ATOM   858 C C   . ALA D 1 26 ? 4.051   -10.791 -0.874  1.00 32.58 ? 24  ALA D C   1 
ATOM   859 O O   . ALA D 1 26 ? 3.679   -9.623  -0.774  1.00 36.24 ? 24  ALA D O   1 
ATOM   860 C CB  . ALA D 1 26 ? 2.168   -12.221 -0.035  1.00 40.04 ? 24  ALA D CB  1 
ATOM   861 N N   . CYS D 1 27 ? 4.816   -11.238 -1.854  1.00 26.23 ? 25  CYS D N   1 
ATOM   862 C CA  . CYS D 1 27 ? 5.356   -10.392 -2.946  1.00 24.55 ? 25  CYS D CA  1 
ATOM   863 C C   . CYS D 1 27 ? 5.103   -11.085 -4.274  1.00 24.12 ? 25  CYS D C   1 
ATOM   864 O O   . CYS D 1 27 ? 5.344   -12.315 -4.352  1.00 18.67 ? 25  CYS D O   1 
ATOM   865 C CB  . CYS D 1 27 ? 6.852   -10.147 -2.813  1.00 27.75 ? 25  CYS D CB  1 
ATOM   866 S SG  . CYS D 1 27 ? 7.339   -9.113  -1.406  0.90 30.15 ? 25  CYS D SG  1 
ATOM   867 N N   . THR D 1 28 ? 4.623   -10.317 -5.262  1.00 20.99 ? 26  THR D N   1 
ATOM   868 C CA  . THR D 1 28 ? 4.609   -10.723 -6.684  1.00 23.02 ? 26  THR D CA  1 
ATOM   869 C C   . THR D 1 28 ? 5.877   -10.174 -7.327  1.00 26.11 ? 26  THR D C   1 
ATOM   870 O O   . THR D 1 28 ? 6.074   -8.949  -7.243  1.00 25.70 ? 26  THR D O   1 
ATOM   871 C CB  . THR D 1 28 ? 3.341   -10.244 -7.406  1.00 23.15 ? 26  THR D CB  1 
ATOM   872 O OG1 . THR D 1 28 ? 2.210   -10.948 -6.872  1.00 22.73 ? 26  THR D OG1 1 
ATOM   873 C CG2 . THR D 1 28 ? 3.429   -10.501 -8.889  1.00 25.15 ? 26  THR D CG2 1 
ATOM   874 N N   . LEU D 1 29 ? 6.739   -11.043 -7.866  1.00 28.59 ? 27  LEU D N   1 
ATOM   875 C CA  . LEU D 1 29 ? 8.000   -10.613 -8.523  1.00 27.38 ? 27  LEU D CA  1 
ATOM   876 C C   . LEU D 1 29 ? 7.728   -10.536 -10.029 1.00 29.09 ? 27  LEU D C   1 
ATOM   877 O O   . LEU D 1 29 ? 6.951   -11.375 -10.578 1.00 25.34 ? 27  LEU D O   1 
ATOM   878 C CB  . LEU D 1 29 ? 9.138   -11.575 -8.191  1.00 28.00 ? 27  LEU D CB  1 
ATOM   879 C CG  . LEU D 1 29 ? 9.315   -11.961 -6.727  1.00 28.33 ? 27  LEU D CG  1 
ATOM   880 C CD1 . LEU D 1 29 ? 10.561  -12.826 -6.589  1.00 29.32 ? 27  LEU D CD1 1 
ATOM   881 C CD2 . LEU D 1 29 ? 9.394   -10.757 -5.794  1.00 28.66 ? 27  LEU D CD2 1 
ATOM   882 N N   . ARG D 1 30 ? 8.218   -9.472  -10.641 1.00 27.37 ? 28  ARG D N   1 
ATOM   883 C CA  . ARG D 1 30 ? 8.076   -9.170  -12.078 1.00 28.60 ? 28  ARG D CA  1 
ATOM   884 C C   . ARG D 1 30 ? 9.345   -8.452  -12.546 1.00 29.54 ? 28  ARG D C   1 
ATOM   885 O O   . ARG D 1 30 ? 10.015  -7.749  -11.717 1.00 29.26 ? 28  ARG D O   1 
ATOM   886 C CB  . ARG D 1 30 ? 6.887   -8.247  -12.384 1.00 31.91 ? 28  ARG D CB  1 
ATOM   887 C CG  . ARG D 1 30 ? 5.647   -8.446  -11.531 1.00 35.20 ? 28  ARG D CG  1 
ATOM   888 C CD  . ARG D 1 30 ? 4.499   -7.588  -12.072 1.00 36.61 ? 28  ARG D CD  1 
ATOM   889 N NE  . ARG D 1 30 ? 3.376   -7.403  -11.153 1.00 41.04 ? 28  ARG D NE  1 
ATOM   890 C CZ  . ARG D 1 30 ? 3.342   -6.571  -10.108 1.00 45.38 ? 28  ARG D CZ  1 
ATOM   891 N NH1 . ARG D 1 30 ? 4.396   -5.838  -9.766  1.00 41.02 ? 28  ARG D NH1 1 
ATOM   892 N NH2 . ARG D 1 30 ? 2.246   -6.514  -9.365  1.00 48.79 ? 28  ARG D NH2 1 
ATOM   893 N N   . ALA D 1 31 ? 9.731   -8.704  -13.798 1.00 31.70 ? 29  ALA D N   1 
ATOM   894 C CA  . ALA D 1 31 ? 10.610  -7.832  -14.588 1.00 32.54 ? 29  ALA D CA  1 
ATOM   895 C C   . ALA D 1 31 ? 9.893   -6.489  -14.729 1.00 36.21 ? 29  ALA D C   1 
ATOM   896 O O   . ALA D 1 31 ? 8.648   -6.460  -14.923 1.00 36.76 ? 29  ALA D O   1 
ATOM   897 C CB  . ALA D 1 31 ? 10.930  -8.478  -15.917 1.00 36.16 ? 29  ALA D CB  1 
ATOM   898 N N   . CYS D 1 32 ? 10.617  -5.386  -14.574 1.00 33.46 ? 30  CYS D N   1 
ATOM   899 C CA  . CYS D 1 32 ? 10.110  -4.050  -14.950 1.00 34.99 ? 30  CYS D CA  1 
ATOM   900 C C   . CYS D 1 32 ? 9.733   -4.085  -16.425 1.00 38.32 ? 30  CYS D C   1 
ATOM   901 O O   . CYS D 1 32 ? 10.351  -4.805  -17.210 1.00 33.68 ? 30  CYS D O   1 
ATOM   902 C CB  . CYS D 1 32 ? 11.155  -2.996  -14.648 1.00 31.98 ? 30  CYS D CB  1 
ATOM   903 S SG  . CYS D 1 32 ? 11.429  -2.856  -12.873 1.00 32.37 ? 30  CYS D SG  1 
ATOM   904 N N   . PRO D 1 33 ? 8.635   -3.410  -16.835 1.00 48.48 ? 31  PRO D N   1 
ATOM   905 C CA  . PRO D 1 33 ? 8.239   -3.398  -18.244 1.00 51.00 ? 31  PRO D CA  1 
ATOM   906 C C   . PRO D 1 33 ? 9.422   -3.155  -19.192 1.00 50.38 ? 31  PRO D C   1 
ATOM   907 O O   . PRO D 1 33 ? 10.260  -2.305  -18.886 1.00 57.10 ? 31  PRO D O   1 
ATOM   908 C CB  . PRO D 1 33 ? 7.232   -2.241  -18.295 1.00 52.47 ? 31  PRO D CB  1 
ATOM   909 C CG  . PRO D 1 33 ? 6.588   -2.268  -16.908 1.00 52.54 ? 31  PRO D CG  1 
ATOM   910 C CD  . PRO D 1 33 ? 7.701   -2.677  -15.961 1.00 46.70 ? 31  PRO D CD  1 
HETATM 911 C C1  . GOL E 2 .  ? -7.285  6.758   3.428   1.00 47.96 ? 101 GOL A C1  1 
HETATM 912 O O1  . GOL E 2 .  ? -6.006  6.459   2.889   1.00 45.59 ? 101 GOL A O1  1 
HETATM 913 C C2  . GOL E 2 .  ? -7.162  7.991   4.288   1.00 46.81 ? 101 GOL A C2  1 
HETATM 914 O O2  . GOL E 2 .  ? -6.143  7.739   5.214   1.00 27.25 ? 101 GOL A O2  1 
HETATM 915 C C3  . GOL E 2 .  ? -8.404  8.419   5.039   1.00 50.54 ? 101 GOL A C3  1 
HETATM 916 O O3  . GOL E 2 .  ? -8.246  9.730   5.573   1.00 53.22 ? 101 GOL A O3  1 
HETATM 917 C C1  . GOL F 2 .  ? 9.917   -12.460 -1.208  1.00 60.43 ? 101 GOL D C1  1 
HETATM 918 O O1  . GOL F 2 .  ? 9.494   -12.327 -2.560  1.00 61.66 ? 101 GOL D O1  1 
HETATM 919 C C2  . GOL F 2 .  ? 8.855   -11.970 -0.253  1.00 57.48 ? 101 GOL D C2  1 
HETATM 920 O O2  . GOL F 2 .  ? 7.727   -12.815 -0.376  1.00 33.98 ? 101 GOL D O2  1 
HETATM 921 C C3  . GOL F 2 .  ? 9.274   -11.938 1.201   1.00 64.50 ? 101 GOL D C3  1 
HETATM 922 O O3  . GOL F 2 .  ? 8.134   -11.828 2.049   1.00 72.50 ? 101 GOL D O3  1 
HETATM 923 C C1  . GOL G 2 .  ? -1.457  -4.731  -7.625  1.00 62.17 ? 102 GOL D C1  1 
HETATM 924 O O1  . GOL G 2 .  ? -0.170  -5.339  -7.737  1.00 68.68 ? 102 GOL D O1  1 
HETATM 925 C C2  . GOL G 2 .  ? -1.782  -4.262  -6.216  1.00 60.75 ? 102 GOL D C2  1 
HETATM 926 O O2  . GOL G 2 .  ? -3.183  -4.014  -6.122  1.00 64.58 ? 102 GOL D O2  1 
HETATM 927 C C3  . GOL G 2 .  ? -1.398  -5.227  -5.110  1.00 61.62 ? 102 GOL D C3  1 
HETATM 928 O O3  . GOL G 2 .  ? -0.782  -4.572  -4.006  1.00 62.91 ? 102 GOL D O3  1 
HETATM 929 O O   . HOH H 3 .  ? -9.048  -0.119  6.085   1.00 27.35 ? 201 HOH A O   1 
HETATM 930 O O   . HOH H 3 .  ? -7.876  23.076  7.602   1.00 40.91 ? 202 HOH A O   1 
HETATM 931 O O   . HOH H 3 .  ? -1.546  19.397  15.407  1.00 28.83 ? 203 HOH A O   1 
HETATM 932 O O   . HOH H 3 .  ? 1.135   5.901   4.765   1.00 47.08 ? 204 HOH A O   1 
HETATM 933 O O   . HOH H 3 .  ? -1.786  11.918  5.241   1.00 24.26 ? 205 HOH A O   1 
HETATM 934 O O   . HOH H 3 .  ? 1.547   10.510  14.568  1.00 47.28 ? 206 HOH A O   1 
HETATM 935 O O   . HOH H 3 .  ? -12.301 9.483   7.607   1.00 35.65 ? 207 HOH A O   1 
HETATM 936 O O   . HOH H 3 .  ? -14.766 -4.690  3.621   1.00 40.16 ? 208 HOH A O   1 
HETATM 937 O O   . HOH H 3 .  ? -16.038 -3.640  -2.924  1.00 32.49 ? 209 HOH A O   1 
HETATM 938 O O   . HOH H 3 .  ? -14.698 -4.622  9.927   1.00 42.33 ? 210 HOH A O   1 
HETATM 939 O O   . HOH H 3 .  ? -10.601 9.734   3.166   1.00 34.89 ? 211 HOH A O   1 
HETATM 940 O O   . HOH H 3 .  ? -5.325  -1.301  5.637   1.00 54.90 ? 212 HOH A O   1 
HETATM 941 O O   . HOH H 3 .  ? -15.010 -5.340  1.045   1.00 53.74 ? 213 HOH A O   1 
HETATM 942 O O   . HOH I 3 .  ? 5.434   2.123   -10.176 1.00 39.67 ? 101 HOH B O   1 
HETATM 943 O O   . HOH I 3 .  ? 22.433  -18.935 -6.010  1.00 38.17 ? 102 HOH B O   1 
HETATM 944 O O   . HOH I 3 .  ? 11.029  -7.509  -3.195  1.00 52.89 ? 103 HOH B O   1 
HETATM 945 O O   . HOH I 3 .  ? -2.812  -1.603  8.999   1.00 48.02 ? 104 HOH B O   1 
HETATM 946 O O   . HOH I 3 .  ? 11.789  0.835   -4.816  1.00 34.04 ? 105 HOH B O   1 
HETATM 947 O O   . HOH I 3 .  ? 0.914   1.720   -1.004  1.00 47.49 ? 106 HOH B O   1 
HETATM 948 O O   . HOH I 3 .  ? 2.697   3.660   -4.775  1.00 37.65 ? 107 HOH B O   1 
HETATM 949 O O   . HOH I 3 .  ? 16.001  5.438   -7.636  1.00 42.22 ? 108 HOH B O   1 
HETATM 950 O O   . HOH I 3 .  ? 26.569  -2.733  -12.225 1.00 41.53 ? 109 HOH B O   1 
HETATM 951 O O   . HOH I 3 .  ? 9.378   3.398   -5.535  1.00 39.91 ? 110 HOH B O   1 
HETATM 952 O O   . HOH I 3 .  ? 25.016  -18.238 -5.513  1.00 44.90 ? 111 HOH B O   1 
HETATM 953 O O   . HOH I 3 .  ? 9.545   6.374   -15.061 1.00 43.93 ? 112 HOH B O   1 
HETATM 954 O O   . HOH I 3 .  ? 13.681  -9.388  -7.013  1.00 33.91 ? 113 HOH B O   1 
HETATM 955 O O   . HOH I 3 .  ? 4.107   2.063   -3.431  1.00 50.71 ? 114 HOH B O   1 
HETATM 956 O O   . HOH I 3 .  ? 6.322   -0.593  -10.374 1.00 28.28 ? 115 HOH B O   1 
HETATM 957 O O   . HOH J 3 .  ? -19.894 -0.175  -13.407 1.00 45.37 ? 101 HOH C O   1 
HETATM 958 O O   . HOH J 3 .  ? -22.195 22.947  9.517   1.00 41.21 ? 102 HOH C O   1 
HETATM 959 O O   . HOH J 3 .  ? -18.005 6.709   -7.252  1.00 34.75 ? 103 HOH C O   1 
HETATM 960 O O   . HOH J 3 .  ? -5.372  6.840   17.264  1.00 33.20 ? 104 HOH C O   1 
HETATM 961 O O   . HOH J 3 .  ? -11.379 21.592  17.351  1.00 41.98 ? 105 HOH C O   1 
HETATM 962 O O   . HOH J 3 .  ? -7.867  14.530  17.420  1.00 29.80 ? 106 HOH C O   1 
HETATM 963 O O   . HOH J 3 .  ? -17.522 12.675  13.493  1.00 46.29 ? 107 HOH C O   1 
HETATM 964 O O   . HOH J 3 .  ? -23.965 2.507   6.686   1.00 27.84 ? 108 HOH C O   1 
HETATM 965 O O   . HOH J 3 .  ? -12.962 4.975   -3.593  1.00 43.33 ? 109 HOH C O   1 
HETATM 966 O O   . HOH J 3 .  ? -16.777 21.647  9.140   1.00 43.38 ? 110 HOH C O   1 
HETATM 967 O O   . HOH J 3 .  ? -13.695 6.122   4.124   1.00 40.56 ? 111 HOH C O   1 
HETATM 968 O O   . HOH J 3 .  ? -12.597 9.518   15.764  1.00 33.67 ? 112 HOH C O   1 
HETATM 969 O O   . HOH J 3 .  ? -17.966 19.518  15.840  1.00 39.56 ? 113 HOH C O   1 
HETATM 970 O O   . HOH J 3 .  ? -15.421 -0.074  9.515   1.00 36.80 ? 114 HOH C O   1 
HETATM 971 O O   . HOH K 3 .  ? 12.683  -5.391  -17.252 1.00 46.93 ? 201 HOH D O   1 
HETATM 972 O O   . HOH K 3 .  ? 21.101  -10.941 -15.876 1.00 34.75 ? 202 HOH D O   1 
HETATM 973 O O   . HOH K 3 .  ? 15.311  -5.195  -16.722 1.00 42.63 ? 203 HOH D O   1 
HETATM 974 O O   . HOH K 3 .  ? 11.626  -14.135 -12.923 1.00 39.96 ? 204 HOH D O   1 
HETATM 975 O O   . HOH K 3 .  ? 15.031  -20.329 -14.927 1.00 46.19 ? 205 HOH D O   1 
HETATM 976 O O   . HOH K 3 .  ? 6.191   -2.512  -8.688  1.00 32.69 ? 206 HOH D O   1 
HETATM 977 O O   . HOH K 3 .  ? 0.028   -9.132  -7.481  1.00 45.54 ? 207 HOH D O   1 
HETATM 978 O O   . HOH K 3 .  ? 24.093  -5.675  -19.032 1.00 34.94 ? 208 HOH D O   1 
HETATM 979 O O   . HOH K 3 .  ? 21.635  -19.087 -15.794 1.00 54.65 ? 209 HOH D O   1 
HETATM 980 O O   . HOH K 3 .  ? 17.462  -3.686  -17.563 1.00 52.36 ? 210 HOH D O   1 
# 
